data_7DTE
#
_entry.id   7DTE
#
_cell.length_a   1.00
_cell.length_b   1.00
_cell.length_c   1.00
_cell.angle_alpha   90.00
_cell.angle_beta   90.00
_cell.angle_gamma   90.00
#
_symmetry.space_group_name_H-M   'P 1'
#
loop_
_entity.id
_entity.type
_entity.pdbx_description
1 polymer 'RNA-directed RNA polymerase'
2 polymer 'Non-structural protein 8'
3 polymer 'Non-structural protein 7'
4 polymer 'RNA (57-MER)'
5 polymer 'RNA (33-MER)'
6 non-polymer 'ZINC ION'
#
loop_
_entity_poly.entity_id
_entity_poly.type
_entity_poly.pdbx_seq_one_letter_code
_entity_poly.pdbx_strand_id
1 'polypeptide(L)'
;MGSADAQSFLNRVCGVSAARLTPCGTGTSTDVVYRAFDIYNDKVAGFAKFLKTNCCRFQEKDEDDNLIDSYFVVKRHTFS
NYQHEETIYNLLKDCPAVAKHDFFKFRIDGDMVPHISRQRLTKYTMADLVYALRHFDEGNCDTLKEILVTYNCCDDDYFN
KKDWYDFVENPDILRVYANLGERVRQALLKTVQFCDAMRNAGIVGVLTLDNQDLNGNWYDFGDFIQTTPGSGVPVVDSYY
SLLMPILTLTRALTAESHVDTDLTKPYIKWDLLKYDFTEERLKLFDRYFKYWDQTYHPNCVNCLDDRCILHCANFNVLFS
TVFPPTSFGPLVRKIFVDGVPFVVSTGYHFRELGVVHNQDVNLHSSRLSFKELLVYAADPAMHAASGNLLLDKRTTCFSV
AALTNNVAFQTVKPGNFNKDFYDFAVSKGFFKEGSSVELKHFFFAQDGNAAISDYDYYRYNLPTMCDIRQLLFVVEVVDK
YFDCYDGGCINANQVIVNNLDKSAGFPFNKWGKARLYYDSMSYEDQDALFAYTKRNVIPTITQMNLKYAISAKNRARTVA
GVSICSTMTNRQFHQKLLKSIAATRGATVVIGTSKFYGGWHNMLKTVYSDVENPHLMGWDYPKCDRAMPNMLRIMASLVL
ARKHTTCCSLSHRFYRLANECAQVLSEMVMCGGSLYVKPGGTSSGDATTAYANSVFNICQAVTANVNALLSTDGNKIADK
YVRNLQHRLYECLYRNRDVDTDFVNEFYAYLRKHFSMMILSDDAVVCFNSTYASQGLVASIKNFKSVLYYQNNVFMSEAK
CWTETDLTKGPHEFCSQHTMLVKQGDDYVYLPYPDPSRILGAGCFVDDIVKTDGTLMIERFVSLAIDAYPLTKHPNQEYA
DVFHLYLQYIRKLHDELTGHMLDMYSVMLTNDNTSRYWEPEFYEAMYTPHTVLQHHHHHHHHHH
;
A
2 'polypeptide(L)'
;GPAIASEFSSLPSYAAFATAQEAYEQAVANGDSEVVLKKLKKSLNVAKSEFDRDAAMQRKLEKMADQAMTQMYKQARSED
KRAKVTSAMQTMLFTMLRKLDNDALNNIINNARDGCVPLNIIPLTTAAKLMVVIPDYNTYKNTCDGTTFTYASALWEIQQ
VVDADSKIVQLSEISMDNSPNLAWPLIVTALRANSAVKLQ
;
B,D
3 'polypeptide(L)'
;GPSKMSDVKCTSVVLLSVLQQLRVESSSKLWAQCVQLHNDILLAKDTTEAFEKMVSLLSVLLSMQGAVDINKLCEEMLDN
RATLQ
;
C
4 'polyribonucleotide' GGGAGAUGAAAGUCUCCACCUCCUGUGUCGUCGAACAUCGUCGAACAUCGUCGAACA F
5 'polyribonucleotide' UGUUCGACGAUGUUCGACGAUGUUCGACGACACA G
#
loop_
_chem_comp.id
_chem_comp.type
_chem_comp.name
_chem_comp.formula
A RNA linking ADENOSINE-5'-MONOPHOSPHATE 'C10 H14 N5 O7 P'
C RNA linking CYTIDINE-5'-MONOPHOSPHATE 'C9 H14 N3 O8 P'
G RNA linking GUANOSINE-5'-MONOPHOSPHATE 'C10 H14 N5 O8 P'
U RNA linking URIDINE-5'-MONOPHOSPHATE 'C9 H13 N2 O9 P'
ZN non-polymer 'ZINC ION' 'Zn 2'
#
# COMPACT_ATOMS: atom_id res chain seq x y z
N ALA A 4 1.24 67.43 -15.72
CA ALA A 4 -0.19 67.65 -15.93
C ALA A 4 -1.00 67.19 -14.72
N ASP A 5 -2.26 66.82 -14.97
CA ASP A 5 -3.11 66.35 -13.88
C ASP A 5 -2.55 65.05 -13.29
N ALA A 6 -2.12 64.13 -14.14
CA ALA A 6 -1.55 62.89 -13.65
C ALA A 6 -0.27 63.14 -12.86
N GLN A 7 0.56 64.08 -13.31
CA GLN A 7 1.78 64.39 -12.58
C GLN A 7 1.48 65.02 -11.23
N SER A 8 0.47 65.90 -11.16
CA SER A 8 0.08 66.46 -9.87
C SER A 8 -0.46 65.39 -8.94
N PHE A 9 -1.28 64.48 -9.47
CA PHE A 9 -1.77 63.37 -8.67
C PHE A 9 -0.61 62.53 -8.14
N LEU A 10 0.40 62.29 -8.98
CA LEU A 10 1.54 61.49 -8.55
C LEU A 10 2.31 62.18 -7.43
N ASN A 11 2.58 63.48 -7.59
CA ASN A 11 3.27 64.22 -6.55
C ASN A 11 2.46 64.27 -5.26
N ARG A 12 1.14 64.26 -5.36
CA ARG A 12 0.31 64.22 -4.16
C ARG A 12 0.35 62.84 -3.51
N VAL A 13 0.42 61.79 -4.32
CA VAL A 13 0.47 60.43 -3.77
C VAL A 13 1.79 60.20 -3.06
N CYS A 14 2.90 60.70 -3.59
CA CYS A 14 4.16 60.65 -2.87
C CYS A 14 4.06 61.36 -1.53
N GLY A 15 3.74 62.65 -1.57
CA GLY A 15 3.40 63.42 -0.38
C GLY A 15 4.57 63.94 0.42
N VAL A 16 5.15 63.08 1.26
CA VAL A 16 6.28 63.49 2.10
C VAL A 16 7.45 62.55 1.88
N SER A 17 7.18 61.24 1.81
CA SER A 17 8.23 60.25 1.71
C SER A 17 9.07 60.45 0.45
N ALA A 18 10.31 59.96 0.49
CA ALA A 18 11.19 60.00 -0.67
C ALA A 18 10.86 58.82 -1.57
N ALA A 19 9.62 58.82 -2.06
CA ALA A 19 9.09 57.75 -2.90
C ALA A 19 9.19 58.16 -4.35
N ARG A 20 9.99 57.42 -5.12
CA ARG A 20 10.11 57.63 -6.56
C ARG A 20 9.10 56.71 -7.22
N LEU A 21 7.94 57.26 -7.57
CA LEU A 21 6.83 56.46 -8.05
C LEU A 21 6.73 56.53 -9.57
N THR A 22 6.36 55.40 -10.17
CA THR A 22 6.04 55.36 -11.58
C THR A 22 4.62 54.85 -11.78
N PRO A 23 3.85 55.47 -12.67
CA PRO A 23 2.41 55.17 -12.73
C PRO A 23 2.10 53.83 -13.37
N CYS A 24 2.20 52.76 -12.58
CA CYS A 24 1.81 51.42 -13.05
C CYS A 24 0.35 51.42 -13.47
N GLY A 25 0.09 51.24 -14.76
CA GLY A 25 -1.24 51.41 -15.29
C GLY A 25 -1.41 52.80 -15.87
N THR A 26 -2.18 53.65 -15.19
CA THR A 26 -2.39 55.03 -15.61
C THR A 26 -2.87 55.84 -14.42
N GLY A 27 -3.26 57.09 -14.69
CA GLY A 27 -3.72 58.00 -13.66
C GLY A 27 -5.14 57.79 -13.18
N THR A 28 -5.76 56.69 -13.58
CA THR A 28 -7.09 56.31 -13.10
C THR A 28 -7.03 54.87 -12.60
N SER A 29 -8.20 54.29 -12.33
CA SER A 29 -8.29 52.93 -11.83
C SER A 29 -7.52 51.97 -12.74
N THR A 30 -6.91 50.95 -12.13
CA THR A 30 -6.06 50.03 -12.87
C THR A 30 -6.72 48.68 -13.15
N ASP A 31 -7.63 48.22 -12.29
CA ASP A 31 -8.38 46.98 -12.49
C ASP A 31 -7.43 45.78 -12.63
N VAL A 32 -6.76 45.48 -11.50
CA VAL A 32 -5.83 44.36 -11.47
C VAL A 32 -6.56 43.07 -11.81
N VAL A 33 -5.85 42.17 -12.48
CA VAL A 33 -6.47 40.98 -13.07
C VAL A 33 -6.55 39.88 -12.03
N TYR A 34 -7.74 39.64 -11.49
CA TYR A 34 -8.08 38.40 -10.80
C TYR A 34 -7.16 38.14 -9.61
N ARG A 35 -7.33 38.98 -8.59
CA ARG A 35 -6.79 38.68 -7.28
C ARG A 35 -7.74 37.76 -6.53
N ALA A 36 -7.20 36.95 -5.62
CA ALA A 36 -7.98 36.01 -4.85
C ALA A 36 -8.49 36.66 -3.58
N PHE A 37 -9.80 36.62 -3.38
CA PHE A 37 -10.46 37.23 -2.24
C PHE A 37 -11.14 36.17 -1.39
N ASP A 38 -11.37 36.53 -0.13
CA ASP A 38 -12.04 35.66 0.84
C ASP A 38 -13.20 36.48 1.41
N ILE A 39 -14.34 36.43 0.74
CA ILE A 39 -15.45 37.33 1.05
C ILE A 39 -16.60 36.54 1.63
N TYR A 40 -17.42 37.23 2.44
CA TYR A 40 -18.63 36.66 2.98
C TYR A 40 -19.56 37.82 3.34
N ASN A 41 -20.53 38.08 2.46
CA ASN A 41 -21.59 39.02 2.79
C ASN A 41 -22.93 38.35 2.50
N ASP A 42 -24.02 39.12 2.56
CA ASP A 42 -25.34 38.52 2.41
C ASP A 42 -25.61 37.98 1.01
N LYS A 43 -24.77 38.31 0.03
CA LYS A 43 -24.96 37.85 -1.34
C LYS A 43 -23.99 36.76 -1.74
N VAL A 44 -22.69 36.98 -1.57
CA VAL A 44 -21.67 36.06 -2.01
C VAL A 44 -20.97 35.48 -0.79
N ALA A 45 -20.35 34.32 -0.96
CA ALA A 45 -19.52 33.74 0.07
C ALA A 45 -18.60 32.73 -0.59
N GLY A 46 -17.31 32.82 -0.30
CA GLY A 46 -16.37 31.86 -0.83
C GLY A 46 -14.96 32.42 -0.83
N PHE A 47 -14.03 31.55 -1.22
CA PHE A 47 -12.61 31.87 -1.37
C PHE A 47 -12.30 31.71 -2.84
N ALA A 48 -12.56 32.76 -3.63
CA ALA A 48 -12.51 32.67 -5.07
C ALA A 48 -11.62 33.77 -5.62
N LYS A 49 -11.54 33.85 -6.94
CA LYS A 49 -10.77 34.86 -7.65
C LYS A 49 -11.75 35.84 -8.29
N PHE A 50 -11.80 37.04 -7.75
CA PHE A 50 -12.68 38.09 -8.25
C PHE A 50 -11.86 39.13 -9.00
N LEU A 51 -12.53 40.18 -9.46
CA LEU A 51 -11.92 41.20 -10.30
C LEU A 51 -11.84 42.50 -9.52
N LYS A 52 -10.68 42.78 -8.93
CA LYS A 52 -10.48 44.02 -8.21
C LYS A 52 -10.37 45.18 -9.18
N THR A 53 -11.15 46.24 -8.96
CA THR A 53 -11.25 47.30 -9.95
C THR A 53 -11.30 48.71 -9.37
N ASN A 54 -11.14 48.90 -8.06
CA ASN A 54 -11.28 50.22 -7.48
C ASN A 54 -9.98 50.70 -6.84
N CYS A 55 -8.86 50.52 -7.53
CA CYS A 55 -7.57 50.98 -7.05
C CYS A 55 -6.78 51.57 -8.20
N CYS A 56 -5.76 52.35 -7.86
CA CYS A 56 -4.88 53.00 -8.83
C CYS A 56 -3.46 52.90 -8.29
N ARG A 57 -2.73 51.88 -8.73
CA ARG A 57 -1.45 51.53 -8.14
C ARG A 57 -0.30 52.28 -8.78
N PHE A 58 0.70 52.57 -7.96
CA PHE A 58 1.95 53.18 -8.40
C PHE A 58 3.11 52.40 -7.82
N GLN A 59 4.01 51.92 -8.68
CA GLN A 59 5.15 51.14 -8.23
C GLN A 59 6.32 52.06 -7.93
N GLU A 60 7.01 51.77 -6.83
CA GLU A 60 8.12 52.59 -6.38
C GLU A 60 9.44 52.04 -6.89
N LYS A 61 10.34 52.93 -7.27
CA LYS A 61 11.68 52.58 -7.71
C LYS A 61 12.69 53.22 -6.78
N ASP A 62 13.79 52.52 -6.52
CA ASP A 62 14.87 53.06 -5.72
C ASP A 62 15.89 53.74 -6.63
N GLU A 63 17.06 54.07 -6.08
CA GLU A 63 18.14 54.62 -6.90
C GLU A 63 18.49 53.66 -8.03
N ASP A 64 19.13 54.20 -9.07
CA ASP A 64 19.36 53.58 -10.37
C ASP A 64 18.08 53.41 -11.18
N ASP A 65 16.93 53.77 -10.62
CA ASP A 65 15.65 53.77 -11.34
C ASP A 65 15.30 52.39 -11.87
N ASN A 66 15.50 51.37 -11.03
CA ASN A 66 14.99 50.04 -11.30
C ASN A 66 13.91 49.70 -10.28
N LEU A 67 12.87 49.00 -10.74
CA LEU A 67 11.67 48.84 -9.94
C LEU A 67 11.88 47.81 -8.83
N ILE A 68 11.26 48.08 -7.67
CA ILE A 68 11.30 47.15 -6.54
C ILE A 68 9.88 46.77 -6.16
N ASP A 69 9.76 45.96 -5.11
CA ASP A 69 8.48 45.36 -4.73
C ASP A 69 7.80 46.18 -3.63
N SER A 70 7.27 47.33 -4.04
CA SER A 70 6.56 48.20 -3.12
C SER A 70 5.65 49.11 -3.93
N TYR A 71 4.36 49.08 -3.63
CA TYR A 71 3.35 49.79 -4.39
C TYR A 71 2.59 50.75 -3.49
N PHE A 72 2.08 51.82 -4.08
CA PHE A 72 1.28 52.81 -3.37
C PHE A 72 -0.15 52.72 -3.92
N VAL A 73 -0.93 51.82 -3.35
CA VAL A 73 -2.29 51.59 -3.81
C VAL A 73 -3.17 52.74 -3.34
N VAL A 74 -3.88 53.38 -4.26
CA VAL A 74 -4.71 54.54 -3.97
C VAL A 74 -6.15 54.20 -4.31
N LYS A 75 -7.03 54.25 -3.32
CA LYS A 75 -8.45 54.00 -3.51
C LYS A 75 -9.19 55.32 -3.74
N ARG A 76 -10.46 55.20 -4.11
CA ARG A 76 -11.28 56.36 -4.42
C ARG A 76 -12.68 56.22 -3.84
N HIS A 77 -12.76 55.78 -2.59
CA HIS A 77 -14.07 55.43 -2.05
C HIS A 77 -14.79 56.68 -1.52
N THR A 78 -16.02 56.48 -1.06
CA THR A 78 -16.92 57.58 -0.73
C THR A 78 -16.47 58.27 0.56
N PHE A 79 -17.25 59.26 0.98
CA PHE A 79 -16.86 60.09 2.12
C PHE A 79 -17.11 59.38 3.45
N SER A 80 -18.25 58.69 3.57
CA SER A 80 -18.57 58.01 4.82
C SER A 80 -17.52 56.97 5.16
N ASN A 81 -17.19 56.11 4.18
CA ASN A 81 -16.15 55.12 4.40
C ASN A 81 -14.80 55.77 4.61
N TYR A 82 -14.56 56.92 3.98
CA TYR A 82 -13.31 57.63 4.18
C TYR A 82 -13.15 58.05 5.63
N GLN A 83 -14.15 58.73 6.18
CA GLN A 83 -14.07 59.15 7.57
C GLN A 83 -14.03 57.97 8.52
N HIS A 84 -14.77 56.89 8.20
CA HIS A 84 -14.77 55.73 9.09
C HIS A 84 -13.40 55.08 9.14
N GLU A 85 -12.77 54.88 7.97
CA GLU A 85 -11.45 54.27 7.97
C GLU A 85 -10.42 55.18 8.61
N GLU A 86 -10.56 56.50 8.45
CA GLU A 86 -9.65 57.40 9.13
C GLU A 86 -9.78 57.28 10.65
N THR A 87 -11.01 57.20 11.15
CA THR A 87 -11.22 57.06 12.58
C THR A 87 -10.68 55.73 13.10
N ILE A 88 -10.93 54.64 12.37
CA ILE A 88 -10.43 53.34 12.81
C ILE A 88 -8.92 53.23 12.67
N TYR A 89 -8.31 53.99 11.76
CA TYR A 89 -6.86 53.94 11.61
C TYR A 89 -6.16 54.81 12.63
N ASN A 90 -6.78 55.90 13.06
CA ASN A 90 -6.14 56.74 14.07
C ASN A 90 -5.94 56.01 15.40
N LEU A 91 -6.55 54.84 15.58
CA LEU A 91 -6.35 54.05 16.78
C LEU A 91 -5.27 53.00 16.59
N LEU A 92 -5.31 52.27 15.47
CA LEU A 92 -4.35 51.22 15.17
C LEU A 92 -3.08 51.74 14.54
N LYS A 93 -2.95 53.06 14.37
CA LYS A 93 -1.77 53.64 13.76
C LYS A 93 -0.49 53.30 14.51
N ASP A 94 -0.56 53.19 15.83
CA ASP A 94 0.63 52.95 16.62
C ASP A 94 1.18 51.53 16.46
N CYS A 95 0.36 50.61 15.95
CA CYS A 95 0.82 49.25 15.75
C CYS A 95 1.85 49.19 14.63
N PRO A 96 2.93 48.42 14.81
CA PRO A 96 3.89 48.25 13.71
C PRO A 96 3.45 47.29 12.63
N ALA A 97 2.42 46.49 12.86
CA ALA A 97 1.87 45.61 11.83
C ALA A 97 0.72 46.26 11.08
N VAL A 98 0.90 47.50 10.64
CA VAL A 98 -0.14 48.25 9.94
C VAL A 98 0.53 49.17 8.93
N ALA A 99 0.17 49.04 7.66
CA ALA A 99 0.76 49.88 6.64
C ALA A 99 0.27 51.32 6.78
N LYS A 100 1.11 52.26 6.36
CA LYS A 100 0.74 53.67 6.40
C LYS A 100 -0.48 53.90 5.53
N HIS A 101 -1.19 55.01 5.78
CA HIS A 101 -2.39 55.15 4.95
C HIS A 101 -2.51 56.51 4.27
N ASP A 102 -2.15 57.60 4.93
CA ASP A 102 -2.06 58.92 4.30
C ASP A 102 -3.35 59.28 3.55
N PHE A 103 -4.40 59.50 4.32
CA PHE A 103 -5.67 59.95 3.75
C PHE A 103 -5.54 61.38 3.23
N PHE A 104 -6.13 61.64 2.07
CA PHE A 104 -6.09 62.98 1.50
C PHE A 104 -7.29 63.17 0.57
N LYS A 105 -7.47 64.40 0.13
CA LYS A 105 -8.53 64.78 -0.79
C LYS A 105 -7.91 65.40 -2.04
N PHE A 106 -8.44 65.06 -3.20
CA PHE A 106 -7.88 65.54 -4.47
C PHE A 106 -9.02 65.87 -5.42
N ARG A 107 -8.91 67.02 -6.08
CA ARG A 107 -9.91 67.46 -7.06
C ARG A 107 -9.72 66.64 -8.33
N ILE A 108 -10.51 65.58 -8.49
CA ILE A 108 -10.42 64.74 -9.68
C ILE A 108 -11.13 65.41 -10.85
N ASP A 109 -12.42 65.68 -10.70
CA ASP A 109 -13.21 66.31 -11.75
C ASP A 109 -13.62 67.72 -11.41
N GLY A 110 -13.39 68.18 -10.18
CA GLY A 110 -13.78 69.51 -9.78
C GLY A 110 -14.25 69.60 -8.35
N ASP A 111 -14.62 68.46 -7.75
CA ASP A 111 -15.21 68.45 -6.42
C ASP A 111 -14.57 67.37 -5.54
N MET A 112 -13.44 67.71 -4.92
CA MET A 112 -12.95 67.10 -3.69
C MET A 112 -13.24 65.62 -3.53
N VAL A 113 -12.75 64.78 -4.43
CA VAL A 113 -12.89 63.33 -4.25
C VAL A 113 -11.94 62.89 -3.14
N PRO A 114 -12.41 62.12 -2.16
CA PRO A 114 -11.52 61.65 -1.09
C PRO A 114 -10.80 60.34 -1.43
N HIS A 115 -9.50 60.29 -1.19
CA HIS A 115 -8.68 59.13 -1.52
C HIS A 115 -8.05 58.55 -0.26
N ILE A 116 -7.67 57.29 -0.35
CA ILE A 116 -6.95 56.59 0.71
C ILE A 116 -5.80 55.85 0.06
N SER A 117 -4.57 56.16 0.48
CA SER A 117 -3.37 55.71 -0.23
C SER A 117 -2.48 54.88 0.68
N ARG A 118 -2.75 53.59 0.79
CA ARG A 118 -1.88 52.72 1.56
C ARG A 118 -0.52 52.60 0.88
N GLN A 119 0.53 52.60 1.68
CA GLN A 119 1.88 52.86 1.19
C GLN A 119 2.77 51.62 1.28
N ARG A 120 3.49 51.34 0.19
CA ARG A 120 4.56 50.35 0.17
C ARG A 120 4.05 48.95 0.52
N LEU A 121 3.14 48.46 -0.32
CA LEU A 121 2.55 47.13 -0.18
C LEU A 121 2.95 46.24 -1.37
N THR A 122 3.25 44.97 -1.08
CA THR A 122 3.69 44.00 -2.10
C THR A 122 2.64 43.68 -3.16
N LYS A 123 3.10 43.40 -4.38
CA LYS A 123 2.22 43.10 -5.50
C LYS A 123 1.08 42.18 -5.09
N TYR A 124 1.39 41.12 -4.33
CA TYR A 124 0.40 40.12 -3.95
C TYR A 124 0.18 40.13 -2.44
N THR A 125 -0.95 39.56 -2.02
CA THR A 125 -1.34 39.45 -0.64
C THR A 125 -1.10 38.02 -0.15
N MET A 126 -1.52 37.74 1.08
CA MET A 126 -1.41 36.38 1.58
C MET A 126 -2.49 35.48 1.01
N ALA A 127 -3.66 36.05 0.70
CA ALA A 127 -4.70 35.27 0.06
C ALA A 127 -4.25 34.78 -1.31
N ASP A 128 -3.43 35.57 -2.01
CA ASP A 128 -2.95 35.15 -3.31
C ASP A 128 -1.99 33.97 -3.18
N LEU A 129 -1.09 34.01 -2.20
CA LEU A 129 -0.21 32.88 -1.95
C LEU A 129 -1.00 31.64 -1.57
N VAL A 130 -1.98 31.79 -0.68
CA VAL A 130 -2.76 30.63 -0.23
C VAL A 130 -3.58 30.06 -1.37
N TYR A 131 -4.17 30.90 -2.21
CA TYR A 131 -4.95 30.39 -3.34
C TYR A 131 -4.04 29.75 -4.38
N ALA A 132 -2.84 30.31 -4.59
CA ALA A 132 -1.92 29.74 -5.56
C ALA A 132 -1.46 28.36 -5.12
N LEU A 133 -1.24 28.16 -3.82
CA LEU A 133 -0.76 26.89 -3.34
C LEU A 133 -1.87 25.88 -3.08
N ARG A 134 -3.10 26.33 -2.88
CA ARG A 134 -4.19 25.41 -2.60
C ARG A 134 -4.95 25.00 -3.85
N HIS A 135 -5.21 25.95 -4.77
CA HIS A 135 -5.84 25.64 -6.04
C HIS A 135 -4.77 25.62 -7.13
N PHE A 136 -3.99 24.54 -7.15
CA PHE A 136 -2.82 24.46 -8.02
C PHE A 136 -3.18 23.87 -9.38
N ASP A 137 -2.78 24.56 -10.44
CA ASP A 137 -2.95 24.10 -11.81
C ASP A 137 -1.59 24.18 -12.48
N GLU A 138 -1.04 23.04 -12.88
CA GLU A 138 0.34 22.96 -13.35
C GLU A 138 0.58 23.74 -14.64
N GLY A 139 -0.47 24.12 -15.36
CA GLY A 139 -0.32 24.93 -16.57
C GLY A 139 -0.88 26.33 -16.47
N ASN A 140 -1.24 26.79 -15.28
CA ASN A 140 -1.82 28.11 -15.10
C ASN A 140 -1.29 28.78 -13.83
N CYS A 141 -0.09 28.42 -13.41
CA CYS A 141 0.47 28.90 -12.15
C CYS A 141 1.47 30.03 -12.40
N ASP A 142 0.96 31.16 -12.86
CA ASP A 142 1.84 32.30 -13.08
C ASP A 142 2.07 33.09 -11.80
N THR A 143 1.03 33.21 -10.96
CA THR A 143 1.18 33.92 -9.70
C THR A 143 2.16 33.20 -8.77
N LEU A 144 2.09 31.87 -8.72
CA LEU A 144 3.01 31.13 -7.87
C LEU A 144 4.44 31.28 -8.35
N LYS A 145 4.66 31.23 -9.66
CA LYS A 145 6.01 31.45 -10.19
C LYS A 145 6.51 32.83 -9.84
N GLU A 146 5.66 33.85 -9.98
CA GLU A 146 6.09 35.21 -9.69
C GLU A 146 6.40 35.40 -8.20
N ILE A 147 5.63 34.76 -7.33
CA ILE A 147 5.88 34.86 -5.90
C ILE A 147 7.18 34.13 -5.54
N LEU A 148 7.40 32.96 -6.14
CA LEU A 148 8.64 32.24 -5.86
C LEU A 148 9.86 33.01 -6.35
N VAL A 149 9.74 33.72 -7.47
CA VAL A 149 10.89 34.44 -8.00
C VAL A 149 11.13 35.73 -7.24
N THR A 150 10.07 36.46 -6.89
CA THR A 150 10.23 37.79 -6.29
C THR A 150 10.91 37.73 -4.94
N TYR A 151 10.78 36.62 -4.22
CA TYR A 151 11.33 36.51 -2.87
C TYR A 151 12.55 35.60 -2.81
N ASN A 152 13.20 35.37 -3.95
CA ASN A 152 14.48 34.65 -4.00
C ASN A 152 14.35 33.23 -3.47
N CYS A 153 13.22 32.58 -3.77
CA CYS A 153 13.14 31.15 -3.52
C CYS A 153 13.80 30.36 -4.63
N CYS A 154 13.68 30.83 -5.87
CA CYS A 154 14.31 30.21 -7.02
C CYS A 154 14.39 31.26 -8.12
N ASP A 155 14.62 30.82 -9.36
CA ASP A 155 14.67 31.71 -10.50
C ASP A 155 14.18 30.97 -11.74
N ASP A 156 13.77 31.74 -12.75
CA ASP A 156 13.02 31.18 -13.88
C ASP A 156 13.68 29.96 -14.49
N ASP A 157 15.01 29.87 -14.41
CA ASP A 157 15.69 28.66 -14.86
C ASP A 157 15.24 27.43 -14.11
N TYR A 158 14.67 27.61 -12.91
CA TYR A 158 14.11 26.47 -12.19
C TYR A 158 12.82 25.99 -12.86
N PHE A 159 11.95 26.91 -13.23
CA PHE A 159 10.72 26.54 -13.92
C PHE A 159 10.98 26.07 -15.34
N ASN A 160 12.17 26.32 -15.88
CA ASN A 160 12.48 25.81 -17.21
C ASN A 160 12.51 24.27 -17.24
N LYS A 161 12.85 23.63 -16.13
CA LYS A 161 12.95 22.18 -16.14
C LYS A 161 11.56 21.55 -16.15
N LYS A 162 11.53 20.24 -16.27
CA LYS A 162 10.29 19.48 -16.32
C LYS A 162 9.96 18.94 -14.94
N ASP A 163 8.67 18.92 -14.60
CA ASP A 163 8.19 18.38 -13.33
C ASP A 163 8.81 19.13 -12.15
N TRP A 164 8.95 20.45 -12.29
CA TRP A 164 9.46 21.24 -11.18
C TRP A 164 8.46 21.28 -10.02
N TYR A 165 7.18 21.10 -10.32
CA TYR A 165 6.13 21.15 -9.32
C TYR A 165 5.89 19.81 -8.63
N ASP A 166 6.33 18.72 -9.25
CA ASP A 166 6.02 17.39 -8.75
C ASP A 166 6.71 17.15 -7.42
N PHE A 167 6.05 16.40 -6.54
CA PHE A 167 6.62 16.10 -5.24
C PHE A 167 7.39 14.79 -5.24
N VAL A 168 7.00 13.85 -6.10
CA VAL A 168 7.73 12.59 -6.21
C VAL A 168 8.96 12.77 -7.09
N GLU A 169 8.76 13.16 -8.34
CA GLU A 169 9.87 13.61 -9.18
C GLU A 169 10.23 15.04 -8.79
N ASN A 170 11.51 15.30 -8.68
CA ASN A 170 12.01 16.59 -8.21
C ASN A 170 11.48 16.91 -6.81
N PRO A 171 11.97 16.23 -5.77
CA PRO A 171 11.61 16.60 -4.40
C PRO A 171 12.41 17.77 -3.84
N ASP A 172 13.10 18.53 -4.69
CA ASP A 172 13.73 19.78 -4.28
C ASP A 172 12.74 20.94 -4.22
N ILE A 173 11.55 20.76 -4.78
CA ILE A 173 10.52 21.77 -4.63
C ILE A 173 10.14 21.94 -3.17
N LEU A 174 10.43 20.94 -2.34
CA LEU A 174 10.23 21.10 -0.90
C LEU A 174 11.14 22.18 -0.34
N ARG A 175 12.40 22.20 -0.76
CA ARG A 175 13.31 23.26 -0.33
C ARG A 175 12.92 24.59 -0.95
N VAL A 176 12.53 24.57 -2.22
CA VAL A 176 12.11 25.81 -2.89
C VAL A 176 10.91 26.43 -2.18
N TYR A 177 9.99 25.60 -1.70
CA TYR A 177 8.85 26.12 -0.93
C TYR A 177 9.28 26.57 0.45
N ALA A 178 10.03 25.73 1.17
CA ALA A 178 10.49 26.07 2.50
C ALA A 178 11.27 27.37 2.54
N ASN A 179 11.70 27.87 1.39
CA ASN A 179 12.28 29.21 1.34
C ASN A 179 11.26 30.32 1.61
N LEU A 180 9.98 30.02 1.79
CA LEU A 180 8.98 31.02 2.17
C LEU A 180 8.60 30.92 3.64
N GLY A 181 9.27 30.06 4.40
CA GLY A 181 8.83 29.79 5.75
C GLY A 181 8.98 30.98 6.68
N GLU A 182 10.12 31.65 6.62
CA GLU A 182 10.31 32.79 7.51
C GLU A 182 9.40 33.94 7.15
N ARG A 183 9.09 34.11 5.87
CA ARG A 183 8.14 35.13 5.47
C ARG A 183 6.75 34.84 6.02
N VAL A 184 6.30 33.59 5.91
CA VAL A 184 4.99 33.22 6.46
C VAL A 184 4.99 33.37 7.98
N ARG A 185 6.10 33.04 8.63
CA ARG A 185 6.15 33.10 10.08
C ARG A 185 6.14 34.54 10.57
N GLN A 186 6.84 35.44 9.88
CA GLN A 186 6.73 36.85 10.22
C GLN A 186 5.33 37.38 9.97
N ALA A 187 4.64 36.85 8.96
CA ALA A 187 3.24 37.23 8.76
C ALA A 187 2.39 36.80 9.94
N LEU A 188 2.64 35.60 10.48
CA LEU A 188 1.89 35.14 11.64
C LEU A 188 2.15 36.01 12.87
N LEU A 189 3.40 36.39 13.08
CA LEU A 189 3.72 37.26 14.21
C LEU A 189 3.08 38.63 14.07
N LYS A 190 3.07 39.18 12.85
CA LYS A 190 2.39 40.45 12.63
C LYS A 190 0.89 40.33 12.81
N THR A 191 0.31 39.18 12.48
CA THR A 191 -1.11 38.97 12.74
C THR A 191 -1.40 39.00 14.24
N VAL A 192 -0.55 38.36 15.04
CA VAL A 192 -0.77 38.39 16.48
C VAL A 192 -0.63 39.80 17.02
N GLN A 193 0.34 40.56 16.51
CA GLN A 193 0.47 41.96 16.92
C GLN A 193 -0.78 42.76 16.58
N PHE A 194 -1.31 42.56 15.38
CA PHE A 194 -2.51 43.29 14.97
C PHE A 194 -3.71 42.90 15.83
N CYS A 195 -3.83 41.62 16.18
CA CYS A 195 -4.91 41.20 17.05
C CYS A 195 -4.80 41.85 18.43
N ASP A 196 -3.58 41.95 18.96
CA ASP A 196 -3.40 42.62 20.25
C ASP A 196 -3.76 44.09 20.16
N ALA A 197 -3.37 44.76 19.07
CA ALA A 197 -3.71 46.17 18.91
C ALA A 197 -5.22 46.36 18.79
N MET A 198 -5.89 45.47 18.05
CA MET A 198 -7.35 45.54 17.95
C MET A 198 -8.00 45.36 19.30
N ARG A 199 -7.52 44.40 20.09
CA ARG A 199 -8.12 44.20 21.41
C ARG A 199 -7.90 45.40 22.31
N ASN A 200 -6.69 45.97 22.30
CA ASN A 200 -6.42 47.11 23.17
C ASN A 200 -7.19 48.35 22.77
N ALA A 201 -7.36 48.59 21.48
CA ALA A 201 -8.08 49.76 21.01
C ALA A 201 -9.58 49.59 21.01
N GLY A 202 -10.08 48.39 21.32
CA GLY A 202 -11.50 48.15 21.33
C GLY A 202 -12.12 48.15 19.95
N ILE A 203 -11.56 47.36 19.04
CA ILE A 203 -12.03 47.27 17.67
C ILE A 203 -12.51 45.85 17.43
N VAL A 204 -13.66 45.72 16.76
CA VAL A 204 -14.24 44.43 16.43
C VAL A 204 -14.27 44.30 14.91
N GLY A 205 -13.73 43.21 14.39
CA GLY A 205 -13.71 43.01 12.96
C GLY A 205 -13.18 41.64 12.61
N VAL A 206 -13.47 41.25 11.37
CA VAL A 206 -13.06 39.95 10.85
C VAL A 206 -11.75 40.10 10.09
N LEU A 207 -10.75 39.32 10.47
CA LEU A 207 -9.48 39.29 9.77
C LEU A 207 -9.57 38.33 8.60
N THR A 208 -9.40 38.85 7.39
CA THR A 208 -9.37 38.03 6.20
C THR A 208 -7.95 38.03 5.63
N LEU A 209 -7.66 37.01 4.83
CA LEU A 209 -6.32 36.85 4.30
C LEU A 209 -5.98 37.93 3.28
N ASP A 210 -6.95 38.36 2.48
CA ASP A 210 -6.68 39.31 1.41
C ASP A 210 -6.40 40.70 1.89
N ASN A 211 -6.31 40.95 3.19
CA ASN A 211 -5.98 42.27 3.72
C ASN A 211 -4.62 42.28 4.39
N GLN A 212 -3.67 41.48 3.89
CA GLN A 212 -2.36 41.35 4.48
C GLN A 212 -1.34 41.15 3.39
N ASP A 213 -0.29 41.98 3.38
CA ASP A 213 0.76 41.85 2.39
C ASP A 213 1.49 40.53 2.56
N LEU A 214 2.42 40.27 1.66
CA LEU A 214 3.36 39.19 1.88
C LEU A 214 4.53 39.63 2.75
N ASN A 215 4.50 40.86 3.25
CA ASN A 215 5.39 41.31 4.32
C ASN A 215 4.79 41.05 5.68
N GLY A 216 3.48 41.27 5.82
CA GLY A 216 2.79 41.05 7.06
C GLY A 216 1.86 42.18 7.43
N ASN A 217 2.01 43.32 6.75
CA ASN A 217 1.27 44.52 7.12
C ASN A 217 -0.21 44.38 6.78
N TRP A 218 -1.05 45.00 7.59
CA TRP A 218 -2.50 44.93 7.46
C TRP A 218 -3.06 46.26 6.99
N TYR A 219 -4.26 46.21 6.43
CA TYR A 219 -4.95 47.41 5.97
C TYR A 219 -6.43 47.09 5.79
N ASP A 220 -7.16 47.99 5.16
CA ASP A 220 -8.58 47.83 4.84
C ASP A 220 -9.42 47.65 6.12
N PHE A 221 -9.47 48.71 6.90
CA PHE A 221 -10.33 48.78 8.08
C PHE A 221 -11.74 49.23 7.72
N GLY A 222 -12.36 48.56 6.76
CA GLY A 222 -13.66 48.98 6.27
C GLY A 222 -14.82 48.50 7.10
N ASP A 223 -14.83 47.22 7.44
CA ASP A 223 -15.93 46.60 8.17
C ASP A 223 -15.65 46.49 9.66
N PHE A 224 -14.78 47.35 10.20
CA PHE A 224 -14.41 47.29 11.61
C PHE A 224 -15.33 48.19 12.41
N ILE A 225 -15.72 47.73 13.59
CA ILE A 225 -16.64 48.43 14.47
C ILE A 225 -15.89 48.78 15.76
N GLN A 226 -16.07 50.02 16.21
CA GLN A 226 -15.41 50.49 17.42
C GLN A 226 -16.25 50.16 18.65
N THR A 227 -15.57 49.91 19.76
CA THR A 227 -16.22 49.50 21.01
C THR A 227 -15.41 50.10 22.16
N THR A 228 -15.67 49.67 23.38
CA THR A 228 -14.95 50.18 24.54
C THR A 228 -13.53 49.63 24.56
N PRO A 229 -12.52 50.46 24.82
CA PRO A 229 -11.13 49.99 24.72
C PRO A 229 -10.85 48.86 25.69
N GLY A 230 -10.05 47.91 25.23
CA GLY A 230 -9.71 46.75 26.01
C GLY A 230 -10.61 45.55 25.79
N SER A 231 -11.76 45.75 25.16
CA SER A 231 -12.75 44.70 24.98
C SER A 231 -13.02 44.42 23.50
N GLY A 232 -12.06 44.71 22.63
CA GLY A 232 -12.19 44.34 21.25
C GLY A 232 -12.04 42.84 21.07
N VAL A 233 -12.45 42.36 19.91
CA VAL A 233 -12.40 40.92 19.65
C VAL A 233 -12.20 40.66 18.16
N PRO A 234 -11.02 40.19 17.77
CA PRO A 234 -10.81 39.79 16.37
C PRO A 234 -11.35 38.41 16.08
N VAL A 235 -11.81 38.24 14.85
CA VAL A 235 -12.36 36.98 14.36
C VAL A 235 -11.39 36.40 13.36
N VAL A 236 -10.75 35.28 13.73
CA VAL A 236 -9.62 34.75 12.97
C VAL A 236 -9.83 33.29 12.58
N ASP A 237 -11.08 32.88 12.38
CA ASP A 237 -11.34 31.48 12.03
C ASP A 237 -10.95 31.20 10.58
N SER A 238 -11.51 31.97 9.65
CA SER A 238 -11.21 31.76 8.24
C SER A 238 -9.75 32.03 7.93
N TYR A 239 -9.18 33.08 8.52
CA TYR A 239 -7.77 33.40 8.31
C TYR A 239 -6.88 32.19 8.62
N TYR A 240 -6.86 31.79 9.88
CA TYR A 240 -5.96 30.71 10.29
C TYR A 240 -6.32 29.41 9.58
N SER A 241 -7.60 29.13 9.38
CA SER A 241 -7.99 27.85 8.82
C SER A 241 -7.58 27.74 7.36
N LEU A 242 -7.82 28.78 6.56
CA LEU A 242 -7.37 28.77 5.19
C LEU A 242 -5.85 28.78 5.11
N LEU A 243 -5.18 29.33 6.12
CA LEU A 243 -3.73 29.43 6.07
C LEU A 243 -3.04 28.13 6.47
N MET A 244 -3.68 27.30 7.30
CA MET A 244 -2.97 26.18 7.91
C MET A 244 -2.31 25.20 6.95
N PRO A 245 -2.90 24.83 5.80
CA PRO A 245 -2.23 23.84 4.95
C PRO A 245 -0.87 24.27 4.43
N ILE A 246 -0.56 25.57 4.42
CA ILE A 246 0.74 26.04 3.94
C ILE A 246 1.70 26.35 5.07
N LEU A 247 1.31 26.10 6.33
CA LEU A 247 2.24 26.26 7.43
C LEU A 247 3.19 25.08 7.53
N THR A 248 2.83 23.94 6.94
CA THR A 248 3.72 22.80 6.86
C THR A 248 4.31 22.62 5.47
N LEU A 249 3.65 23.12 4.44
CA LEU A 249 4.22 23.08 3.10
C LEU A 249 5.49 23.90 3.03
N THR A 250 5.47 25.10 3.60
CA THR A 250 6.60 26.00 3.59
C THR A 250 7.45 25.89 4.84
N ARG A 251 7.17 24.91 5.71
CA ARG A 251 7.90 24.71 6.96
C ARG A 251 8.07 26.04 7.71
N ALA A 252 6.94 26.60 8.13
CA ALA A 252 6.95 27.94 8.68
C ALA A 252 7.72 28.02 9.99
N LEU A 253 7.64 26.98 10.82
CA LEU A 253 8.24 27.00 12.15
C LEU A 253 9.59 26.30 12.18
N THR A 254 10.37 26.41 11.10
CA THR A 254 11.73 25.87 11.13
C THR A 254 12.63 26.71 12.01
N ALA A 255 12.39 28.03 12.07
CA ALA A 255 13.21 28.89 12.90
C ALA A 255 12.98 28.69 14.38
N GLU A 256 12.03 27.84 14.76
CA GLU A 256 11.81 27.53 16.17
C GLU A 256 12.73 26.43 16.67
N SER A 257 13.46 25.77 15.77
CA SER A 257 14.46 24.79 16.17
C SER A 257 15.80 25.42 16.53
N HIS A 258 15.96 26.72 16.33
CA HIS A 258 17.21 27.40 16.56
C HIS A 258 17.19 28.13 17.90
N VAL A 259 18.36 28.60 18.33
CA VAL A 259 18.57 28.96 19.73
C VAL A 259 17.70 30.15 20.12
N ASP A 260 17.94 31.29 19.50
CA ASP A 260 17.16 32.49 19.80
C ASP A 260 16.03 32.70 18.80
N THR A 261 15.59 31.62 18.16
CA THR A 261 14.54 31.66 17.15
C THR A 261 14.95 32.55 15.98
N ASP A 262 16.16 32.32 15.48
CA ASP A 262 16.64 32.95 14.26
C ASP A 262 17.51 31.94 13.52
N LEU A 263 17.41 31.95 12.20
CA LEU A 263 18.04 30.91 11.38
C LEU A 263 19.55 31.04 11.32
N THR A 264 20.13 32.13 11.81
CA THR A 264 21.56 32.34 11.80
C THR A 264 22.24 31.91 13.09
N LYS A 265 21.69 30.93 13.79
CA LYS A 265 22.17 30.45 15.07
C LYS A 265 22.13 28.94 15.09
N PRO A 266 22.82 28.30 16.02
CA PRO A 266 22.82 26.83 16.06
C PRO A 266 21.48 26.29 16.53
N TYR A 267 21.29 25.00 16.31
CA TYR A 267 20.08 24.34 16.79
C TYR A 267 20.06 24.29 18.30
N ILE A 268 18.87 24.13 18.85
CA ILE A 268 18.72 23.94 20.30
C ILE A 268 19.14 22.52 20.62
N LYS A 269 20.08 22.37 21.53
CA LYS A 269 20.53 21.04 21.96
C LYS A 269 19.58 20.59 23.06
N TRP A 270 18.47 19.99 22.64
CA TRP A 270 17.47 19.52 23.58
C TRP A 270 18.06 18.41 24.45
N ASP A 271 17.60 18.35 25.69
CA ASP A 271 17.99 17.25 26.57
C ASP A 271 17.58 15.94 25.93
N LEU A 272 18.51 14.98 25.93
CA LEU A 272 18.28 13.76 25.18
C LEU A 272 17.24 12.86 25.84
N LEU A 273 17.04 13.00 27.14
CA LEU A 273 16.11 12.20 27.90
C LEU A 273 14.72 12.83 28.04
N LYS A 274 14.49 13.96 27.38
CA LYS A 274 13.26 14.71 27.53
C LYS A 274 12.22 14.22 26.53
N TYR A 275 11.00 14.00 27.00
CA TYR A 275 9.94 13.50 26.14
C TYR A 275 8.63 14.23 26.30
N ASP A 276 8.51 15.19 27.23
CA ASP A 276 7.20 15.74 27.51
C ASP A 276 6.79 16.79 26.50
N PHE A 277 7.51 17.91 26.46
CA PHE A 277 7.29 18.96 25.46
C PHE A 277 5.86 19.49 25.49
N THR A 278 5.25 19.60 26.66
CA THR A 278 3.91 20.18 26.74
C THR A 278 3.95 21.68 26.97
N GLU A 279 4.82 22.16 27.85
CA GLU A 279 4.97 23.60 28.01
C GLU A 279 5.46 24.25 26.74
N GLU A 280 6.32 23.56 25.98
CA GLU A 280 6.77 24.09 24.70
C GLU A 280 5.62 24.20 23.72
N ARG A 281 4.73 23.22 23.70
CA ARG A 281 3.57 23.27 22.80
C ARG A 281 2.63 24.39 23.19
N LEU A 282 2.40 24.57 24.48
CA LEU A 282 1.54 25.67 24.92
C LEU A 282 2.17 27.02 24.60
N LYS A 283 3.49 27.14 24.73
CA LYS A 283 4.16 28.38 24.35
C LYS A 283 4.03 28.65 22.86
N LEU A 284 4.23 27.63 22.03
CA LEU A 284 4.09 27.79 20.58
C LEU A 284 2.68 28.22 20.21
N PHE A 285 1.68 27.57 20.79
CA PHE A 285 0.30 27.97 20.51
C PHE A 285 0.07 29.41 20.92
N ASP A 286 0.38 29.75 22.17
CA ASP A 286 0.14 31.12 22.64
C ASP A 286 0.96 32.15 21.89
N ARG A 287 2.02 31.73 21.19
CA ARG A 287 2.83 32.67 20.45
C ARG A 287 2.33 32.90 19.03
N TYR A 288 1.85 31.86 18.35
CA TYR A 288 1.41 32.01 16.97
C TYR A 288 -0.09 32.01 16.79
N PHE A 289 -0.84 31.27 17.61
CA PHE A 289 -2.28 31.17 17.46
C PHE A 289 -2.99 31.69 18.70
N LYS A 290 -2.59 32.86 19.17
CA LYS A 290 -3.07 33.34 20.47
C LYS A 290 -4.58 33.56 20.48
N TYR A 291 -5.14 34.06 19.38
CA TYR A 291 -6.55 34.43 19.35
C TYR A 291 -7.41 33.39 18.66
N TRP A 292 -6.90 32.18 18.50
CA TRP A 292 -7.73 31.03 18.13
C TRP A 292 -8.49 30.61 19.38
N ASP A 293 -9.80 30.88 19.40
CA ASP A 293 -10.56 30.79 20.64
C ASP A 293 -11.25 29.44 20.80
N GLN A 294 -10.43 28.39 20.79
CA GLN A 294 -10.91 27.06 21.11
C GLN A 294 -9.81 26.34 21.88
N THR A 295 -10.20 25.68 22.96
CA THR A 295 -9.22 25.09 23.87
C THR A 295 -8.36 24.08 23.14
N TYR A 296 -7.05 24.19 23.33
CA TYR A 296 -6.08 23.31 22.71
C TYR A 296 -5.49 22.43 23.80
N HIS A 297 -5.65 21.12 23.64
CA HIS A 297 -5.09 20.16 24.58
C HIS A 297 -3.84 19.57 23.98
N PRO A 298 -2.64 19.88 24.50
CA PRO A 298 -1.42 19.31 23.91
C PRO A 298 -1.44 17.79 23.92
N ASN A 299 -1.90 17.20 25.01
CA ASN A 299 -2.06 15.77 25.14
C ASN A 299 -3.50 15.45 24.79
N CYS A 300 -3.72 14.73 23.69
CA CYS A 300 -5.07 14.47 23.24
C CYS A 300 -5.79 13.43 24.09
N VAL A 301 -5.22 13.05 25.23
CA VAL A 301 -5.92 12.15 26.14
C VAL A 301 -6.94 12.89 26.99
N ASN A 302 -6.86 14.23 27.04
CA ASN A 302 -7.80 15.06 27.78
C ASN A 302 -8.90 15.61 26.91
N CYS A 303 -9.00 15.18 25.66
CA CYS A 303 -9.98 15.73 24.74
C CYS A 303 -11.38 15.25 25.09
N LEU A 304 -12.37 15.96 24.56
CA LEU A 304 -13.76 15.74 24.95
C LEU A 304 -14.53 14.83 23.99
N ASP A 305 -14.14 14.77 22.73
CA ASP A 305 -14.73 13.84 21.76
C ASP A 305 -13.79 13.74 20.58
N ASP A 306 -14.24 13.14 19.49
CA ASP A 306 -13.37 12.91 18.35
C ASP A 306 -13.14 14.17 17.51
N ARG A 307 -14.05 15.13 17.54
CA ARG A 307 -13.80 16.39 16.87
C ARG A 307 -12.74 17.20 17.60
N CYS A 308 -12.78 17.18 18.94
CA CYS A 308 -11.70 17.80 19.70
C CYS A 308 -10.39 17.09 19.47
N ILE A 309 -10.41 15.77 19.31
CA ILE A 309 -9.20 15.03 19.01
C ILE A 309 -8.62 15.49 17.68
N LEU A 310 -9.48 15.63 16.66
CA LEU A 310 -8.99 16.07 15.35
C LEU A 310 -8.38 17.47 15.44
N HIS A 311 -9.05 18.37 16.14
CA HIS A 311 -8.56 19.74 16.28
C HIS A 311 -7.18 19.76 16.94
N CYS A 312 -7.08 19.20 18.14
CA CYS A 312 -5.82 19.25 18.87
C CYS A 312 -4.73 18.43 18.20
N ALA A 313 -5.09 17.37 17.48
CA ALA A 313 -4.09 16.60 16.76
C ALA A 313 -3.55 17.35 15.56
N ASN A 314 -4.39 18.15 14.91
CA ASN A 314 -3.88 19.05 13.87
C ASN A 314 -2.81 19.97 14.44
N PHE A 315 -3.13 20.62 15.55
CA PHE A 315 -2.13 21.53 16.11
C PHE A 315 -0.87 20.79 16.56
N ASN A 316 -1.03 19.56 17.07
CA ASN A 316 0.13 18.80 17.50
C ASN A 316 0.98 18.35 16.32
N VAL A 317 0.36 18.01 15.19
CA VAL A 317 1.14 17.61 14.03
C VAL A 317 1.84 18.79 13.42
N LEU A 318 1.38 20.02 13.70
CA LEU A 318 2.21 21.16 13.34
C LEU A 318 3.37 21.35 14.31
N PHE A 319 3.08 21.32 15.61
CA PHE A 319 4.11 21.67 16.61
C PHE A 319 5.17 20.59 16.78
N SER A 320 4.90 19.35 16.37
CA SER A 320 5.86 18.28 16.55
C SER A 320 7.00 18.31 15.56
N THR A 321 6.98 19.24 14.60
CA THR A 321 8.08 19.39 13.66
C THR A 321 9.21 20.24 14.21
N VAL A 322 9.17 20.56 15.51
CA VAL A 322 10.12 21.47 16.13
C VAL A 322 11.01 20.68 17.08
N PHE A 323 10.48 19.59 17.60
CA PHE A 323 11.10 18.78 18.63
C PHE A 323 11.94 17.68 18.03
N PRO A 324 12.90 17.14 18.78
CA PRO A 324 13.81 16.15 18.21
C PRO A 324 13.08 14.85 17.91
N PRO A 325 13.45 14.16 16.83
CA PRO A 325 12.75 12.92 16.48
C PRO A 325 13.10 11.73 17.37
N THR A 326 14.11 11.85 18.22
CA THR A 326 14.44 10.78 19.14
C THR A 326 13.61 10.83 20.42
N SER A 327 12.63 11.73 20.50
CA SER A 327 11.81 11.87 21.68
C SER A 327 10.40 11.34 21.48
N PHE A 328 10.11 10.72 20.35
CA PHE A 328 8.84 10.09 20.08
C PHE A 328 9.01 8.58 20.13
N GLY A 329 7.89 7.88 20.20
CA GLY A 329 7.91 6.44 20.29
C GLY A 329 7.72 5.98 21.72
N PRO A 330 7.81 4.66 21.93
CA PRO A 330 7.48 4.11 23.25
C PRO A 330 8.37 4.69 24.35
N LEU A 331 7.78 4.86 25.52
CA LEU A 331 8.49 5.39 26.68
C LEU A 331 8.75 4.23 27.63
N VAL A 332 9.96 3.71 27.61
CA VAL A 332 10.29 2.50 28.36
C VAL A 332 10.56 2.84 29.82
N ARG A 333 10.63 1.81 30.67
CA ARG A 333 10.74 1.98 32.10
C ARG A 333 11.17 0.65 32.70
N LYS A 334 12.00 0.70 33.75
CA LYS A 334 12.57 -0.51 34.32
C LYS A 334 11.55 -1.20 35.21
N ILE A 335 11.27 -2.46 34.91
CA ILE A 335 10.31 -3.28 35.63
C ILE A 335 11.02 -4.50 36.17
N PHE A 336 10.71 -4.88 37.41
CA PHE A 336 11.34 -6.02 38.07
C PHE A 336 10.37 -7.18 38.08
N VAL A 337 10.63 -8.18 37.23
CA VAL A 337 9.82 -9.40 37.18
C VAL A 337 10.54 -10.44 38.03
N ASP A 338 10.17 -10.52 39.31
CA ASP A 338 10.79 -11.43 40.27
C ASP A 338 12.29 -11.17 40.37
N GLY A 339 12.62 -9.99 40.87
CA GLY A 339 14.00 -9.61 41.09
C GLY A 339 14.86 -9.55 39.84
N VAL A 340 14.23 -9.57 38.68
CA VAL A 340 14.91 -9.54 37.39
C VAL A 340 14.43 -8.30 36.64
N PRO A 341 15.31 -7.35 36.31
CA PRO A 341 14.86 -6.06 35.76
C PRO A 341 14.58 -6.15 34.27
N PHE A 342 13.34 -5.87 33.89
CA PHE A 342 12.95 -5.75 32.50
C PHE A 342 13.06 -4.31 32.03
N VAL A 343 12.83 -4.08 30.75
CA VAL A 343 12.68 -2.74 30.20
C VAL A 343 11.49 -2.77 29.26
N VAL A 344 10.33 -2.33 29.73
CA VAL A 344 9.09 -2.47 28.99
C VAL A 344 8.46 -1.11 28.77
N SER A 345 7.58 -1.05 27.77
CA SER A 345 6.93 0.20 27.39
C SER A 345 5.80 0.51 28.34
N THR A 346 5.84 1.69 28.95
CA THR A 346 4.78 2.15 29.84
C THR A 346 4.27 3.51 29.38
N GLY A 347 4.02 3.63 28.08
CA GLY A 347 3.52 4.87 27.54
C GLY A 347 3.78 4.93 26.05
N TYR A 348 3.65 6.14 25.50
CA TYR A 348 3.94 6.44 24.11
C TYR A 348 3.87 7.94 23.95
N HIS A 349 4.71 8.46 23.06
CA HIS A 349 4.72 9.88 22.73
C HIS A 349 4.46 10.01 21.25
N PHE A 350 3.24 10.41 20.89
CA PHE A 350 2.85 10.51 19.49
C PHE A 350 3.15 11.90 18.96
N ARG A 351 3.40 11.99 17.65
CA ARG A 351 3.55 13.30 17.04
C ARG A 351 2.23 14.02 16.95
N GLU A 352 1.12 13.29 16.94
CA GLU A 352 -0.22 13.86 16.85
C GLU A 352 -1.00 13.82 18.14
N LEU A 353 -0.90 12.73 18.90
CA LEU A 353 -1.72 12.55 20.10
C LEU A 353 -1.01 12.92 21.38
N GLY A 354 0.14 13.57 21.32
CA GLY A 354 0.80 13.98 22.54
C GLY A 354 1.36 12.79 23.31
N VAL A 355 1.42 12.95 24.63
CA VAL A 355 1.94 11.93 25.53
C VAL A 355 0.77 11.18 26.15
N VAL A 356 0.86 9.86 26.19
CA VAL A 356 -0.17 9.02 26.79
C VAL A 356 0.50 7.93 27.61
N HIS A 357 0.07 7.78 28.86
CA HIS A 357 0.68 6.86 29.80
C HIS A 357 -0.23 5.67 30.04
N ASN A 358 0.36 4.49 30.15
CA ASN A 358 -0.41 3.29 30.47
C ASN A 358 -0.95 3.38 31.88
N GLN A 359 -2.16 2.86 32.08
CA GLN A 359 -2.79 2.91 33.38
C GLN A 359 -2.48 1.70 34.24
N ASP A 360 -2.31 0.53 33.65
CA ASP A 360 -2.00 -0.69 34.40
C ASP A 360 -0.52 -1.01 34.24
N VAL A 361 0.30 -0.33 35.04
CA VAL A 361 1.74 -0.59 35.10
C VAL A 361 2.04 -1.11 36.48
N ASN A 362 2.56 -2.34 36.55
CA ASN A 362 2.82 -3.01 37.83
C ASN A 362 4.32 -3.29 37.95
N LEU A 363 5.02 -2.41 38.67
CA LEU A 363 6.37 -2.73 39.09
C LEU A 363 6.35 -3.90 40.07
N HIS A 364 7.47 -4.61 40.13
CA HIS A 364 7.63 -5.73 41.07
C HIS A 364 6.55 -6.78 40.87
N SER A 365 6.58 -7.43 39.72
CA SER A 365 5.74 -8.59 39.47
C SER A 365 6.37 -9.82 40.12
N SER A 366 5.66 -10.95 40.05
CA SER A 366 6.17 -12.21 40.58
C SER A 366 6.29 -13.27 39.50
N ARG A 367 5.25 -13.49 38.72
CA ARG A 367 5.26 -14.46 37.63
C ARG A 367 4.53 -13.86 36.44
N LEU A 368 4.91 -14.29 35.25
CA LEU A 368 4.29 -13.81 34.02
C LEU A 368 3.33 -14.86 33.47
N SER A 369 2.09 -14.45 33.23
CA SER A 369 1.09 -15.31 32.63
C SER A 369 1.31 -15.36 31.12
N PHE A 370 0.34 -15.89 30.37
CA PHE A 370 0.50 -15.94 28.93
C PHE A 370 0.29 -14.57 28.28
N LYS A 371 -0.73 -13.83 28.70
CA LYS A 371 -0.96 -12.54 28.06
C LYS A 371 0.11 -11.52 28.42
N GLU A 372 0.67 -11.61 29.64
CA GLU A 372 1.79 -10.74 29.97
C GLU A 372 3.01 -11.09 29.13
N LEU A 373 3.24 -12.38 28.90
CA LEU A 373 4.32 -12.78 28.02
C LEU A 373 4.10 -12.26 26.60
N LEU A 374 2.86 -12.27 26.14
CA LEU A 374 2.58 -11.74 24.81
C LEU A 374 2.87 -10.24 24.74
N VAL A 375 2.32 -9.47 25.67
CA VAL A 375 2.52 -8.02 25.60
C VAL A 375 3.96 -7.64 25.89
N TYR A 376 4.76 -8.52 26.48
CA TYR A 376 6.16 -8.22 26.70
C TYR A 376 7.06 -8.71 25.59
N ALA A 377 6.65 -9.74 24.84
CA ALA A 377 7.41 -10.20 23.69
C ALA A 377 7.05 -9.46 22.42
N ALA A 378 5.91 -8.77 22.39
CA ALA A 378 5.52 -7.98 21.22
C ALA A 378 6.05 -6.57 21.26
N ASP A 379 6.33 -6.02 22.44
CA ASP A 379 6.89 -4.69 22.54
C ASP A 379 8.23 -4.62 21.85
N PRO A 380 8.55 -3.52 21.17
CA PRO A 380 9.91 -3.35 20.64
C PRO A 380 10.92 -2.91 21.69
N ALA A 381 10.51 -2.77 22.95
CA ALA A 381 11.41 -2.24 23.97
C ALA A 381 12.51 -3.23 24.30
N MET A 382 12.15 -4.49 24.55
CA MET A 382 13.17 -5.48 24.86
C MET A 382 14.00 -5.87 23.64
N HIS A 383 13.45 -5.70 22.44
CA HIS A 383 14.19 -6.05 21.23
C HIS A 383 15.15 -4.95 20.82
N ALA A 384 14.81 -3.69 21.08
CA ALA A 384 15.68 -2.58 20.74
C ALA A 384 16.68 -2.28 21.83
N ALA A 385 16.30 -2.44 23.09
CA ALA A 385 17.22 -2.19 24.18
C ALA A 385 18.35 -3.21 24.24
N SER A 386 18.19 -4.36 23.58
CA SER A 386 19.20 -5.40 23.61
C SER A 386 20.01 -5.49 22.33
N GLY A 387 19.53 -4.92 21.23
CA GLY A 387 20.24 -4.99 19.98
C GLY A 387 21.27 -3.89 19.82
N ASN A 388 22.10 -4.04 18.80
CA ASN A 388 23.15 -3.07 18.52
C ASN A 388 22.54 -1.76 18.06
N LEU A 389 23.35 -0.71 18.11
CA LEU A 389 22.99 0.52 17.43
C LEU A 389 23.02 0.28 15.92
N LEU A 390 22.48 1.23 15.16
CA LEU A 390 22.48 1.09 13.71
C LEU A 390 22.46 2.47 13.08
N LEU A 391 23.32 2.67 12.09
CA LEU A 391 23.35 3.88 11.27
C LEU A 391 23.24 3.40 9.83
N ASP A 392 22.03 3.35 9.31
CA ASP A 392 21.77 2.88 7.95
C ASP A 392 21.84 4.07 7.02
N LYS A 393 22.90 4.15 6.23
CA LYS A 393 23.09 5.27 5.31
C LYS A 393 22.35 5.07 3.99
N ARG A 394 21.66 3.95 3.81
CA ARG A 394 20.92 3.72 2.58
C ARG A 394 19.57 4.42 2.55
N THR A 395 19.07 4.85 3.70
CA THR A 395 17.77 5.50 3.79
C THR A 395 17.91 6.82 4.52
N THR A 396 16.83 7.60 4.49
CA THR A 396 16.70 8.79 5.31
C THR A 396 15.74 8.58 6.48
N CYS A 397 15.19 7.38 6.62
CA CYS A 397 14.27 7.09 7.71
C CYS A 397 15.05 6.77 8.98
N PHE A 398 14.45 7.13 10.12
CA PHE A 398 15.08 6.90 11.40
C PHE A 398 15.24 5.40 11.65
N SER A 399 16.44 4.99 12.02
CA SER A 399 16.76 3.59 12.29
C SER A 399 17.03 3.42 13.77
N VAL A 400 16.34 2.47 14.40
CA VAL A 400 16.42 2.31 15.84
C VAL A 400 17.60 1.44 16.22
N ALA A 401 17.58 0.18 15.78
CA ALA A 401 18.58 -0.78 16.24
C ALA A 401 18.64 -1.93 15.26
N ALA A 402 19.75 -2.65 15.31
CA ALA A 402 19.94 -3.88 14.54
C ALA A 402 19.80 -5.05 15.48
N LEU A 403 18.85 -5.94 15.20
CA LEU A 403 18.56 -7.03 16.12
C LEU A 403 19.59 -8.14 16.07
N THR A 404 20.35 -8.25 14.99
CA THR A 404 21.35 -9.29 14.81
C THR A 404 22.73 -8.65 14.64
N ASN A 405 23.71 -9.47 14.29
CA ASN A 405 25.06 -8.98 14.04
C ASN A 405 25.33 -8.69 12.56
N ASN A 406 24.35 -8.93 11.68
CA ASN A 406 24.58 -8.72 10.26
C ASN A 406 23.25 -8.49 9.55
N VAL A 407 23.33 -7.77 8.44
CA VAL A 407 22.17 -7.35 7.66
C VAL A 407 21.75 -8.49 6.75
N ALA A 408 20.47 -8.55 6.43
CA ALA A 408 19.91 -9.58 5.56
C ALA A 408 19.48 -8.96 4.23
N PHE A 409 19.93 -9.55 3.14
CA PHE A 409 19.64 -9.07 1.79
C PHE A 409 18.76 -10.09 1.09
N GLN A 410 17.46 -9.86 1.11
CA GLN A 410 16.48 -10.81 0.58
C GLN A 410 16.16 -10.48 -0.86
N THR A 411 16.15 -11.50 -1.71
CA THR A 411 15.96 -11.36 -3.14
C THR A 411 14.66 -12.03 -3.58
N VAL A 412 14.23 -11.72 -4.80
CA VAL A 412 13.07 -12.33 -5.42
C VAL A 412 13.53 -13.09 -6.64
N LYS A 413 12.92 -14.24 -6.87
CA LYS A 413 13.26 -15.15 -7.94
C LYS A 413 12.43 -14.87 -9.18
N PRO A 414 12.86 -15.32 -10.35
CA PRO A 414 12.02 -15.22 -11.54
C PRO A 414 10.91 -16.27 -11.52
N GLY A 415 10.02 -16.15 -12.49
CA GLY A 415 8.92 -17.09 -12.58
C GLY A 415 9.30 -18.35 -13.30
N ASN A 416 8.43 -19.34 -13.21
CA ASN A 416 8.66 -20.64 -13.82
C ASN A 416 7.91 -20.71 -15.14
N PHE A 417 8.64 -20.94 -16.22
CA PHE A 417 8.06 -20.95 -17.55
C PHE A 417 7.27 -22.23 -17.77
N ASN A 418 5.99 -22.10 -18.10
CA ASN A 418 5.13 -23.24 -18.43
C ASN A 418 5.20 -23.45 -19.93
N LYS A 419 6.13 -24.29 -20.36
CA LYS A 419 6.46 -24.37 -21.78
C LYS A 419 5.38 -25.09 -22.58
N ASP A 420 4.64 -26.01 -21.96
CA ASP A 420 3.63 -26.75 -22.70
C ASP A 420 2.48 -25.83 -23.11
N PHE A 421 2.04 -24.96 -22.19
CA PHE A 421 0.99 -24.01 -22.53
C PHE A 421 1.46 -23.03 -23.60
N TYR A 422 2.72 -22.60 -23.53
CA TYR A 422 3.23 -21.66 -24.53
C TYR A 422 3.33 -22.32 -25.89
N ASP A 423 3.80 -23.56 -25.96
CA ASP A 423 3.84 -24.27 -27.22
C ASP A 423 2.45 -24.46 -27.79
N PHE A 424 1.49 -24.82 -26.94
CA PHE A 424 0.11 -24.94 -27.39
C PHE A 424 -0.40 -23.62 -27.96
N ALA A 425 -0.17 -22.52 -27.24
CA ALA A 425 -0.63 -21.21 -27.68
C ALA A 425 -0.05 -20.86 -29.04
N VAL A 426 1.27 -21.01 -29.20
CA VAL A 426 1.88 -20.64 -30.47
C VAL A 426 1.52 -21.63 -31.57
N SER A 427 1.02 -22.81 -31.22
CA SER A 427 0.46 -23.69 -32.24
C SER A 427 -0.94 -23.26 -32.65
N LYS A 428 -1.68 -22.63 -31.74
CA LYS A 428 -2.98 -22.07 -32.08
C LYS A 428 -2.90 -20.70 -32.72
N GLY A 429 -1.73 -20.28 -33.18
CA GLY A 429 -1.59 -19.01 -33.87
C GLY A 429 -1.51 -17.79 -32.97
N PHE A 430 -0.84 -17.89 -31.83
CA PHE A 430 -0.71 -16.79 -30.90
C PHE A 430 0.68 -16.19 -30.95
N PHE A 431 0.82 -15.00 -30.36
CA PHE A 431 2.11 -14.36 -30.16
C PHE A 431 2.85 -14.13 -31.48
N LYS A 432 2.17 -13.53 -32.44
CA LYS A 432 2.79 -13.21 -33.72
C LYS A 432 3.29 -11.78 -33.73
N GLU A 433 4.01 -11.44 -34.80
CA GLU A 433 4.55 -10.09 -34.93
C GLU A 433 3.42 -9.11 -35.21
N GLY A 434 3.39 -8.02 -34.45
CA GLY A 434 2.36 -7.01 -34.61
C GLY A 434 0.97 -7.53 -34.32
N SER A 435 0.80 -8.14 -33.16
CA SER A 435 -0.49 -8.65 -32.72
C SER A 435 -0.99 -7.81 -31.55
N SER A 436 -2.31 -7.79 -31.38
CA SER A 436 -2.89 -6.97 -30.32
C SER A 436 -2.69 -7.60 -28.95
N VAL A 437 -2.68 -8.93 -28.88
CA VAL A 437 -2.54 -9.66 -27.63
C VAL A 437 -1.10 -10.14 -27.56
N GLU A 438 -0.32 -9.51 -26.69
CA GLU A 438 1.08 -9.86 -26.49
C GLU A 438 1.38 -9.91 -25.00
N LEU A 439 2.47 -10.58 -24.66
CA LEU A 439 2.83 -10.80 -23.26
C LEU A 439 3.40 -9.52 -22.66
N LYS A 440 2.75 -9.01 -21.61
CA LYS A 440 3.21 -7.83 -20.91
C LYS A 440 3.34 -8.03 -19.40
N HIS A 441 2.80 -9.10 -18.84
CA HIS A 441 2.85 -9.37 -17.42
C HIS A 441 3.79 -10.54 -17.16
N PHE A 442 4.88 -10.27 -16.44
CA PHE A 442 5.91 -11.26 -16.17
C PHE A 442 6.18 -11.31 -14.66
N PHE A 443 7.06 -12.22 -14.28
CA PHE A 443 7.58 -12.33 -12.92
C PHE A 443 8.94 -11.63 -12.91
N PHE A 444 9.00 -10.44 -12.35
CA PHE A 444 10.24 -9.68 -12.32
C PHE A 444 11.07 -10.07 -11.11
N ALA A 445 12.38 -10.19 -11.33
CA ALA A 445 13.31 -10.57 -10.28
C ALA A 445 13.89 -9.32 -9.62
N GLN A 446 14.30 -9.46 -8.36
CA GLN A 446 14.87 -8.37 -7.59
C GLN A 446 16.15 -8.85 -6.91
N ASP A 447 17.01 -7.89 -6.60
CA ASP A 447 18.27 -8.17 -5.92
C ASP A 447 18.15 -7.82 -4.45
N GLY A 448 19.28 -7.85 -3.73
CA GLY A 448 19.24 -7.66 -2.29
C GLY A 448 18.85 -6.27 -1.88
N ASN A 449 19.07 -5.27 -2.73
CA ASN A 449 18.77 -3.89 -2.40
C ASN A 449 17.34 -3.50 -2.74
N ALA A 450 16.43 -4.46 -2.82
CA ALA A 450 15.05 -4.17 -3.17
C ALA A 450 14.20 -3.85 -1.95
N ALA A 451 14.38 -4.58 -0.86
CA ALA A 451 13.55 -4.37 0.32
C ALA A 451 13.78 -2.99 0.91
N ILE A 452 15.04 -2.59 1.05
CA ILE A 452 15.31 -1.29 1.65
C ILE A 452 15.02 -0.15 0.68
N SER A 453 15.21 -0.38 -0.62
CA SER A 453 14.85 0.65 -1.59
C SER A 453 13.34 0.83 -1.70
N ASP A 454 12.57 -0.20 -1.37
CA ASP A 454 11.12 -0.07 -1.33
C ASP A 454 10.62 0.47 -0.01
N TYR A 455 11.34 0.21 1.09
CA TYR A 455 11.00 0.88 2.34
C TYR A 455 11.32 2.36 2.29
N ASP A 456 12.36 2.74 1.56
CA ASP A 456 12.74 4.14 1.49
C ASP A 456 11.71 5.01 0.80
N TYR A 457 10.69 4.44 0.17
CA TYR A 457 9.65 5.26 -0.42
C TYR A 457 8.75 5.90 0.62
N TYR A 458 8.97 5.64 1.89
CA TYR A 458 8.24 6.34 2.93
C TYR A 458 8.71 7.77 3.09
N ARG A 459 9.75 8.18 2.35
CA ARG A 459 10.18 9.57 2.33
C ARG A 459 9.15 10.49 1.70
N TYR A 460 8.09 9.93 1.12
CA TYR A 460 7.01 10.71 0.54
C TYR A 460 5.94 11.09 1.55
N ASN A 461 6.02 10.58 2.77
CA ASN A 461 5.08 10.94 3.82
C ASN A 461 5.66 12.11 4.61
N LEU A 462 5.15 13.29 4.33
CA LEU A 462 5.58 14.49 5.00
C LEU A 462 4.55 14.93 6.03
N PRO A 463 4.96 15.67 7.06
CA PRO A 463 3.99 16.22 8.01
C PRO A 463 3.04 17.19 7.32
N THR A 464 1.76 16.85 7.33
CA THR A 464 0.74 17.63 6.64
C THR A 464 -0.27 18.14 7.66
N MET A 465 -0.31 19.45 7.85
CA MET A 465 -1.33 20.09 8.65
C MET A 465 -2.55 20.32 7.77
N CYS A 466 -3.73 20.05 8.32
CA CYS A 466 -4.95 20.10 7.55
C CYS A 466 -5.74 21.35 7.92
N ASP A 467 -6.51 21.85 6.96
CA ASP A 467 -7.48 22.91 7.23
C ASP A 467 -8.55 22.31 8.12
N ILE A 468 -8.52 22.64 9.42
CA ILE A 468 -9.36 21.88 10.34
C ILE A 468 -10.82 22.29 10.21
N ARG A 469 -11.11 23.55 9.93
CA ARG A 469 -12.49 23.99 9.88
C ARG A 469 -13.28 23.30 8.78
N GLN A 470 -12.60 22.88 7.71
CA GLN A 470 -13.29 22.09 6.68
C GLN A 470 -13.09 20.60 6.86
N LEU A 471 -12.02 20.17 7.53
CA LEU A 471 -11.84 18.75 7.76
C LEU A 471 -12.89 18.21 8.72
N LEU A 472 -13.24 18.97 9.76
CA LEU A 472 -14.28 18.52 10.67
C LEU A 472 -15.68 18.94 10.23
N PHE A 473 -15.88 19.17 8.94
CA PHE A 473 -17.16 19.13 8.26
C PHE A 473 -17.21 18.04 7.21
N VAL A 474 -16.13 17.89 6.45
CA VAL A 474 -15.95 16.73 5.59
C VAL A 474 -16.11 15.45 6.39
N VAL A 475 -15.66 15.44 7.64
CA VAL A 475 -15.81 14.22 8.44
C VAL A 475 -17.28 13.94 8.74
N GLU A 476 -18.10 14.99 8.88
CA GLU A 476 -19.53 14.77 9.11
C GLU A 476 -20.19 14.22 7.85
N VAL A 477 -19.82 14.75 6.68
CA VAL A 477 -20.42 14.24 5.45
C VAL A 477 -19.98 12.79 5.18
N VAL A 478 -18.73 12.45 5.51
CA VAL A 478 -18.29 11.07 5.36
C VAL A 478 -19.04 10.16 6.32
N ASP A 479 -19.18 10.59 7.57
CA ASP A 479 -19.96 9.80 8.53
C ASP A 479 -21.37 9.57 8.03
N LYS A 480 -21.96 10.57 7.37
CA LYS A 480 -23.25 10.34 6.73
C LYS A 480 -23.15 9.29 5.64
N TYR A 481 -22.03 9.25 4.93
CA TYR A 481 -21.84 8.19 3.95
C TYR A 481 -21.74 6.81 4.58
N PHE A 482 -21.41 6.73 5.87
CA PHE A 482 -21.26 5.45 6.55
C PHE A 482 -22.33 5.22 7.62
N ASP A 483 -23.58 5.59 7.34
CA ASP A 483 -24.64 5.48 8.34
C ASP A 483 -25.41 4.17 8.28
N CYS A 484 -25.51 3.54 7.13
CA CYS A 484 -26.35 2.37 6.98
C CYS A 484 -25.76 1.10 7.55
N TYR A 485 -24.68 1.12 8.32
CA TYR A 485 -24.01 -0.08 8.78
C TYR A 485 -24.24 -0.27 10.27
N ASP A 486 -23.77 -1.41 10.78
CA ASP A 486 -23.99 -1.81 12.16
C ASP A 486 -22.67 -2.33 12.72
N GLY A 487 -22.15 -1.64 13.73
CA GLY A 487 -20.85 -1.97 14.28
C GLY A 487 -20.86 -1.94 15.79
N GLY A 488 -19.72 -2.33 16.35
CA GLY A 488 -19.57 -2.42 17.79
C GLY A 488 -18.59 -3.51 18.17
N CYS A 489 -18.32 -3.65 19.46
CA CYS A 489 -17.39 -4.67 19.92
C CYS A 489 -18.08 -6.02 20.02
N ILE A 490 -17.32 -7.08 19.82
CA ILE A 490 -17.81 -8.44 19.92
C ILE A 490 -16.92 -9.19 20.90
N ASN A 491 -17.44 -10.32 21.38
CA ASN A 491 -16.66 -11.17 22.27
C ASN A 491 -15.67 -12.01 21.47
N ALA A 492 -14.80 -12.71 22.19
CA ALA A 492 -13.78 -13.49 21.52
C ALA A 492 -14.35 -14.71 20.81
N ASN A 493 -15.50 -15.19 21.23
CA ASN A 493 -16.10 -16.37 20.62
C ASN A 493 -17.02 -16.04 19.45
N GLN A 494 -17.08 -14.77 19.04
CA GLN A 494 -17.83 -14.38 17.86
C GLN A 494 -16.93 -14.00 16.70
N VAL A 495 -15.62 -13.97 16.91
CA VAL A 495 -14.68 -13.53 15.89
C VAL A 495 -14.52 -14.64 14.85
N ILE A 496 -14.69 -14.30 13.59
CA ILE A 496 -14.51 -15.23 12.48
C ILE A 496 -13.15 -14.95 11.88
N VAL A 497 -12.19 -15.85 12.11
CA VAL A 497 -10.86 -15.74 11.54
C VAL A 497 -10.71 -16.79 10.47
N ASN A 498 -10.38 -16.37 9.26
CA ASN A 498 -10.12 -17.25 8.13
C ASN A 498 -8.63 -17.23 7.83
N ASN A 499 -8.13 -18.35 7.28
CA ASN A 499 -6.71 -18.55 7.07
C ASN A 499 -5.96 -18.46 8.40
N LEU A 500 -6.24 -19.44 9.25
CA LEU A 500 -5.63 -19.55 10.57
C LEU A 500 -4.20 -20.06 10.52
N ASP A 501 -3.67 -20.35 9.34
CA ASP A 501 -2.31 -20.87 9.17
C ASP A 501 -1.44 -19.87 8.42
N LYS A 502 -1.56 -18.60 8.77
CA LYS A 502 -0.71 -17.55 8.22
C LYS A 502 0.25 -17.06 9.31
N SER A 503 1.27 -16.32 8.89
CA SER A 503 2.31 -15.91 9.82
C SER A 503 1.72 -15.00 10.90
N ALA A 504 2.43 -14.93 12.03
CA ALA A 504 1.98 -14.17 13.18
C ALA A 504 2.84 -12.94 13.43
N GLY A 505 3.57 -12.47 12.44
CA GLY A 505 4.37 -11.28 12.61
C GLY A 505 5.66 -11.56 13.35
N PHE A 506 6.21 -10.51 13.92
CA PHE A 506 7.45 -10.60 14.67
C PHE A 506 7.19 -10.30 16.14
N PRO A 507 7.80 -11.05 17.08
CA PRO A 507 8.69 -12.20 16.91
C PRO A 507 7.96 -13.52 16.90
N PHE A 508 6.64 -13.49 16.85
CA PHE A 508 5.84 -14.70 17.05
C PHE A 508 6.01 -15.72 15.94
N ASN A 509 6.65 -15.37 14.83
CA ASN A 509 6.84 -16.34 13.76
C ASN A 509 8.04 -17.24 13.99
N LYS A 510 8.71 -17.11 15.13
CA LYS A 510 9.74 -18.07 15.50
C LYS A 510 9.17 -19.33 16.11
N TRP A 511 7.89 -19.33 16.49
CA TRP A 511 7.32 -20.42 17.25
C TRP A 511 6.06 -21.01 16.65
N GLY A 512 5.48 -20.41 15.62
CA GLY A 512 4.30 -20.98 15.00
C GLY A 512 3.54 -19.93 14.21
N LYS A 513 2.46 -20.39 13.60
CA LYS A 513 1.58 -19.51 12.83
C LYS A 513 0.52 -18.96 13.77
N ALA A 514 -0.51 -18.31 13.21
CA ALA A 514 -1.57 -17.76 14.05
C ALA A 514 -2.40 -18.85 14.71
N ARG A 515 -2.38 -20.07 14.17
CA ARG A 515 -3.13 -21.16 14.78
C ARG A 515 -2.63 -21.44 16.19
N LEU A 516 -1.31 -21.36 16.38
CA LEU A 516 -0.74 -21.66 17.70
C LEU A 516 -1.24 -20.68 18.75
N TYR A 517 -1.32 -19.39 18.39
CA TYR A 517 -1.71 -18.38 19.35
C TYR A 517 -3.21 -18.23 19.48
N TYR A 518 -3.98 -18.74 18.53
CA TYR A 518 -5.42 -18.78 18.70
C TYR A 518 -5.89 -20.05 19.42
N ASP A 519 -5.09 -21.11 19.41
CA ASP A 519 -5.39 -22.30 20.20
C ASP A 519 -4.82 -22.24 21.60
N SER A 520 -3.68 -21.56 21.78
CA SER A 520 -3.05 -21.49 23.08
C SER A 520 -3.84 -20.62 24.04
N MET A 521 -4.50 -19.58 23.54
CA MET A 521 -5.22 -18.64 24.38
C MET A 521 -6.70 -19.02 24.44
N SER A 522 -7.20 -19.23 25.65
CA SER A 522 -8.63 -19.43 25.81
C SER A 522 -9.37 -18.15 25.47
N TYR A 523 -10.69 -18.26 25.36
CA TYR A 523 -11.49 -17.06 25.08
C TYR A 523 -11.36 -16.03 26.19
N GLU A 524 -11.11 -16.49 27.42
CA GLU A 524 -10.92 -15.55 28.51
C GLU A 524 -9.60 -14.80 28.37
N ASP A 525 -8.56 -15.47 27.89
CA ASP A 525 -7.29 -14.79 27.67
C ASP A 525 -7.41 -13.73 26.57
N GLN A 526 -8.12 -14.06 25.49
CA GLN A 526 -8.32 -13.09 24.42
C GLN A 526 -9.16 -11.92 24.88
N ASP A 527 -10.22 -12.18 25.64
CA ASP A 527 -11.04 -11.10 26.17
C ASP A 527 -10.25 -10.22 27.13
N ALA A 528 -9.37 -10.83 27.93
CA ALA A 528 -8.57 -10.05 28.87
C ALA A 528 -7.56 -9.19 28.13
N LEU A 529 -6.93 -9.73 27.09
CA LEU A 529 -6.02 -8.94 26.27
C LEU A 529 -6.75 -7.76 25.63
N PHE A 530 -7.92 -8.01 25.04
CA PHE A 530 -8.69 -6.94 24.42
C PHE A 530 -9.06 -5.87 25.43
N ALA A 531 -9.56 -6.27 26.60
CA ALA A 531 -9.93 -5.31 27.63
C ALA A 531 -8.70 -4.60 28.20
N TYR A 532 -7.51 -5.18 28.04
CA TYR A 532 -6.29 -4.51 28.45
C TYR A 532 -5.86 -3.46 27.45
N THR A 533 -6.10 -3.67 26.16
CA THR A 533 -5.73 -2.65 25.19
C THR A 533 -6.61 -1.41 25.26
N LYS A 534 -7.66 -1.40 26.07
CA LYS A 534 -8.47 -0.20 26.25
C LYS A 534 -8.02 0.65 27.41
N ARG A 535 -7.01 0.22 28.16
CA ARG A 535 -6.41 1.03 29.19
C ARG A 535 -4.91 1.16 29.04
N ASN A 536 -4.32 0.60 27.99
CA ASN A 536 -2.88 0.62 27.82
C ASN A 536 -2.56 0.67 26.33
N VAL A 537 -1.34 1.11 26.03
CA VAL A 537 -0.84 1.15 24.67
C VAL A 537 0.15 -0.01 24.50
N ILE A 538 -0.12 -0.87 23.53
CA ILE A 538 0.80 -1.96 23.20
C ILE A 538 1.46 -1.65 21.87
N PRO A 539 2.67 -1.09 21.85
CA PRO A 539 3.37 -0.89 20.58
C PRO A 539 3.92 -2.21 20.07
N THR A 540 3.69 -2.48 18.79
CA THR A 540 4.12 -3.73 18.18
C THR A 540 5.08 -3.46 17.04
N ILE A 541 5.54 -4.55 16.42
CA ILE A 541 6.50 -4.52 15.33
C ILE A 541 5.85 -5.16 14.11
N THR A 542 5.87 -4.46 12.98
CA THR A 542 5.49 -5.07 11.71
C THR A 542 6.74 -5.48 10.95
N GLN A 543 6.54 -6.33 9.96
CA GLN A 543 7.63 -6.97 9.23
C GLN A 543 7.38 -6.80 7.73
N MET A 544 8.27 -6.10 7.06
CA MET A 544 8.18 -5.93 5.62
C MET A 544 8.95 -7.03 4.93
N ASN A 545 8.36 -7.61 3.88
CA ASN A 545 9.01 -8.66 3.13
C ASN A 545 8.44 -8.68 1.72
N LEU A 546 9.30 -8.96 0.75
CA LEU A 546 8.97 -8.75 -0.65
C LEU A 546 7.90 -9.72 -1.12
N LYS A 547 7.12 -9.27 -2.11
CA LYS A 547 6.02 -10.03 -2.67
C LYS A 547 6.45 -10.67 -3.98
N TYR A 548 6.06 -11.93 -4.16
CA TYR A 548 6.47 -12.74 -5.30
C TYR A 548 5.23 -13.03 -6.13
N ALA A 549 4.92 -12.13 -7.05
CA ALA A 549 3.71 -12.24 -7.84
C ALA A 549 3.93 -11.61 -9.21
N ILE A 550 2.94 -11.74 -10.07
CA ILE A 550 3.06 -11.39 -11.47
C ILE A 550 2.50 -10.00 -11.71
N SER A 551 3.28 -9.15 -12.38
CA SER A 551 2.87 -7.78 -12.61
C SER A 551 3.48 -7.28 -13.91
N ALA A 552 3.12 -6.06 -14.28
CA ALA A 552 3.55 -5.46 -15.53
C ALA A 552 4.66 -4.44 -15.36
N LYS A 553 4.96 -4.02 -14.13
CA LYS A 553 6.02 -3.08 -13.85
C LYS A 553 7.12 -3.76 -13.04
N ASN A 554 8.37 -3.35 -13.29
CA ASN A 554 9.51 -4.01 -12.70
C ASN A 554 9.88 -3.44 -11.34
N ARG A 555 8.94 -2.79 -10.66
CA ARG A 555 9.17 -2.24 -9.35
C ARG A 555 8.79 -3.26 -8.29
N ALA A 556 9.60 -3.35 -7.23
CA ALA A 556 9.36 -4.31 -6.18
C ALA A 556 8.06 -3.99 -5.44
N ARG A 557 7.52 -5.00 -4.77
CA ARG A 557 6.29 -4.83 -3.99
C ARG A 557 6.47 -5.52 -2.65
N THR A 558 6.33 -4.75 -1.58
CA THR A 558 6.45 -5.26 -0.22
C THR A 558 5.09 -5.38 0.41
N VAL A 559 5.01 -6.22 1.44
CA VAL A 559 3.81 -6.40 2.24
C VAL A 559 4.21 -6.30 3.70
N ALA A 560 3.29 -5.86 4.55
CA ALA A 560 3.58 -5.58 5.95
C ALA A 560 2.83 -6.57 6.82
N GLY A 561 3.57 -7.44 7.50
CA GLY A 561 2.96 -8.43 8.37
C GLY A 561 2.83 -7.97 9.80
N VAL A 562 1.65 -7.51 10.18
CA VAL A 562 1.42 -6.97 11.52
C VAL A 562 1.33 -8.13 12.50
N SER A 563 1.69 -7.87 13.77
CA SER A 563 1.80 -8.90 14.80
C SER A 563 0.47 -9.58 15.08
N ILE A 564 0.49 -10.57 15.96
CA ILE A 564 -0.74 -11.29 16.28
C ILE A 564 -1.53 -10.59 17.40
N CYS A 565 -0.85 -9.83 18.26
CA CYS A 565 -1.58 -9.05 19.25
C CYS A 565 -2.44 -8.00 18.58
N SER A 566 -1.86 -7.27 17.63
CA SER A 566 -2.57 -6.19 16.96
C SER A 566 -3.77 -6.72 16.18
N THR A 567 -3.55 -7.74 15.35
CA THR A 567 -4.67 -8.29 14.59
C THR A 567 -5.70 -8.92 15.51
N MET A 568 -5.24 -9.63 16.55
CA MET A 568 -6.16 -10.31 17.45
C MET A 568 -7.11 -9.34 18.13
N THR A 569 -6.63 -8.16 18.52
CA THR A 569 -7.51 -7.21 19.18
C THR A 569 -8.26 -6.30 18.21
N ASN A 570 -7.63 -5.94 17.08
CA ASN A 570 -8.33 -5.16 16.06
C ASN A 570 -9.52 -5.92 15.51
N ARG A 571 -9.42 -7.25 15.42
CA ARG A 571 -10.56 -8.02 14.97
C ARG A 571 -11.75 -7.84 15.89
N GLN A 572 -11.56 -8.01 17.20
CA GLN A 572 -12.65 -7.83 18.13
C GLN A 572 -13.19 -6.40 18.09
N PHE A 573 -12.32 -5.42 17.86
CA PHE A 573 -12.80 -4.05 17.79
C PHE A 573 -13.69 -3.83 16.56
N HIS A 574 -13.20 -4.22 15.39
CA HIS A 574 -13.76 -3.71 14.13
C HIS A 574 -14.56 -4.71 13.31
N GLN A 575 -14.49 -6.02 13.62
CA GLN A 575 -14.97 -7.00 12.66
C GLN A 575 -16.47 -6.93 12.43
N LYS A 576 -17.24 -6.55 13.45
CA LYS A 576 -18.69 -6.46 13.26
C LYS A 576 -19.03 -5.42 12.20
N LEU A 577 -18.42 -4.24 12.30
CA LEU A 577 -18.66 -3.20 11.30
C LEU A 577 -18.09 -3.60 9.95
N LEU A 578 -16.93 -4.25 9.93
CA LEU A 578 -16.34 -4.61 8.64
C LEU A 578 -17.20 -5.64 7.92
N LYS A 579 -17.76 -6.61 8.65
CA LYS A 579 -18.65 -7.58 8.04
C LYS A 579 -19.95 -6.93 7.60
N SER A 580 -20.46 -5.96 8.37
CA SER A 580 -21.67 -5.27 7.93
C SER A 580 -21.40 -4.40 6.71
N ILE A 581 -20.18 -3.93 6.53
CA ILE A 581 -19.83 -3.20 5.32
C ILE A 581 -19.73 -4.16 4.14
N ALA A 582 -19.12 -5.32 4.35
CA ALA A 582 -18.94 -6.28 3.28
C ALA A 582 -20.19 -7.07 2.94
N ALA A 583 -21.27 -6.93 3.73
CA ALA A 583 -22.50 -7.67 3.49
C ALA A 583 -23.67 -6.76 3.12
N THR A 584 -23.39 -5.57 2.60
CA THR A 584 -24.41 -4.62 2.22
C THR A 584 -24.30 -4.31 0.73
N ARG A 585 -25.43 -4.39 0.02
CA ARG A 585 -25.47 -4.10 -1.41
C ARG A 585 -26.28 -2.84 -1.67
N GLY A 586 -25.92 -2.14 -2.74
CA GLY A 586 -26.56 -0.90 -3.10
C GLY A 586 -25.95 0.35 -2.51
N ALA A 587 -24.82 0.23 -1.83
CA ALA A 587 -24.21 1.35 -1.13
C ALA A 587 -23.12 1.98 -1.98
N THR A 588 -22.42 2.95 -1.40
CA THR A 588 -21.30 3.60 -2.08
C THR A 588 -20.07 2.70 -2.05
N VAL A 589 -19.74 2.15 -0.88
CA VAL A 589 -18.58 1.28 -0.73
C VAL A 589 -18.97 -0.11 -1.21
N VAL A 590 -18.55 -0.46 -2.42
CA VAL A 590 -18.90 -1.77 -2.99
C VAL A 590 -17.76 -2.71 -2.61
N ILE A 591 -17.79 -3.18 -1.38
CA ILE A 591 -16.88 -4.21 -0.90
C ILE A 591 -17.72 -5.41 -0.53
N GLY A 592 -17.31 -6.58 -0.99
CA GLY A 592 -18.10 -7.76 -0.82
C GLY A 592 -19.11 -8.01 -1.91
N THR A 593 -19.28 -7.06 -2.83
CA THR A 593 -20.14 -7.27 -3.98
C THR A 593 -19.36 -8.02 -5.05
N SER A 594 -19.94 -9.10 -5.55
CA SER A 594 -19.28 -9.91 -6.57
C SER A 594 -19.55 -9.33 -7.95
N LYS A 595 -18.71 -9.71 -8.90
CA LYS A 595 -18.93 -9.34 -10.30
C LYS A 595 -19.61 -10.43 -11.10
N PHE A 596 -19.74 -11.63 -10.55
CA PHE A 596 -20.43 -12.73 -11.20
C PHE A 596 -21.92 -12.66 -10.90
N TYR A 597 -22.70 -13.37 -11.72
CA TYR A 597 -24.14 -13.46 -11.55
C TYR A 597 -24.80 -12.09 -11.57
N GLY A 598 -24.37 -11.25 -12.52
CA GLY A 598 -24.99 -9.96 -12.70
C GLY A 598 -24.70 -8.97 -11.59
N GLY A 599 -23.54 -9.06 -10.97
CA GLY A 599 -23.17 -8.12 -9.93
C GLY A 599 -22.54 -6.87 -10.50
N TRP A 600 -21.77 -7.03 -11.57
CA TRP A 600 -21.18 -5.88 -12.25
C TRP A 600 -22.26 -4.97 -12.81
N HIS A 601 -23.25 -5.56 -13.46
CA HIS A 601 -24.37 -4.78 -13.99
C HIS A 601 -25.10 -4.05 -12.87
N ASN A 602 -25.29 -4.71 -11.72
CA ASN A 602 -25.99 -4.07 -10.62
C ASN A 602 -25.18 -2.91 -10.06
N MET A 603 -23.88 -3.09 -9.86
CA MET A 603 -23.05 -2.00 -9.37
C MET A 603 -23.10 -0.81 -10.32
N LEU A 604 -22.95 -1.06 -11.62
CA LEU A 604 -22.97 0.03 -12.58
C LEU A 604 -24.32 0.72 -12.61
N LYS A 605 -25.41 -0.04 -12.62
CA LYS A 605 -26.73 0.57 -12.60
C LYS A 605 -27.00 1.33 -11.32
N THR A 606 -26.31 1.00 -10.23
CA THR A 606 -26.47 1.75 -9.00
C THR A 606 -25.68 3.05 -9.02
N VAL A 607 -24.50 3.05 -9.65
CA VAL A 607 -23.75 4.29 -9.77
C VAL A 607 -24.52 5.30 -10.62
N TYR A 608 -25.07 4.85 -11.73
CA TYR A 608 -25.76 5.70 -12.71
C TYR A 608 -27.05 6.25 -12.19
N SER A 609 -27.37 6.09 -10.91
CA SER A 609 -28.74 6.05 -10.42
C SER A 609 -29.67 7.12 -10.99
N ASP A 610 -29.41 8.39 -10.70
CA ASP A 610 -30.36 9.43 -11.09
C ASP A 610 -29.67 10.67 -11.65
N VAL A 611 -28.38 10.60 -11.97
CA VAL A 611 -27.65 11.79 -12.38
C VAL A 611 -28.21 12.29 -13.70
N GLU A 612 -28.19 13.62 -13.90
CA GLU A 612 -28.97 14.24 -14.95
C GLU A 612 -28.24 14.25 -16.29
N ASN A 613 -27.07 14.87 -16.34
CA ASN A 613 -26.27 14.88 -17.56
C ASN A 613 -25.04 14.03 -17.31
N PRO A 614 -25.17 12.71 -17.24
CA PRO A 614 -24.14 11.89 -16.61
C PRO A 614 -22.91 11.72 -17.49
N HIS A 615 -21.75 12.02 -16.91
CA HIS A 615 -20.47 11.58 -17.42
C HIS A 615 -19.85 10.66 -16.37
N LEU A 616 -18.86 9.89 -16.78
CA LEU A 616 -18.14 9.05 -15.85
C LEU A 616 -16.74 9.62 -15.66
N MET A 617 -16.11 9.23 -14.56
CA MET A 617 -14.81 9.78 -14.22
C MET A 617 -14.13 8.89 -13.20
N GLY A 618 -12.83 8.82 -13.29
CA GLY A 618 -12.05 8.01 -12.36
C GLY A 618 -10.65 8.56 -12.29
N TRP A 619 -10.04 8.43 -11.13
CA TRP A 619 -8.74 9.04 -10.87
C TRP A 619 -7.87 8.01 -10.18
N ASP A 620 -6.67 8.42 -9.79
CA ASP A 620 -5.84 7.56 -8.97
C ASP A 620 -5.07 8.40 -7.97
N TYR A 621 -4.58 7.76 -6.93
CA TYR A 621 -3.76 8.42 -5.93
C TYR A 621 -2.33 7.99 -6.13
N PRO A 622 -1.43 8.89 -6.56
CA PRO A 622 -0.01 8.51 -6.68
C PRO A 622 0.57 8.23 -5.31
N LYS A 623 1.20 7.07 -5.16
CA LYS A 623 1.78 6.64 -3.89
C LYS A 623 0.75 6.73 -2.77
N CYS A 624 -0.36 6.00 -2.96
CA CYS A 624 -1.50 6.15 -2.06
C CYS A 624 -1.14 5.76 -0.63
N ASP A 625 -0.37 4.68 -0.46
CA ASP A 625 -0.07 4.19 0.87
C ASP A 625 1.14 4.86 1.48
N ARG A 626 2.12 5.26 0.67
CA ARG A 626 3.29 5.94 1.23
C ARG A 626 2.97 7.38 1.63
N ALA A 627 2.16 8.08 0.82
CA ALA A 627 1.98 9.51 0.94
C ALA A 627 0.76 9.91 1.74
N MET A 628 -0.07 8.97 2.17
CA MET A 628 -1.28 9.28 2.92
C MET A 628 -0.94 10.00 4.22
N PRO A 629 -1.41 11.23 4.43
CA PRO A 629 -1.06 11.95 5.65
C PRO A 629 -1.65 11.28 6.89
N ASN A 630 -1.08 11.63 8.04
CA ASN A 630 -1.50 10.99 9.30
C ASN A 630 -2.83 11.53 9.79
N MET A 631 -3.17 12.76 9.44
CA MET A 631 -4.45 13.33 9.89
C MET A 631 -5.62 12.62 9.23
N LEU A 632 -5.47 12.27 7.95
CA LEU A 632 -6.56 11.59 7.26
C LEU A 632 -6.68 10.14 7.71
N ARG A 633 -5.58 9.52 8.11
CA ARG A 633 -5.66 8.17 8.65
C ARG A 633 -6.28 8.17 10.04
N ILE A 634 -5.95 9.17 10.86
CA ILE A 634 -6.62 9.30 12.15
C ILE A 634 -8.10 9.59 11.96
N MET A 635 -8.44 10.40 10.96
CA MET A 635 -9.85 10.67 10.67
C MET A 635 -10.57 9.40 10.26
N ALA A 636 -9.94 8.57 9.43
CA ALA A 636 -10.55 7.30 9.04
C ALA A 636 -10.77 6.41 10.24
N SER A 637 -9.79 6.34 11.14
CA SER A 637 -9.94 5.51 12.34
C SER A 637 -11.08 6.02 13.21
N LEU A 638 -11.22 7.33 13.36
CA LEU A 638 -12.29 7.87 14.18
C LEU A 638 -13.65 7.63 13.54
N VAL A 639 -13.74 7.73 12.21
CA VAL A 639 -15.01 7.46 11.55
C VAL A 639 -15.39 6.00 11.70
N LEU A 640 -14.41 5.09 11.66
CA LEU A 640 -14.72 3.68 11.85
C LEU A 640 -15.12 3.39 13.29
N ALA A 641 -14.47 4.03 14.26
CA ALA A 641 -14.77 3.81 15.66
C ALA A 641 -15.98 4.58 16.14
N ARG A 642 -16.59 5.41 15.29
CA ARG A 642 -17.81 6.11 15.68
C ARG A 642 -19.00 5.18 15.88
N LYS A 643 -18.85 3.88 15.62
CA LYS A 643 -19.92 2.92 15.85
C LYS A 643 -20.00 2.44 17.29
N HIS A 644 -19.02 2.79 18.12
CA HIS A 644 -18.95 2.31 19.49
C HIS A 644 -19.48 3.37 20.45
N THR A 645 -20.75 3.71 20.31
CA THR A 645 -21.34 4.73 21.16
C THR A 645 -21.98 4.16 22.42
N THR A 646 -22.08 2.83 22.53
CA THR A 646 -22.69 2.20 23.69
C THR A 646 -21.80 1.18 24.36
N CYS A 647 -20.85 0.57 23.66
CA CYS A 647 -20.00 -0.45 24.23
C CYS A 647 -18.73 0.11 24.85
N CYS A 648 -18.21 1.20 24.32
CA CYS A 648 -16.97 1.81 24.81
C CYS A 648 -17.25 3.21 25.30
N SER A 649 -16.59 3.59 26.39
CA SER A 649 -16.67 4.95 26.90
C SER A 649 -15.74 5.82 26.07
N LEU A 650 -15.48 7.04 26.54
CA LEU A 650 -14.61 7.93 25.78
C LEU A 650 -13.15 7.53 25.90
N SER A 651 -12.71 7.19 27.11
CA SER A 651 -11.32 6.80 27.32
C SER A 651 -11.00 5.49 26.61
N HIS A 652 -11.94 4.56 26.59
CA HIS A 652 -11.72 3.31 25.86
C HIS A 652 -11.49 3.58 24.38
N ARG A 653 -12.29 4.47 23.80
CA ARG A 653 -12.13 4.78 22.38
C ARG A 653 -10.82 5.51 22.13
N PHE A 654 -10.41 6.39 23.04
CA PHE A 654 -9.12 7.04 22.85
C PHE A 654 -7.97 6.04 22.90
N TYR A 655 -8.02 5.10 23.85
CA TYR A 655 -6.90 4.18 23.97
C TYR A 655 -6.90 3.16 22.82
N ARG A 656 -8.07 2.87 22.26
CA ARG A 656 -8.10 2.07 21.05
C ARG A 656 -7.53 2.83 19.86
N LEU A 657 -7.79 4.13 19.79
CA LEU A 657 -7.19 4.94 18.73
C LEU A 657 -5.67 5.01 18.90
N ALA A 658 -5.20 5.20 20.13
CA ALA A 658 -3.78 5.23 20.40
C ALA A 658 -3.12 3.91 20.03
N ASN A 659 -3.78 2.79 20.32
CA ASN A 659 -3.24 1.50 19.92
C ASN A 659 -3.18 1.37 18.41
N GLU A 660 -4.25 1.75 17.72
CA GLU A 660 -4.22 1.72 16.26
C GLU A 660 -3.07 2.52 15.70
N CYS A 661 -2.84 3.72 16.24
CA CYS A 661 -1.72 4.54 15.77
C CYS A 661 -0.40 3.84 16.04
N ALA A 662 -0.13 3.49 17.30
CA ALA A 662 1.13 2.88 17.69
C ALA A 662 1.40 1.55 17.01
N GLN A 663 0.38 0.91 16.45
CA GLN A 663 0.56 -0.40 15.84
C GLN A 663 0.50 -0.42 14.33
N VAL A 664 -0.15 0.56 13.70
CA VAL A 664 -0.37 0.50 12.26
C VAL A 664 0.16 1.77 11.58
N LEU A 665 0.16 2.88 12.29
CA LEU A 665 0.43 4.17 11.66
C LEU A 665 1.88 4.61 11.79
N SER A 666 2.46 4.51 12.98
CA SER A 666 3.82 4.98 13.22
C SER A 666 4.57 3.99 14.09
N GLU A 667 4.48 2.72 13.74
CA GLU A 667 5.11 1.68 14.53
C GLU A 667 6.55 1.48 14.07
N MET A 668 7.23 0.51 14.69
CA MET A 668 8.58 0.15 14.31
C MET A 668 8.55 -0.97 13.29
N VAL A 669 9.15 -0.72 12.14
CA VAL A 669 9.16 -1.66 11.03
C VAL A 669 10.46 -2.43 11.05
N MET A 670 10.39 -3.74 10.89
CA MET A 670 11.57 -4.59 10.81
C MET A 670 11.78 -4.97 9.35
N CYS A 671 12.63 -4.21 8.66
CA CYS A 671 12.92 -4.43 7.24
C CYS A 671 14.35 -4.93 7.13
N GLY A 672 14.50 -6.23 6.94
CA GLY A 672 15.81 -6.83 6.97
C GLY A 672 16.02 -7.56 8.27
N GLY A 673 17.00 -7.14 9.05
CA GLY A 673 17.15 -7.64 10.39
C GLY A 673 17.21 -6.49 11.38
N SER A 674 16.75 -5.33 10.95
CA SER A 674 16.91 -4.09 11.69
C SER A 674 15.57 -3.41 11.88
N LEU A 675 15.45 -2.68 12.98
CA LEU A 675 14.23 -1.96 13.31
C LEU A 675 14.34 -0.52 12.82
N TYR A 676 13.41 -0.11 11.98
CA TYR A 676 13.31 1.27 11.53
C TYR A 676 12.04 1.89 12.10
N VAL A 677 11.89 3.19 11.89
CA VAL A 677 10.72 3.93 12.34
C VAL A 677 9.90 4.30 11.12
N LYS A 678 8.69 3.81 11.07
CA LYS A 678 7.80 4.12 9.96
C LYS A 678 7.16 5.48 10.20
N PRO A 679 7.26 6.42 9.26
CA PRO A 679 6.74 7.76 9.51
C PRO A 679 5.22 7.84 9.45
N GLY A 680 4.63 7.04 8.57
CA GLY A 680 3.18 7.05 8.41
C GLY A 680 2.78 6.25 7.20
N GLY A 681 1.52 6.37 6.85
CA GLY A 681 0.96 5.64 5.74
C GLY A 681 -0.04 4.60 6.18
N THR A 682 -0.14 3.53 5.38
CA THR A 682 -1.00 2.41 5.71
C THR A 682 -0.20 1.12 5.67
N SER A 683 -0.40 0.29 6.69
CA SER A 683 0.16 -1.05 6.68
C SER A 683 -0.73 -1.95 5.83
N SER A 684 -0.10 -2.68 4.91
CA SER A 684 -0.85 -3.60 4.06
C SER A 684 -1.63 -4.61 4.90
N GLY A 685 -0.98 -5.22 5.87
CA GLY A 685 -1.56 -6.28 6.66
C GLY A 685 -2.40 -5.85 7.83
N ASP A 686 -2.80 -4.59 7.88
CA ASP A 686 -3.72 -4.15 8.92
C ASP A 686 -5.10 -4.76 8.68
N ALA A 687 -5.85 -4.93 9.76
CA ALA A 687 -7.16 -5.57 9.65
C ALA A 687 -8.13 -4.71 8.84
N THR A 688 -8.04 -3.40 8.97
CA THR A 688 -9.01 -2.47 8.40
C THR A 688 -8.38 -1.58 7.34
N THR A 689 -7.59 -2.17 6.44
CA THR A 689 -6.94 -1.37 5.42
C THR A 689 -7.88 -1.04 4.27
N ALA A 690 -8.58 -2.04 3.74
CA ALA A 690 -9.47 -1.81 2.61
C ALA A 690 -10.67 -0.96 2.98
N TYR A 691 -10.87 -0.65 4.25
CA TYR A 691 -11.98 0.16 4.71
C TYR A 691 -11.55 1.55 5.16
N ALA A 692 -10.41 1.67 5.83
CA ALA A 692 -9.82 2.98 6.04
C ALA A 692 -9.47 3.63 4.71
N ASN A 693 -9.07 2.84 3.72
CA ASN A 693 -8.82 3.39 2.39
C ASN A 693 -10.09 3.94 1.78
N SER A 694 -11.22 3.27 1.99
CA SER A 694 -12.49 3.75 1.45
C SER A 694 -12.93 5.04 2.14
N VAL A 695 -12.74 5.11 3.46
CA VAL A 695 -13.07 6.35 4.17
C VAL A 695 -12.21 7.49 3.66
N PHE A 696 -10.92 7.23 3.43
CA PHE A 696 -10.03 8.28 2.92
C PHE A 696 -10.40 8.69 1.50
N ASN A 697 -10.84 7.73 0.68
CA ASN A 697 -11.30 8.03 -0.67
C ASN A 697 -12.50 8.95 -0.65
N ILE A 698 -13.50 8.62 0.16
CA ILE A 698 -14.70 9.46 0.25
C ILE A 698 -14.35 10.82 0.82
N CYS A 699 -13.41 10.87 1.78
CA CYS A 699 -13.00 12.13 2.35
C CYS A 699 -12.39 13.05 1.28
N GLN A 700 -11.50 12.51 0.46
CA GLN A 700 -10.88 13.32 -0.58
C GLN A 700 -11.91 13.77 -1.62
N ALA A 701 -12.89 12.92 -1.94
CA ALA A 701 -13.90 13.33 -2.90
C ALA A 701 -14.80 14.45 -2.36
N VAL A 702 -15.21 14.34 -1.10
CA VAL A 702 -16.02 15.39 -0.49
C VAL A 702 -15.23 16.68 -0.36
N THR A 703 -13.93 16.58 -0.06
CA THR A 703 -13.11 17.78 0.02
C THR A 703 -12.96 18.44 -1.34
N ALA A 704 -12.76 17.65 -2.39
CA ALA A 704 -12.72 18.22 -3.73
C ALA A 704 -14.03 18.92 -4.06
N ASN A 705 -15.15 18.38 -3.58
CA ASN A 705 -16.44 19.01 -3.89
C ASN A 705 -16.61 20.33 -3.15
N VAL A 706 -16.21 20.41 -1.87
CA VAL A 706 -16.35 21.68 -1.18
C VAL A 706 -15.37 22.70 -1.74
N ASN A 707 -14.20 22.26 -2.20
CA ASN A 707 -13.26 23.18 -2.83
C ASN A 707 -13.75 23.65 -4.19
N ALA A 708 -14.51 22.81 -4.89
CA ALA A 708 -15.05 23.23 -6.18
C ALA A 708 -16.25 24.15 -6.03
N LEU A 709 -17.02 23.99 -4.97
CA LEU A 709 -18.19 24.84 -4.78
C LEU A 709 -17.85 26.16 -4.11
N LEU A 710 -16.86 26.17 -3.20
CA LEU A 710 -16.53 27.39 -2.49
C LEU A 710 -15.63 28.32 -3.30
N SER A 711 -14.98 27.82 -4.33
CA SER A 711 -14.00 28.59 -5.10
C SER A 711 -14.56 29.09 -6.42
N THR A 712 -15.87 29.28 -6.52
CA THR A 712 -16.49 29.84 -7.71
C THR A 712 -17.12 31.17 -7.36
N ASP A 713 -17.20 32.04 -8.37
CA ASP A 713 -17.81 33.35 -8.19
C ASP A 713 -19.30 33.16 -7.93
N GLY A 714 -19.72 33.35 -6.68
CA GLY A 714 -21.12 33.18 -6.33
C GLY A 714 -22.04 34.18 -7.01
N ASN A 715 -21.49 35.20 -7.65
CA ASN A 715 -22.29 36.17 -8.38
C ASN A 715 -22.75 35.66 -9.73
N LYS A 716 -22.18 34.56 -10.21
CA LYS A 716 -22.48 34.05 -11.54
C LYS A 716 -23.20 32.71 -11.51
N ILE A 717 -23.43 32.15 -10.32
CA ILE A 717 -24.23 30.94 -10.21
C ILE A 717 -25.67 31.32 -10.54
N ALA A 718 -26.19 30.80 -11.65
CA ALA A 718 -27.52 31.22 -12.11
C ALA A 718 -28.62 30.64 -11.24
N ASP A 719 -28.41 29.46 -10.66
CA ASP A 719 -29.42 28.82 -9.82
C ASP A 719 -29.40 29.44 -8.44
N LYS A 720 -30.58 29.76 -7.92
CA LYS A 720 -30.66 30.35 -6.59
C LYS A 720 -30.42 29.30 -5.50
N TYR A 721 -30.87 28.07 -5.73
CA TYR A 721 -30.66 27.03 -4.72
C TYR A 721 -29.19 26.75 -4.50
N VAL A 722 -28.41 26.64 -5.58
CA VAL A 722 -26.99 26.34 -5.42
C VAL A 722 -26.25 27.54 -4.84
N ARG A 723 -26.71 28.75 -5.13
CA ARG A 723 -26.09 29.93 -4.54
C ARG A 723 -26.31 29.97 -3.03
N ASN A 724 -27.55 29.71 -2.58
CA ASN A 724 -27.80 29.60 -1.15
C ASN A 724 -27.02 28.45 -0.53
N LEU A 725 -26.85 27.35 -1.26
CA LEU A 725 -26.12 26.21 -0.73
C LEU A 725 -24.64 26.55 -0.55
N GLN A 726 -24.07 27.32 -1.46
CA GLN A 726 -22.69 27.74 -1.30
C GLN A 726 -22.53 28.73 -0.15
N HIS A 727 -23.47 29.66 -0.02
CA HIS A 727 -23.45 30.58 1.12
C HIS A 727 -23.47 29.82 2.44
N ARG A 728 -24.42 28.89 2.58
CA ARG A 728 -24.51 28.14 3.82
C ARG A 728 -23.35 27.19 4.01
N LEU A 729 -22.73 26.72 2.93
CA LEU A 729 -21.56 25.86 3.06
C LEU A 729 -20.39 26.63 3.66
N TYR A 730 -20.12 27.84 3.14
CA TYR A 730 -19.10 28.68 3.76
C TYR A 730 -19.45 28.95 5.22
N GLU A 731 -20.70 29.30 5.48
CA GLU A 731 -21.08 29.67 6.84
C GLU A 731 -20.99 28.50 7.80
N CYS A 732 -21.18 27.27 7.32
CA CYS A 732 -21.03 26.09 8.17
C CYS A 732 -19.60 25.64 8.29
N LEU A 733 -18.73 26.02 7.36
CA LEU A 733 -17.31 25.74 7.53
C LEU A 733 -16.68 26.71 8.52
N TYR A 734 -16.70 28.01 8.20
CA TYR A 734 -15.85 28.97 8.88
C TYR A 734 -16.57 29.91 9.83
N ARG A 735 -17.90 29.87 9.88
CA ARG A 735 -18.64 30.75 10.78
C ARG A 735 -19.45 30.01 11.84
N ASN A 736 -19.43 28.68 11.83
CA ASN A 736 -20.21 27.88 12.76
C ASN A 736 -19.29 26.87 13.42
N ARG A 737 -19.35 26.80 14.75
CA ARG A 737 -18.53 25.82 15.47
C ARG A 737 -19.25 24.51 15.68
N ASP A 738 -20.56 24.54 15.86
CA ASP A 738 -21.34 23.35 16.11
C ASP A 738 -21.62 22.62 14.80
N VAL A 739 -22.28 21.48 14.90
CA VAL A 739 -22.64 20.68 13.73
C VAL A 739 -24.08 21.02 13.36
N ASP A 740 -24.29 21.38 12.10
CA ASP A 740 -25.63 21.65 11.59
C ASP A 740 -26.10 20.40 10.84
N THR A 741 -26.84 19.54 11.54
CA THR A 741 -27.23 18.27 10.94
C THR A 741 -28.15 18.46 9.75
N ASP A 742 -28.96 19.52 9.75
CA ASP A 742 -29.84 19.76 8.62
C ASP A 742 -29.04 20.07 7.37
N PHE A 743 -28.04 20.95 7.47
CA PHE A 743 -27.25 21.24 6.28
C PHE A 743 -26.32 20.09 5.93
N VAL A 744 -25.88 19.30 6.90
CA VAL A 744 -25.07 18.14 6.55
C VAL A 744 -25.89 17.16 5.72
N ASN A 745 -27.15 16.95 6.11
CA ASN A 745 -28.04 16.11 5.31
C ASN A 745 -28.31 16.73 3.95
N GLU A 746 -28.45 18.06 3.90
CA GLU A 746 -28.72 18.74 2.63
C GLU A 746 -27.55 18.62 1.66
N PHE A 747 -26.33 18.82 2.14
CA PHE A 747 -25.16 18.67 1.28
C PHE A 747 -24.94 17.22 0.89
N TYR A 748 -25.22 16.29 1.79
CA TYR A 748 -25.11 14.87 1.44
C TYR A 748 -26.08 14.50 0.34
N ALA A 749 -27.30 15.03 0.40
CA ALA A 749 -28.27 14.78 -0.66
C ALA A 749 -27.85 15.42 -1.97
N TYR A 750 -27.34 16.66 -1.91
CA TYR A 750 -26.83 17.31 -3.10
C TYR A 750 -25.75 16.47 -3.77
N LEU A 751 -24.77 16.01 -2.99
CA LEU A 751 -23.70 15.19 -3.55
C LEU A 751 -24.25 13.90 -4.13
N ARG A 752 -25.05 13.16 -3.37
CA ARG A 752 -25.57 11.89 -3.84
C ARG A 752 -26.44 12.05 -5.09
N LYS A 753 -27.01 13.22 -5.31
CA LYS A 753 -27.82 13.43 -6.51
C LYS A 753 -26.98 13.86 -7.71
N HIS A 754 -25.96 14.68 -7.50
CA HIS A 754 -25.17 15.21 -8.61
C HIS A 754 -23.77 14.62 -8.73
N PHE A 755 -23.33 13.85 -7.75
CA PHE A 755 -21.98 13.27 -7.74
C PHE A 755 -22.10 11.87 -7.13
N SER A 756 -22.35 10.88 -7.98
CA SER A 756 -22.50 9.51 -7.52
C SER A 756 -21.14 8.83 -7.49
N MET A 757 -20.96 7.91 -6.54
CA MET A 757 -19.67 7.29 -6.32
C MET A 757 -19.82 5.79 -6.21
N MET A 758 -18.75 5.08 -6.55
CA MET A 758 -18.64 3.64 -6.37
C MET A 758 -17.24 3.40 -5.83
N ILE A 759 -17.12 3.37 -4.51
CA ILE A 759 -15.82 3.39 -3.85
C ILE A 759 -15.45 1.99 -3.43
N LEU A 760 -14.27 1.55 -3.85
CA LEU A 760 -13.60 0.44 -3.21
C LEU A 760 -12.29 1.00 -2.66
N SER A 761 -11.48 0.17 -2.03
CA SER A 761 -10.27 0.66 -1.41
C SER A 761 -9.40 1.39 -2.43
N ASP A 762 -9.27 2.71 -2.28
CA ASP A 762 -8.49 3.61 -3.15
C ASP A 762 -8.75 3.38 -4.64
N ASP A 763 -9.94 2.89 -4.99
CA ASP A 763 -10.37 2.76 -6.38
C ASP A 763 -11.80 3.24 -6.47
N ALA A 764 -12.04 4.26 -7.29
CA ALA A 764 -13.34 4.90 -7.35
C ALA A 764 -13.78 5.13 -8.78
N VAL A 765 -15.09 5.13 -8.98
CA VAL A 765 -15.73 5.52 -10.23
C VAL A 765 -16.86 6.47 -9.89
N VAL A 766 -16.96 7.56 -10.64
CA VAL A 766 -17.92 8.62 -10.35
C VAL A 766 -18.79 8.86 -11.58
N CYS A 767 -20.08 9.01 -11.37
CA CYS A 767 -21.03 9.39 -12.41
C CYS A 767 -21.60 10.74 -12.03
N PHE A 768 -21.00 11.82 -12.52
CA PHE A 768 -21.34 13.16 -12.09
C PHE A 768 -22.21 13.87 -13.13
N ASN A 769 -22.79 14.98 -12.70
CA ASN A 769 -23.57 15.85 -13.57
C ASN A 769 -22.61 16.72 -14.36
N SER A 770 -22.54 16.51 -15.67
CA SER A 770 -21.50 17.17 -16.47
C SER A 770 -21.74 18.67 -16.59
N THR A 771 -22.99 19.11 -16.56
CA THR A 771 -23.28 20.54 -16.66
C THR A 771 -22.81 21.28 -15.42
N TYR A 772 -23.09 20.72 -14.24
CA TYR A 772 -22.60 21.32 -13.01
C TYR A 772 -21.08 21.32 -12.97
N ALA A 773 -20.46 20.19 -13.32
CA ALA A 773 -19.00 20.12 -13.30
C ALA A 773 -18.37 21.08 -14.28
N SER A 774 -19.07 21.42 -15.37
CA SER A 774 -18.55 22.42 -16.28
C SER A 774 -18.77 23.83 -15.75
N GLN A 775 -19.86 24.06 -15.02
CA GLN A 775 -20.09 25.36 -14.40
C GLN A 775 -19.30 25.52 -13.11
N GLY A 776 -18.78 24.44 -12.54
CA GLY A 776 -18.00 24.53 -11.33
C GLY A 776 -18.76 24.31 -10.05
N LEU A 777 -19.83 23.53 -10.07
CA LEU A 777 -20.64 23.28 -8.89
C LEU A 777 -20.40 21.92 -8.28
N VAL A 778 -19.71 21.02 -8.99
CA VAL A 778 -19.21 19.77 -8.43
C VAL A 778 -17.75 19.63 -8.87
N ALA A 779 -17.11 18.57 -8.40
CA ALA A 779 -15.68 18.42 -8.62
C ALA A 779 -15.37 17.90 -10.02
N SER A 780 -14.30 18.43 -10.59
CA SER A 780 -13.72 17.95 -11.83
C SER A 780 -12.40 17.26 -11.53
N ILE A 781 -11.65 16.91 -12.56
CA ILE A 781 -10.35 16.30 -12.33
C ILE A 781 -9.35 17.32 -11.82
N LYS A 782 -9.49 18.58 -12.24
CA LYS A 782 -8.57 19.60 -11.76
C LYS A 782 -8.74 19.85 -10.27
N ASN A 783 -9.95 19.69 -9.75
CA ASN A 783 -10.17 19.87 -8.32
C ASN A 783 -9.53 18.75 -7.52
N PHE A 784 -9.58 17.52 -8.05
CA PHE A 784 -8.87 16.43 -7.42
C PHE A 784 -7.37 16.64 -7.46
N LYS A 785 -6.85 17.14 -8.57
CA LYS A 785 -5.42 17.42 -8.65
C LYS A 785 -5.00 18.44 -7.60
N SER A 786 -5.78 19.51 -7.46
CA SER A 786 -5.45 20.54 -6.48
C SER A 786 -5.51 20.01 -5.06
N VAL A 787 -6.58 19.26 -4.74
CA VAL A 787 -6.76 18.75 -3.40
C VAL A 787 -5.64 17.77 -3.06
N LEU A 788 -5.25 16.92 -4.00
CA LEU A 788 -4.12 16.03 -3.72
C LEU A 788 -2.83 16.81 -3.53
N TYR A 789 -2.62 17.84 -4.34
CA TYR A 789 -1.37 18.61 -4.19
C TYR A 789 -1.24 19.20 -2.80
N TYR A 790 -2.31 19.79 -2.27
CA TYR A 790 -2.15 20.48 -0.99
C TYR A 790 -2.51 19.63 0.22
N GLN A 791 -3.23 18.52 0.06
CA GLN A 791 -3.65 17.70 1.20
C GLN A 791 -3.03 16.32 1.19
N ASN A 792 -2.22 15.99 0.20
CA ASN A 792 -1.65 14.67 0.07
C ASN A 792 -0.18 14.70 -0.32
N ASN A 793 0.36 15.84 -0.73
CA ASN A 793 1.77 15.99 -1.07
C ASN A 793 2.17 15.07 -2.24
N VAL A 794 1.27 14.96 -3.23
CA VAL A 794 1.57 14.29 -4.49
C VAL A 794 0.98 15.14 -5.60
N PHE A 795 1.46 14.90 -6.81
CA PHE A 795 0.92 15.56 -7.99
C PHE A 795 0.22 14.52 -8.84
N MET A 796 -1.09 14.67 -9.00
CA MET A 796 -1.89 13.71 -9.76
C MET A 796 -1.90 14.13 -11.22
N SER A 797 -1.21 13.37 -12.07
CA SER A 797 -1.14 13.68 -13.48
C SER A 797 -2.41 13.22 -14.18
N GLU A 798 -2.99 14.10 -14.99
CA GLU A 798 -4.24 13.79 -15.67
C GLU A 798 -4.09 12.74 -16.76
N ALA A 799 -2.90 12.16 -16.95
CA ALA A 799 -2.75 11.05 -17.87
C ALA A 799 -3.13 9.72 -17.25
N LYS A 800 -3.31 9.68 -15.93
CA LYS A 800 -3.73 8.47 -15.23
C LYS A 800 -5.22 8.45 -14.93
N CYS A 801 -5.88 9.61 -14.96
CA CYS A 801 -7.31 9.69 -14.83
C CYS A 801 -7.97 9.46 -16.19
N TRP A 802 -9.28 9.24 -16.18
CA TRP A 802 -10.01 9.03 -17.41
C TRP A 802 -11.37 9.70 -17.31
N THR A 803 -12.09 9.72 -18.42
CA THR A 803 -13.42 10.30 -18.48
C THR A 803 -14.16 9.64 -19.64
N GLU A 804 -15.43 9.33 -19.42
CA GLU A 804 -16.27 8.68 -20.41
C GLU A 804 -17.56 9.47 -20.52
N THR A 805 -17.83 10.00 -21.71
CA THR A 805 -19.05 10.77 -21.92
C THR A 805 -20.22 9.92 -22.38
N ASP A 806 -19.96 8.71 -22.87
CA ASP A 806 -21.01 7.80 -23.35
C ASP A 806 -21.20 6.70 -22.31
N LEU A 807 -22.34 6.71 -21.64
CA LEU A 807 -22.58 5.74 -20.58
C LEU A 807 -22.82 4.33 -21.09
N THR A 808 -23.16 4.18 -22.38
CA THR A 808 -23.36 2.84 -22.92
C THR A 808 -22.07 2.03 -22.90
N LYS A 809 -20.93 2.70 -23.01
CA LYS A 809 -19.67 2.13 -22.58
C LYS A 809 -19.52 2.41 -21.09
N GLY A 810 -19.16 1.41 -20.32
CA GLY A 810 -19.06 1.58 -18.89
C GLY A 810 -17.83 2.36 -18.49
N PRO A 811 -17.38 2.17 -17.27
CA PRO A 811 -16.12 2.77 -16.84
C PRO A 811 -14.96 2.28 -17.68
N HIS A 812 -14.06 3.19 -18.03
CA HIS A 812 -12.88 2.81 -18.80
C HIS A 812 -12.04 1.79 -18.03
N GLU A 813 -12.07 1.83 -16.71
CA GLU A 813 -11.42 0.81 -15.89
C GLU A 813 -11.87 0.92 -14.45
N PHE A 814 -12.17 -0.22 -13.83
CA PHE A 814 -12.48 -0.28 -12.41
C PHE A 814 -12.07 -1.66 -11.92
N CYS A 815 -11.20 -1.69 -10.92
CA CYS A 815 -10.69 -2.96 -10.37
C CYS A 815 -10.02 -3.78 -11.46
N SER A 816 -9.25 -3.11 -12.33
CA SER A 816 -8.48 -3.71 -13.41
C SER A 816 -9.33 -4.39 -14.47
N GLN A 817 -10.65 -4.18 -14.46
CA GLN A 817 -11.55 -4.78 -15.42
C GLN A 817 -12.12 -3.70 -16.33
N HIS A 818 -12.23 -4.00 -17.62
CA HIS A 818 -12.96 -3.14 -18.52
C HIS A 818 -14.42 -3.56 -18.57
N THR A 819 -15.27 -2.71 -19.13
CA THR A 819 -16.70 -2.95 -19.15
C THR A 819 -17.21 -2.92 -20.59
N MET A 820 -18.11 -3.84 -20.89
CA MET A 820 -18.59 -4.05 -22.26
C MET A 820 -20.07 -4.39 -22.21
N LEU A 821 -20.88 -3.63 -22.94
CA LEU A 821 -22.33 -3.82 -22.95
C LEU A 821 -22.68 -4.88 -23.97
N VAL A 822 -23.06 -6.06 -23.50
CA VAL A 822 -23.35 -7.20 -24.37
C VAL A 822 -24.83 -7.54 -24.27
N LYS A 823 -25.30 -8.30 -25.24
CA LYS A 823 -26.67 -8.78 -25.26
C LYS A 823 -26.73 -10.18 -24.68
N GLN A 824 -27.52 -10.35 -23.62
CA GLN A 824 -27.59 -11.62 -22.91
C GLN A 824 -29.06 -12.02 -22.78
N GLY A 825 -29.58 -12.67 -23.82
CA GLY A 825 -30.95 -13.16 -23.80
C GLY A 825 -31.99 -12.07 -23.73
N ASP A 826 -32.12 -11.29 -24.80
CA ASP A 826 -33.07 -10.19 -24.95
C ASP A 826 -32.74 -8.99 -24.06
N ASP A 827 -31.73 -9.10 -23.20
CA ASP A 827 -31.34 -8.02 -22.30
C ASP A 827 -29.90 -7.62 -22.59
N TYR A 828 -29.61 -6.33 -22.37
CA TYR A 828 -28.28 -5.80 -22.54
C TYR A 828 -27.67 -5.58 -21.16
N VAL A 829 -26.54 -6.23 -20.90
CA VAL A 829 -25.89 -6.19 -19.60
C VAL A 829 -24.46 -5.73 -19.77
N TYR A 830 -23.86 -5.31 -18.66
CA TYR A 830 -22.45 -4.94 -18.60
C TYR A 830 -21.65 -6.12 -18.08
N LEU A 831 -20.55 -6.45 -18.77
CA LEU A 831 -19.74 -7.57 -18.36
C LEU A 831 -18.29 -7.14 -18.21
N PRO A 832 -17.62 -7.58 -17.16
CA PRO A 832 -16.22 -7.17 -16.95
C PRO A 832 -15.23 -8.07 -17.67
N TYR A 833 -14.38 -7.51 -18.52
CA TYR A 833 -13.39 -8.40 -19.08
C TYR A 833 -11.98 -7.93 -18.70
N PRO A 834 -11.07 -8.86 -18.49
CA PRO A 834 -9.72 -8.49 -18.04
C PRO A 834 -8.83 -8.03 -19.18
N ASP A 835 -7.54 -7.86 -18.87
CA ASP A 835 -6.54 -7.65 -19.89
C ASP A 835 -6.05 -9.00 -20.39
N PRO A 836 -6.18 -9.31 -21.68
CA PRO A 836 -5.75 -10.63 -22.17
C PRO A 836 -4.31 -10.96 -21.84
N SER A 837 -3.42 -9.96 -21.84
CA SER A 837 -2.04 -10.19 -21.45
C SER A 837 -1.95 -10.73 -20.03
N ARG A 838 -2.85 -10.30 -19.15
CA ARG A 838 -2.83 -10.78 -17.78
C ARG A 838 -3.16 -12.26 -17.71
N ILE A 839 -4.21 -12.68 -18.42
CA ILE A 839 -4.60 -14.09 -18.40
C ILE A 839 -3.55 -14.96 -19.05
N LEU A 840 -3.00 -14.52 -20.19
CA LEU A 840 -1.95 -15.30 -20.83
C LEU A 840 -0.69 -15.35 -19.99
N GLY A 841 -0.37 -14.28 -19.25
CA GLY A 841 0.78 -14.33 -18.38
C GLY A 841 0.57 -15.24 -17.19
N ALA A 842 -0.65 -15.27 -16.64
CA ALA A 842 -0.94 -16.21 -15.58
C ALA A 842 -0.90 -17.64 -16.08
N GLY A 843 -1.18 -17.85 -17.36
CA GLY A 843 -1.07 -19.18 -17.91
C GLY A 843 0.35 -19.63 -18.18
N CYS A 844 1.17 -18.74 -18.74
CA CYS A 844 2.50 -19.13 -19.18
C CYS A 844 3.53 -19.11 -18.05
N PHE A 845 3.43 -18.18 -17.11
CA PHE A 845 4.40 -18.06 -16.03
C PHE A 845 3.72 -18.37 -14.71
N VAL A 846 4.23 -19.38 -14.01
CA VAL A 846 3.72 -19.77 -12.71
C VAL A 846 4.79 -19.49 -11.66
N ASP A 847 4.43 -19.66 -10.40
CA ASP A 847 5.31 -19.34 -9.29
C ASP A 847 5.70 -20.57 -8.48
N ASP A 848 5.66 -21.75 -9.10
CA ASP A 848 6.03 -22.99 -8.44
C ASP A 848 6.30 -24.02 -9.52
N ILE A 849 7.29 -24.88 -9.28
CA ILE A 849 7.70 -25.83 -10.32
C ILE A 849 6.65 -26.89 -10.57
N VAL A 850 5.76 -27.16 -9.61
CA VAL A 850 4.75 -28.18 -9.80
C VAL A 850 3.56 -27.65 -10.58
N LYS A 851 3.34 -26.34 -10.59
CA LYS A 851 2.27 -25.76 -11.39
C LYS A 851 2.56 -25.81 -12.88
N THR A 852 3.73 -26.29 -13.27
CA THR A 852 4.11 -26.45 -14.67
C THR A 852 3.62 -27.77 -15.26
N ASP A 853 3.31 -28.75 -14.42
CA ASP A 853 2.86 -30.04 -14.92
C ASP A 853 1.54 -29.92 -15.66
N GLY A 854 0.60 -29.17 -15.13
CA GLY A 854 -0.66 -28.96 -15.82
C GLY A 854 -1.74 -29.93 -15.44
N THR A 855 -1.50 -31.24 -15.66
CA THR A 855 -2.53 -32.23 -15.37
C THR A 855 -2.90 -32.24 -13.89
N LEU A 856 -1.96 -31.88 -13.02
CA LEU A 856 -2.26 -31.75 -11.60
C LEU A 856 -3.00 -30.46 -11.29
N MET A 857 -3.13 -29.55 -12.25
CA MET A 857 -3.59 -28.18 -12.04
C MET A 857 -4.59 -27.79 -13.10
N ILE A 858 -5.64 -28.59 -13.28
CA ILE A 858 -6.66 -28.24 -14.26
C ILE A 858 -7.63 -27.20 -13.70
N GLU A 859 -7.85 -27.20 -12.38
CA GLU A 859 -8.70 -26.18 -11.79
C GLU A 859 -8.10 -24.79 -11.93
N ARG A 860 -6.77 -24.72 -12.01
CA ARG A 860 -6.10 -23.46 -12.31
C ARG A 860 -6.62 -22.86 -13.62
N PHE A 861 -6.64 -23.67 -14.68
CA PHE A 861 -7.08 -23.18 -15.97
C PHE A 861 -8.59 -23.02 -16.02
N VAL A 862 -9.33 -23.79 -15.23
CA VAL A 862 -10.77 -23.57 -15.14
C VAL A 862 -11.07 -22.19 -14.56
N SER A 863 -10.34 -21.80 -13.52
CA SER A 863 -10.55 -20.47 -12.93
C SER A 863 -10.10 -19.37 -13.88
N LEU A 864 -8.97 -19.57 -14.57
CA LEU A 864 -8.53 -18.57 -15.53
C LEU A 864 -9.52 -18.42 -16.68
N ALA A 865 -10.18 -19.51 -17.09
CA ALA A 865 -11.16 -19.42 -18.16
C ALA A 865 -12.45 -18.76 -17.66
N ILE A 866 -12.83 -19.01 -16.41
CA ILE A 866 -13.94 -18.28 -15.82
C ILE A 866 -13.66 -16.78 -15.88
N ASP A 867 -12.43 -16.37 -15.54
CA ASP A 867 -12.12 -14.95 -15.58
C ASP A 867 -12.01 -14.43 -17.01
N ALA A 868 -11.65 -15.28 -17.97
CA ALA A 868 -11.45 -14.85 -19.35
C ALA A 868 -12.66 -15.03 -20.24
N TYR A 869 -13.79 -15.51 -19.71
CA TYR A 869 -14.97 -15.69 -20.56
C TYR A 869 -15.42 -14.41 -21.26
N PRO A 870 -15.72 -13.31 -20.58
CA PRO A 870 -16.34 -12.17 -21.27
C PRO A 870 -15.55 -11.64 -22.44
N LEU A 871 -14.29 -12.05 -22.59
CA LEU A 871 -13.53 -11.70 -23.79
C LEU A 871 -14.15 -12.30 -25.04
N THR A 872 -14.94 -13.37 -24.89
CA THR A 872 -15.54 -14.01 -26.06
C THR A 872 -16.64 -13.16 -26.69
N LYS A 873 -17.06 -12.08 -26.03
CA LYS A 873 -18.03 -11.14 -26.58
C LYS A 873 -17.38 -9.92 -27.21
N HIS A 874 -16.05 -9.90 -27.29
CA HIS A 874 -15.34 -8.74 -27.77
C HIS A 874 -15.35 -8.70 -29.30
N PRO A 875 -15.39 -7.51 -29.90
CA PRO A 875 -15.30 -7.40 -31.35
C PRO A 875 -13.91 -7.70 -31.92
N ASN A 876 -12.87 -7.68 -31.08
CA ASN A 876 -11.54 -8.08 -31.51
C ASN A 876 -11.43 -9.59 -31.41
N GLN A 877 -10.95 -10.23 -32.49
CA GLN A 877 -11.04 -11.67 -32.59
C GLN A 877 -10.02 -12.38 -31.69
N GLU A 878 -8.84 -11.79 -31.52
CA GLU A 878 -7.83 -12.42 -30.66
C GLU A 878 -8.29 -12.48 -29.22
N TYR A 879 -9.07 -11.49 -28.78
CA TYR A 879 -9.58 -11.50 -27.42
C TYR A 879 -10.46 -12.72 -27.17
N ALA A 880 -11.31 -13.08 -28.14
CA ALA A 880 -12.12 -14.29 -28.01
C ALA A 880 -11.28 -15.55 -28.18
N ASP A 881 -10.27 -15.48 -29.04
CA ASP A 881 -9.39 -16.62 -29.21
C ASP A 881 -8.69 -16.97 -27.91
N VAL A 882 -8.49 -16.00 -27.02
CA VAL A 882 -7.91 -16.32 -25.71
C VAL A 882 -8.77 -17.34 -24.96
N PHE A 883 -10.07 -17.07 -24.84
CA PHE A 883 -10.97 -17.97 -24.14
C PHE A 883 -11.04 -19.33 -24.83
N HIS A 884 -11.17 -19.32 -26.16
CA HIS A 884 -11.24 -20.61 -26.87
C HIS A 884 -9.96 -21.40 -26.68
N LEU A 885 -8.82 -20.73 -26.62
CA LEU A 885 -7.55 -21.38 -26.36
C LEU A 885 -7.55 -22.05 -24.99
N TYR A 886 -8.04 -21.33 -23.98
CA TYR A 886 -8.07 -21.91 -22.64
C TYR A 886 -8.95 -23.16 -22.60
N LEU A 887 -10.09 -23.13 -23.29
CA LEU A 887 -10.96 -24.30 -23.32
C LEU A 887 -10.28 -25.48 -24.01
N GLN A 888 -9.65 -25.24 -25.16
CA GLN A 888 -8.98 -26.33 -25.86
C GLN A 888 -7.84 -26.90 -25.02
N TYR A 889 -7.15 -26.05 -24.27
CA TYR A 889 -6.07 -26.55 -23.44
C TYR A 889 -6.60 -27.36 -22.26
N ILE A 890 -7.74 -26.96 -21.70
CA ILE A 890 -8.35 -27.78 -20.64
C ILE A 890 -8.71 -29.15 -21.18
N ARG A 891 -9.28 -29.20 -22.39
CA ARG A 891 -9.60 -30.49 -22.98
C ARG A 891 -8.35 -31.35 -23.16
N LYS A 892 -7.27 -30.76 -23.70
CA LYS A 892 -6.04 -31.51 -23.90
C LYS A 892 -5.47 -32.01 -22.58
N LEU A 893 -5.53 -31.18 -21.54
CA LEU A 893 -5.06 -31.59 -20.23
C LEU A 893 -5.84 -32.78 -19.71
N HIS A 894 -7.16 -32.75 -19.85
CA HIS A 894 -7.96 -33.88 -19.40
C HIS A 894 -7.62 -35.14 -20.18
N ASP A 895 -7.45 -35.01 -21.50
CA ASP A 895 -7.10 -36.17 -22.32
C ASP A 895 -5.80 -36.80 -21.87
N GLU A 896 -4.76 -35.99 -21.68
CA GLU A 896 -3.48 -36.57 -21.33
C GLU A 896 -3.43 -37.03 -19.87
N LEU A 897 -4.23 -36.44 -18.98
CA LEU A 897 -4.35 -37.00 -17.64
C LEU A 897 -5.01 -38.37 -17.68
N THR A 898 -6.06 -38.53 -18.48
CA THR A 898 -6.69 -39.84 -18.63
C THR A 898 -5.71 -40.85 -19.19
N GLY A 899 -4.92 -40.45 -20.19
CA GLY A 899 -3.92 -41.35 -20.74
C GLY A 899 -2.88 -41.76 -19.71
N HIS A 900 -2.42 -40.80 -18.90
CA HIS A 900 -1.41 -41.12 -17.89
C HIS A 900 -1.99 -42.01 -16.80
N MET A 901 -3.24 -41.81 -16.42
CA MET A 901 -3.85 -42.69 -15.42
C MET A 901 -4.04 -44.09 -15.98
N LEU A 902 -4.39 -44.19 -17.26
CA LEU A 902 -4.59 -45.50 -17.86
C LEU A 902 -3.27 -46.25 -18.08
N ASP A 903 -2.16 -45.53 -18.28
CA ASP A 903 -0.90 -46.20 -18.53
C ASP A 903 -0.10 -46.46 -17.25
N MET A 904 0.14 -45.40 -16.46
CA MET A 904 0.84 -45.57 -15.20
C MET A 904 0.15 -46.59 -14.31
N TYR A 905 -1.11 -46.34 -13.97
CA TYR A 905 -1.98 -47.33 -13.36
C TYR A 905 -2.69 -48.07 -14.48
N SER A 906 -3.76 -48.79 -14.15
CA SER A 906 -4.53 -49.52 -15.15
C SER A 906 -6.02 -49.43 -14.93
N VAL A 907 -6.53 -48.25 -14.57
CA VAL A 907 -7.96 -48.08 -14.33
C VAL A 907 -8.45 -46.79 -14.98
N MET A 908 -9.70 -46.80 -15.43
CA MET A 908 -10.29 -45.64 -16.10
C MET A 908 -10.62 -44.55 -15.10
N LEU A 909 -10.70 -43.30 -15.57
CA LEU A 909 -11.05 -42.18 -14.72
C LEU A 909 -11.99 -41.22 -15.45
N THR A 910 -13.03 -41.78 -16.08
CA THR A 910 -14.01 -40.99 -16.82
C THR A 910 -14.54 -39.81 -16.01
N ASN A 911 -15.05 -40.10 -14.81
CA ASN A 911 -15.61 -39.11 -13.86
C ASN A 911 -16.94 -38.54 -14.33
N ASP A 912 -17.32 -38.81 -15.59
CA ASP A 912 -18.67 -38.60 -16.08
C ASP A 912 -19.11 -37.14 -16.04
N ASN A 913 -18.25 -36.25 -15.51
CA ASN A 913 -18.67 -34.87 -15.27
C ASN A 913 -17.58 -33.86 -15.63
N THR A 914 -16.49 -34.29 -16.25
CA THR A 914 -15.43 -33.37 -16.63
C THR A 914 -15.63 -32.79 -18.02
N SER A 915 -16.70 -33.15 -18.71
CA SER A 915 -16.97 -32.60 -20.03
C SER A 915 -17.62 -31.23 -19.97
N ARG A 916 -17.92 -30.71 -18.78
CA ARG A 916 -18.54 -29.41 -18.66
C ARG A 916 -17.55 -28.27 -18.82
N TYR A 917 -16.26 -28.52 -18.55
CA TYR A 917 -15.24 -27.48 -18.61
C TYR A 917 -14.73 -27.25 -20.02
N TRP A 918 -15.02 -28.14 -20.97
CA TRP A 918 -14.61 -27.94 -22.35
C TRP A 918 -15.60 -27.07 -23.12
N GLU A 919 -16.76 -26.79 -22.54
CA GLU A 919 -17.85 -26.18 -23.25
C GLU A 919 -18.28 -24.89 -22.55
N PRO A 920 -18.71 -23.87 -23.30
CA PRO A 920 -18.90 -22.55 -22.71
C PRO A 920 -20.14 -22.40 -21.85
N GLU A 921 -20.91 -23.46 -21.59
CA GLU A 921 -22.15 -23.29 -20.84
C GLU A 921 -21.87 -23.00 -19.38
N PHE A 922 -20.91 -23.71 -18.80
CA PHE A 922 -20.46 -23.46 -17.43
C PHE A 922 -20.08 -22.00 -17.22
N TYR A 923 -19.13 -21.52 -18.03
CA TYR A 923 -18.62 -20.17 -17.86
C TYR A 923 -19.66 -19.13 -18.24
N GLU A 924 -20.54 -19.44 -19.18
CA GLU A 924 -21.59 -18.50 -19.55
C GLU A 924 -22.61 -18.34 -18.43
N ALA A 925 -22.98 -19.44 -17.78
CA ALA A 925 -23.87 -19.37 -16.63
C ALA A 925 -23.21 -18.69 -15.45
N MET A 926 -21.88 -18.65 -15.42
CA MET A 926 -21.20 -17.89 -14.37
C MET A 926 -21.48 -16.39 -14.43
N TYR A 927 -22.01 -15.86 -15.53
CA TYR A 927 -22.17 -14.42 -15.69
C TYR A 927 -23.63 -14.01 -15.93
N THR A 928 -24.58 -14.84 -15.51
CA THR A 928 -26.00 -14.51 -15.64
C THR A 928 -26.65 -14.50 -14.27
N PRO A 929 -27.64 -13.64 -14.04
CA PRO A 929 -28.31 -13.62 -12.74
C PRO A 929 -28.93 -14.97 -12.43
N HIS A 930 -28.95 -15.29 -11.13
CA HIS A 930 -29.31 -16.64 -10.69
C HIS A 930 -30.68 -17.05 -11.19
N THR A 931 -31.71 -16.33 -10.79
CA THR A 931 -33.08 -16.65 -11.19
C THR A 931 -33.98 -15.42 -11.08
N PHE B 8 -23.47 -56.70 19.10
CA PHE B 8 -24.78 -56.12 18.82
C PHE B 8 -25.88 -56.85 19.61
N SER B 9 -25.51 -57.96 20.23
CA SER B 9 -26.45 -58.74 21.02
C SER B 9 -26.65 -58.18 22.43
N SER B 10 -26.02 -57.06 22.76
CA SER B 10 -26.12 -56.48 24.10
C SER B 10 -27.38 -55.65 24.31
N LEU B 11 -28.39 -55.81 23.46
CA LEU B 11 -29.58 -55.00 23.58
C LEU B 11 -30.80 -55.85 23.92
N PRO B 12 -31.80 -55.27 24.59
CA PRO B 12 -33.01 -56.05 24.91
C PRO B 12 -33.76 -56.52 23.68
N SER B 13 -33.79 -55.71 22.62
CA SER B 13 -34.55 -56.05 21.43
C SER B 13 -33.87 -57.10 20.57
N TYR B 14 -32.56 -57.32 20.75
CA TYR B 14 -31.89 -58.39 20.01
C TYR B 14 -32.37 -59.77 20.45
N ALA B 15 -32.62 -59.93 21.77
CA ALA B 15 -33.17 -61.20 22.25
C ALA B 15 -34.58 -61.41 21.70
N ALA B 16 -35.41 -60.35 21.72
CA ALA B 16 -36.74 -60.46 21.13
C ALA B 16 -36.66 -60.78 19.64
N PHE B 17 -35.67 -60.22 18.94
CA PHE B 17 -35.50 -60.51 17.51
C PHE B 17 -35.16 -61.96 17.29
N ALA B 18 -34.19 -62.49 18.05
CA ALA B 18 -33.82 -63.89 17.92
C ALA B 18 -35.00 -64.80 18.24
N THR B 19 -35.75 -64.49 19.30
CA THR B 19 -36.88 -65.33 19.69
C THR B 19 -37.99 -65.30 18.65
N ALA B 20 -38.29 -64.11 18.11
CA ALA B 20 -39.31 -64.01 17.08
C ALA B 20 -38.87 -64.71 15.81
N GLN B 21 -37.58 -64.66 15.48
CA GLN B 21 -37.08 -65.38 14.33
C GLN B 21 -37.21 -66.88 14.53
N GLU B 22 -36.90 -67.36 15.74
CA GLU B 22 -37.04 -68.79 16.03
C GLU B 22 -38.50 -69.23 15.95
N ALA B 23 -39.42 -68.42 16.49
CA ALA B 23 -40.84 -68.77 16.41
C ALA B 23 -41.34 -68.74 14.96
N TYR B 24 -40.91 -67.75 14.18
CA TYR B 24 -41.30 -67.69 12.78
C TYR B 24 -40.75 -68.87 12.01
N GLU B 25 -39.54 -69.32 12.36
CA GLU B 25 -38.97 -70.50 11.70
C GLU B 25 -39.74 -71.76 12.08
N GLN B 26 -40.09 -71.91 13.35
CA GLN B 26 -40.88 -73.07 13.78
C GLN B 26 -42.27 -73.06 13.15
N ALA B 27 -42.81 -71.87 12.84
CA ALA B 27 -44.10 -71.79 12.17
C ALA B 27 -43.98 -72.10 10.68
N VAL B 28 -42.95 -71.56 10.02
CA VAL B 28 -42.76 -71.82 8.60
C VAL B 28 -42.32 -73.26 8.34
N ALA B 29 -41.80 -73.94 9.36
CA ALA B 29 -41.50 -75.37 9.22
C ALA B 29 -42.76 -76.23 9.28
N ASN B 30 -43.91 -75.64 9.62
CA ASN B 30 -45.18 -76.34 9.63
C ASN B 30 -46.18 -75.79 8.62
N GLY B 31 -46.22 -74.47 8.44
CA GLY B 31 -47.15 -73.86 7.52
C GLY B 31 -48.57 -73.84 8.03
N ASP B 32 -48.79 -73.18 9.17
CA ASP B 32 -50.10 -73.14 9.80
C ASP B 32 -50.98 -72.09 9.12
N SER B 33 -52.13 -71.80 9.72
CA SER B 33 -53.04 -70.82 9.18
C SER B 33 -52.47 -69.41 9.30
N GLU B 34 -52.99 -68.51 8.46
CA GLU B 34 -52.43 -67.17 8.36
C GLU B 34 -52.80 -66.27 9.54
N VAL B 35 -53.76 -66.68 10.37
CA VAL B 35 -54.19 -65.82 11.47
C VAL B 35 -53.09 -65.75 12.53
N VAL B 36 -52.33 -66.83 12.69
CA VAL B 36 -51.23 -66.84 13.65
C VAL B 36 -49.93 -66.41 12.97
N LEU B 37 -49.72 -66.84 11.72
CA LEU B 37 -48.52 -66.49 10.99
C LEU B 37 -48.34 -64.98 10.90
N LYS B 38 -49.41 -64.26 10.56
CA LYS B 38 -49.33 -62.80 10.48
C LYS B 38 -49.00 -62.17 11.82
N LYS B 39 -49.53 -62.73 12.91
CA LYS B 39 -49.23 -62.19 14.24
C LYS B 39 -47.78 -62.43 14.60
N LEU B 40 -47.23 -63.57 14.21
CA LEU B 40 -45.80 -63.80 14.45
C LEU B 40 -44.94 -62.88 13.58
N LYS B 41 -45.39 -62.56 12.37
CA LYS B 41 -44.68 -61.56 11.57
C LYS B 41 -44.74 -60.19 12.23
N LYS B 42 -45.87 -59.85 12.86
CA LYS B 42 -45.97 -58.58 13.57
C LYS B 42 -45.07 -58.54 14.79
N SER B 43 -44.97 -59.64 15.52
CA SER B 43 -44.04 -59.71 16.64
C SER B 43 -42.59 -59.62 16.17
N LEU B 44 -42.27 -60.33 15.08
CA LEU B 44 -40.96 -60.21 14.45
C LEU B 44 -40.67 -58.76 14.08
N ASN B 45 -41.67 -58.04 13.59
CA ASN B 45 -41.50 -56.61 13.39
C ASN B 45 -41.11 -55.94 14.69
N VAL B 46 -42.03 -55.91 15.66
CA VAL B 46 -41.79 -55.15 16.89
C VAL B 46 -40.37 -55.42 17.41
N ALA B 47 -39.96 -56.68 17.41
CA ALA B 47 -38.59 -57.02 17.80
C ALA B 47 -37.56 -56.34 16.91
N LYS B 48 -37.64 -56.52 15.59
CA LYS B 48 -36.63 -55.99 14.68
C LYS B 48 -36.63 -54.47 14.63
N SER B 49 -37.81 -53.86 14.81
CA SER B 49 -37.92 -52.40 14.79
C SER B 49 -37.26 -51.80 16.01
N GLU B 50 -37.57 -52.31 17.21
CA GLU B 50 -36.86 -51.83 18.39
C GLU B 50 -35.38 -52.18 18.31
N PHE B 51 -35.04 -53.29 17.65
CA PHE B 51 -33.64 -53.68 17.50
C PHE B 51 -32.89 -52.68 16.64
N ASP B 52 -33.44 -52.34 15.47
CA ASP B 52 -32.79 -51.37 14.60
C ASP B 52 -32.75 -50.00 15.27
N ARG B 53 -33.80 -49.65 16.02
CA ARG B 53 -33.81 -48.39 16.76
C ARG B 53 -32.64 -48.32 17.73
N ASP B 54 -32.51 -49.31 18.62
CA ASP B 54 -31.45 -49.27 19.62
C ASP B 54 -30.08 -49.47 18.99
N ALA B 55 -29.98 -50.18 17.87
CA ALA B 55 -28.70 -50.33 17.19
C ALA B 55 -28.25 -49.01 16.57
N ALA B 56 -29.18 -48.28 15.93
CA ALA B 56 -28.86 -46.96 15.41
C ALA B 56 -28.49 -46.01 16.54
N MET B 57 -29.20 -46.10 17.68
CA MET B 57 -28.83 -45.29 18.84
C MET B 57 -27.44 -45.67 19.35
N GLN B 58 -27.09 -46.95 19.25
CA GLN B 58 -25.75 -47.38 19.63
C GLN B 58 -24.71 -46.78 18.70
N ARG B 59 -25.00 -46.73 17.40
CA ARG B 59 -24.09 -46.07 16.46
C ARG B 59 -23.95 -44.60 16.79
N LYS B 60 -25.06 -43.94 17.13
CA LYS B 60 -25.00 -42.53 17.52
C LYS B 60 -24.12 -42.33 18.75
N LEU B 61 -24.29 -43.17 19.77
CA LEU B 61 -23.48 -43.01 20.98
C LEU B 61 -22.02 -43.35 20.72
N GLU B 62 -21.75 -44.33 19.85
CA GLU B 62 -20.38 -44.65 19.50
C GLU B 62 -19.72 -43.50 18.76
N LYS B 63 -20.46 -42.85 17.87
CA LYS B 63 -19.91 -41.68 17.18
C LYS B 63 -19.71 -40.51 18.15
N MET B 64 -20.59 -40.36 19.13
CA MET B 64 -20.36 -39.36 20.17
C MET B 64 -19.08 -39.65 20.93
N ALA B 65 -18.85 -40.93 21.27
CA ALA B 65 -17.62 -41.30 21.96
C ALA B 65 -16.39 -41.03 21.09
N ASP B 66 -16.50 -41.28 19.78
CA ASP B 66 -15.38 -40.99 18.89
C ASP B 66 -15.10 -39.49 18.81
N GLN B 67 -16.16 -38.68 18.74
CA GLN B 67 -15.97 -37.23 18.76
C GLN B 67 -15.31 -36.78 20.06
N ALA B 68 -15.71 -37.36 21.19
CA ALA B 68 -15.08 -37.03 22.46
C ALA B 68 -13.61 -37.43 22.46
N MET B 69 -13.29 -38.60 21.89
CA MET B 69 -11.91 -39.05 21.84
C MET B 69 -11.05 -38.11 21.01
N THR B 70 -11.57 -37.67 19.86
CA THR B 70 -10.81 -36.74 19.05
C THR B 70 -10.66 -35.38 19.73
N GLN B 71 -11.73 -34.90 20.37
CA GLN B 71 -11.66 -33.64 21.10
C GLN B 71 -10.69 -33.71 22.27
N MET B 72 -10.49 -34.89 22.85
CA MET B 72 -9.53 -35.05 23.94
C MET B 72 -8.11 -35.28 23.45
N TYR B 73 -7.93 -35.88 22.27
CA TYR B 73 -6.60 -35.98 21.68
C TYR B 73 -6.13 -34.66 21.09
N LYS B 74 -7.05 -33.74 20.83
CA LYS B 74 -6.65 -32.41 20.36
C LYS B 74 -6.28 -31.49 21.52
N GLN B 75 -6.94 -31.62 22.67
CA GLN B 75 -6.58 -30.79 23.81
C GLN B 75 -5.22 -31.18 24.38
N ALA B 76 -4.90 -32.47 24.36
CA ALA B 76 -3.60 -32.94 24.83
C ALA B 76 -2.46 -32.51 23.91
N ARG B 77 -2.76 -31.93 22.75
CA ARG B 77 -1.76 -31.29 21.92
C ARG B 77 -1.80 -29.77 21.99
N SER B 78 -2.99 -29.19 22.19
CA SER B 78 -3.06 -27.75 22.37
C SER B 78 -2.36 -27.33 23.66
N GLU B 79 -2.51 -28.11 24.73
CA GLU B 79 -1.80 -27.78 25.96
C GLU B 79 -0.30 -27.96 25.81
N ASP B 80 0.12 -28.99 25.08
CA ASP B 80 1.54 -29.18 24.79
C ASP B 80 2.11 -27.97 24.05
N LYS B 81 1.42 -27.54 22.99
CA LYS B 81 1.89 -26.38 22.23
C LYS B 81 1.90 -25.12 23.07
N ARG B 82 0.90 -24.94 23.94
CA ARG B 82 0.88 -23.77 24.80
C ARG B 82 2.07 -23.75 25.74
N ALA B 83 2.37 -24.89 26.37
CA ALA B 83 3.52 -24.94 27.27
C ALA B 83 4.82 -24.71 26.51
N LYS B 84 4.93 -25.28 25.32
CA LYS B 84 6.15 -25.12 24.53
C LYS B 84 6.36 -23.66 24.15
N VAL B 85 5.31 -22.97 23.71
CA VAL B 85 5.48 -21.58 23.31
C VAL B 85 5.68 -20.68 24.52
N THR B 86 5.10 -21.02 25.67
CA THR B 86 5.36 -20.25 26.88
C THR B 86 6.83 -20.34 27.26
N SER B 87 7.37 -21.56 27.27
CA SER B 87 8.78 -21.74 27.57
C SER B 87 9.65 -20.99 26.58
N ALA B 88 9.31 -21.06 25.29
CA ALA B 88 10.11 -20.37 24.28
C ALA B 88 10.09 -18.85 24.49
N MET B 89 8.91 -18.28 24.71
CA MET B 89 8.81 -16.84 24.88
C MET B 89 9.59 -16.37 26.09
N GLN B 90 9.42 -17.04 27.24
CA GLN B 90 10.12 -16.53 28.42
C GLN B 90 11.60 -16.84 28.37
N THR B 91 12.02 -17.93 27.72
CA THR B 91 13.45 -18.14 27.49
C THR B 91 14.04 -17.02 26.66
N MET B 92 13.32 -16.60 25.61
CA MET B 92 13.81 -15.51 24.78
C MET B 92 13.92 -14.22 25.57
N LEU B 93 12.92 -13.93 26.41
CA LEU B 93 12.98 -12.72 27.22
C LEU B 93 14.17 -12.76 28.18
N PHE B 94 14.30 -13.84 28.95
CA PHE B 94 15.38 -13.95 29.91
C PHE B 94 16.76 -14.03 29.24
N THR B 95 16.81 -14.41 27.96
CA THR B 95 18.09 -14.47 27.26
C THR B 95 18.49 -13.10 26.74
N MET B 96 17.58 -12.41 26.03
CA MET B 96 17.92 -11.07 25.57
C MET B 96 18.09 -10.09 26.72
N LEU B 97 17.61 -10.44 27.91
CA LEU B 97 17.81 -9.57 29.07
C LEU B 97 19.23 -9.64 29.61
N ARG B 98 19.97 -10.71 29.31
CA ARG B 98 21.31 -10.85 29.87
C ARG B 98 22.34 -10.02 29.11
N LYS B 99 22.11 -9.76 27.84
CA LYS B 99 22.92 -8.80 27.09
C LYS B 99 22.40 -7.38 27.22
N LEU B 100 21.54 -7.12 28.19
CA LEU B 100 20.85 -5.85 28.37
C LEU B 100 21.22 -5.14 29.66
N ASP B 101 21.09 -5.83 30.79
CA ASP B 101 21.28 -5.19 32.09
C ASP B 101 22.75 -4.87 32.30
N ASN B 102 23.06 -3.59 32.52
CA ASN B 102 24.42 -3.14 32.73
C ASN B 102 24.35 -1.83 33.51
N ASP B 103 25.45 -1.09 33.53
CA ASP B 103 25.49 0.18 34.25
C ASP B 103 25.10 1.37 33.39
N ALA B 104 25.22 1.27 32.06
CA ALA B 104 24.84 2.39 31.21
C ALA B 104 23.33 2.58 31.19
N LEU B 105 22.57 1.50 31.08
CA LEU B 105 21.12 1.58 31.11
C LEU B 105 20.63 2.04 32.48
N ASN B 106 21.12 1.40 33.54
CA ASN B 106 20.79 1.79 34.90
C ASN B 106 21.29 3.18 35.23
N ASN B 107 22.17 3.75 34.42
CA ASN B 107 22.66 5.10 34.62
C ASN B 107 21.81 6.14 33.93
N ILE B 108 21.39 5.86 32.69
CA ILE B 108 20.55 6.84 31.99
C ILE B 108 19.12 6.79 32.52
N ILE B 109 18.65 5.66 33.03
CA ILE B 109 17.30 5.62 33.58
C ILE B 109 17.23 6.39 34.89
N ASN B 110 18.28 6.30 35.71
CA ASN B 110 18.28 6.99 36.99
C ASN B 110 18.48 8.49 36.87
N ASN B 111 18.62 9.03 35.66
CA ASN B 111 18.72 10.46 35.44
C ASN B 111 17.41 11.09 34.98
N ALA B 112 16.40 10.27 34.66
CA ALA B 112 15.15 10.78 34.16
C ALA B 112 14.28 11.33 35.29
N ARG B 113 13.25 12.08 34.91
CA ARG B 113 12.37 12.69 35.90
C ARG B 113 11.65 11.65 36.73
N ASP B 114 11.11 10.62 36.08
CA ASP B 114 10.38 9.55 36.76
C ASP B 114 10.73 8.19 36.20
N GLY B 115 11.97 8.02 35.72
CA GLY B 115 12.41 6.74 35.22
C GLY B 115 11.83 6.35 33.88
N CYS B 116 11.15 7.25 33.20
CA CYS B 116 10.50 6.97 31.92
C CYS B 116 11.27 7.71 30.84
N VAL B 117 12.07 6.99 30.07
CA VAL B 117 12.87 7.57 29.00
C VAL B 117 12.30 7.09 27.67
N PRO B 118 12.51 7.84 26.60
CA PRO B 118 12.12 7.34 25.28
C PRO B 118 12.90 6.10 24.92
N LEU B 119 12.34 5.29 24.03
CA LEU B 119 13.03 4.07 23.65
C LEU B 119 14.13 4.34 22.64
N ASN B 120 13.95 5.32 21.77
CA ASN B 120 14.88 5.55 20.68
C ASN B 120 16.26 6.00 21.16
N ILE B 121 16.43 6.31 22.44
CA ILE B 121 17.73 6.69 22.97
C ILE B 121 18.35 5.60 23.81
N ILE B 122 17.70 4.44 23.94
CA ILE B 122 18.30 3.37 24.74
C ILE B 122 19.48 2.79 23.97
N PRO B 123 19.34 2.36 22.71
CA PRO B 123 20.53 1.93 21.97
C PRO B 123 21.45 3.06 21.59
N LEU B 124 20.93 4.28 21.50
CA LEU B 124 21.78 5.40 21.09
C LEU B 124 22.79 5.76 22.16
N THR B 125 22.46 5.52 23.42
CA THR B 125 23.33 5.89 24.53
C THR B 125 23.84 4.72 25.35
N THR B 126 23.33 3.50 25.15
CA THR B 126 23.79 2.36 25.91
C THR B 126 24.38 1.24 25.08
N ALA B 127 24.12 1.19 23.78
CA ALA B 127 24.61 0.09 22.96
C ALA B 127 26.13 0.16 22.86
N ALA B 128 26.77 -0.99 22.98
CA ALA B 128 28.22 -1.09 22.97
C ALA B 128 28.77 -1.51 21.63
N LYS B 129 27.95 -1.54 20.59
CA LYS B 129 28.41 -1.94 19.27
C LYS B 129 27.55 -1.27 18.21
N LEU B 130 28.18 -0.65 17.23
CA LEU B 130 27.51 0.04 16.15
C LEU B 130 27.59 -0.80 14.89
N MET B 131 26.65 -0.57 13.98
CA MET B 131 26.67 -1.19 12.66
C MET B 131 26.30 -0.14 11.64
N VAL B 132 27.23 0.18 10.74
CA VAL B 132 27.03 1.20 9.73
C VAL B 132 26.94 0.52 8.37
N VAL B 133 25.86 0.77 7.65
CA VAL B 133 25.66 0.24 6.30
C VAL B 133 25.87 1.38 5.32
N ILE B 134 26.79 1.20 4.38
CA ILE B 134 27.32 2.28 3.56
C ILE B 134 27.13 1.92 2.09
N PRO B 135 26.32 2.67 1.33
CA PRO B 135 26.01 2.25 -0.05
C PRO B 135 27.08 2.61 -1.08
N ASP B 136 27.71 3.77 -0.96
CA ASP B 136 28.69 4.27 -1.93
C ASP B 136 30.06 4.28 -1.30
N TYR B 137 31.03 4.81 -2.05
CA TYR B 137 32.34 5.09 -1.45
C TYR B 137 32.40 6.48 -0.86
N ASN B 138 31.73 7.46 -1.45
CA ASN B 138 31.74 8.80 -0.88
C ASN B 138 31.09 8.82 0.49
N THR B 139 30.05 8.02 0.69
CA THR B 139 29.44 7.89 2.01
C THR B 139 30.44 7.34 3.02
N TYR B 140 31.23 6.34 2.61
CA TYR B 140 32.25 5.81 3.50
C TYR B 140 33.29 6.87 3.82
N LYS B 141 33.76 7.59 2.80
CA LYS B 141 34.78 8.60 3.01
C LYS B 141 34.29 9.68 3.97
N ASN B 142 33.02 10.05 3.87
CA ASN B 142 32.47 11.10 4.72
C ASN B 142 31.96 10.60 6.07
N THR B 143 31.87 9.28 6.27
CA THR B 143 31.28 8.75 7.48
C THR B 143 32.28 8.01 8.36
N CYS B 144 32.96 6.99 7.83
CA CYS B 144 33.79 6.10 8.63
C CYS B 144 35.25 6.15 8.20
N ASP B 145 35.72 7.33 7.81
CA ASP B 145 37.11 7.46 7.39
C ASP B 145 38.04 7.21 8.57
N GLY B 146 39.02 6.35 8.37
CA GLY B 146 39.96 6.01 9.42
C GLY B 146 39.54 4.77 10.18
N THR B 147 40.25 4.52 11.28
CA THR B 147 39.93 3.40 12.15
C THR B 147 38.95 3.79 13.25
N THR B 148 38.97 5.03 13.69
CA THR B 148 38.03 5.55 14.67
C THR B 148 37.23 6.68 14.05
N PHE B 149 35.96 6.78 14.42
CA PHE B 149 35.12 7.86 13.93
C PHE B 149 34.14 8.24 15.03
N THR B 150 33.45 9.35 14.83
CA THR B 150 32.55 9.92 15.82
C THR B 150 31.11 9.87 15.33
N TYR B 151 30.24 9.28 16.12
CA TYR B 151 28.81 9.28 15.82
C TYR B 151 28.05 9.17 17.13
N ALA B 152 26.93 9.88 17.22
CA ALA B 152 26.07 9.88 18.41
C ALA B 152 26.81 10.36 19.64
N SER B 153 27.66 11.37 19.46
CA SER B 153 28.41 12.00 20.54
C SER B 153 29.29 11.00 21.27
N ALA B 154 29.82 10.02 20.56
CA ALA B 154 30.72 9.04 21.14
C ALA B 154 31.87 8.83 20.17
N LEU B 155 32.75 7.88 20.50
CA LEU B 155 33.93 7.57 19.71
C LEU B 155 33.98 6.07 19.50
N TRP B 156 33.83 5.65 18.25
CA TRP B 156 33.74 4.24 17.91
C TRP B 156 35.04 3.76 17.28
N GLU B 157 35.22 2.44 17.30
CA GLU B 157 36.49 1.81 16.93
C GLU B 157 36.21 0.71 15.91
N ILE B 158 36.50 0.99 14.63
CA ILE B 158 36.13 0.08 13.56
C ILE B 158 36.79 -1.27 13.76
N GLN B 159 36.03 -2.33 13.46
CA GLN B 159 36.55 -3.69 13.43
C GLN B 159 35.64 -4.52 12.55
N GLN B 160 36.22 -5.40 11.75
CA GLN B 160 35.46 -6.37 10.96
C GLN B 160 34.44 -5.65 10.07
N VAL B 161 34.96 -4.94 9.08
CA VAL B 161 34.12 -4.44 8.00
C VAL B 161 33.93 -5.54 6.97
N VAL B 162 32.68 -5.86 6.66
CA VAL B 162 32.35 -6.92 5.70
C VAL B 162 31.58 -6.31 4.55
N ASP B 163 31.27 -7.13 3.54
CA ASP B 163 30.57 -6.67 2.35
C ASP B 163 29.21 -7.35 2.26
N ALA B 164 28.51 -7.13 1.14
CA ALA B 164 27.16 -7.67 1.00
C ALA B 164 27.15 -9.19 0.98
N ASP B 165 28.27 -9.81 0.62
CA ASP B 165 28.38 -11.27 0.63
C ASP B 165 28.85 -11.81 1.97
N SER B 166 28.97 -10.94 2.98
CA SER B 166 29.47 -11.32 4.31
C SER B 166 30.88 -11.88 4.23
N LYS B 167 31.71 -11.26 3.40
CA LYS B 167 33.13 -11.58 3.32
C LYS B 167 33.92 -10.44 3.93
N ILE B 168 34.99 -10.77 4.66
CA ILE B 168 35.73 -9.75 5.38
C ILE B 168 36.51 -8.89 4.40
N VAL B 169 36.26 -7.60 4.43
CA VAL B 169 37.00 -6.62 3.64
C VAL B 169 38.06 -6.01 4.54
N GLN B 170 39.25 -5.79 4.00
CA GLN B 170 40.31 -5.14 4.75
C GLN B 170 40.22 -3.62 4.58
N LEU B 171 40.72 -2.90 5.59
CA LEU B 171 40.62 -1.44 5.57
C LEU B 171 41.38 -0.82 4.40
N SER B 172 42.37 -1.53 3.85
CA SER B 172 43.16 -1.00 2.75
C SER B 172 42.52 -1.23 1.39
N GLU B 173 41.50 -2.08 1.30
CA GLU B 173 40.84 -2.32 0.02
C GLU B 173 39.79 -1.28 -0.29
N ILE B 174 39.33 -0.51 0.70
CA ILE B 174 38.28 0.48 0.50
C ILE B 174 38.96 1.77 0.06
N SER B 175 39.23 1.87 -1.24
CA SER B 175 39.83 3.06 -1.83
C SER B 175 38.92 3.59 -2.93
N MET B 176 39.36 4.67 -3.57
CA MET B 176 38.57 5.25 -4.65
C MET B 176 38.66 4.43 -5.92
N ASP B 177 39.76 3.73 -6.14
CA ASP B 177 39.95 2.96 -7.36
C ASP B 177 39.53 1.50 -7.22
N ASN B 178 39.64 0.92 -6.02
CA ASN B 178 39.24 -0.45 -5.78
C ASN B 178 37.77 -0.59 -5.42
N SER B 179 37.06 0.51 -5.25
CA SER B 179 35.65 0.45 -4.88
C SER B 179 34.77 -0.21 -5.93
N PRO B 180 35.08 -0.15 -7.24
CA PRO B 180 34.27 -0.91 -8.19
C PRO B 180 34.58 -2.40 -8.22
N ASN B 181 35.39 -2.89 -7.30
CA ASN B 181 35.78 -4.28 -7.27
C ASN B 181 35.22 -5.05 -6.09
N LEU B 182 34.57 -4.38 -5.15
CA LEU B 182 34.01 -5.02 -3.98
C LEU B 182 32.51 -4.75 -3.89
N ALA B 183 31.79 -5.73 -3.36
CA ALA B 183 30.33 -5.71 -3.38
C ALA B 183 29.81 -4.77 -2.30
N TRP B 184 29.02 -3.82 -2.69
CA TRP B 184 28.40 -2.85 -1.81
C TRP B 184 26.98 -3.27 -1.46
N PRO B 185 26.45 -2.87 -0.30
CA PRO B 185 27.05 -2.01 0.72
C PRO B 185 28.04 -2.74 1.60
N LEU B 186 28.85 -1.99 2.34
CA LEU B 186 29.71 -2.55 3.35
C LEU B 186 29.10 -2.29 4.72
N ILE B 187 29.22 -3.26 5.62
CA ILE B 187 28.62 -3.19 6.94
C ILE B 187 29.75 -3.06 7.94
N VAL B 188 30.01 -1.84 8.39
CA VAL B 188 31.08 -1.58 9.35
C VAL B 188 30.59 -1.87 10.75
N THR B 189 31.40 -2.57 11.53
CA THR B 189 31.09 -2.89 12.92
C THR B 189 32.09 -2.15 13.80
N ALA B 190 31.59 -1.47 14.81
CA ALA B 190 32.44 -0.68 15.68
C ALA B 190 32.17 -1.04 17.13
N LEU B 191 33.03 -0.54 18.01
CA LEU B 191 32.91 -0.75 19.45
C LEU B 191 33.10 0.57 20.16
N ARG B 192 32.19 0.90 21.06
CA ARG B 192 32.23 2.16 21.77
C ARG B 192 33.50 2.27 22.59
N ALA B 193 34.40 3.17 22.20
CA ALA B 193 35.65 3.33 22.92
C ALA B 193 35.41 3.95 24.28
N ASN B 194 35.96 3.32 25.32
CA ASN B 194 35.72 3.74 26.70
C ASN B 194 36.36 5.09 27.00
N PRO C 2 5.89 -18.14 -33.89
CA PRO C 2 5.56 -16.89 -33.20
C PRO C 2 6.42 -15.73 -33.67
N SER C 3 6.73 -14.83 -32.75
CA SER C 3 7.62 -13.71 -33.01
C SER C 3 8.94 -13.93 -32.31
N LYS C 4 9.97 -13.22 -32.78
CA LYS C 4 11.29 -13.33 -32.18
C LYS C 4 11.41 -12.56 -30.87
N MET C 5 10.34 -11.92 -30.41
CA MET C 5 10.38 -11.18 -29.16
C MET C 5 9.87 -12.02 -28.00
N SER C 6 8.70 -12.65 -28.18
CA SER C 6 8.16 -13.51 -27.14
C SER C 6 9.11 -14.65 -26.82
N ASP C 7 9.74 -15.23 -27.84
CA ASP C 7 10.72 -16.28 -27.61
C ASP C 7 11.89 -15.78 -26.79
N VAL C 8 12.35 -14.56 -27.07
CA VAL C 8 13.48 -14.01 -26.34
C VAL C 8 13.11 -13.77 -24.88
N LYS C 9 11.92 -13.24 -24.62
CA LYS C 9 11.52 -12.99 -23.24
C LYS C 9 11.36 -14.29 -22.45
N CYS C 10 10.73 -15.29 -23.07
CA CYS C 10 10.59 -16.58 -22.39
C CYS C 10 11.93 -17.24 -22.14
N THR C 11 12.86 -17.13 -23.10
CA THR C 11 14.18 -17.69 -22.91
C THR C 11 14.96 -16.96 -21.83
N SER C 12 14.79 -15.65 -21.70
CA SER C 12 15.45 -14.94 -20.62
C SER C 12 14.90 -15.36 -19.27
N VAL C 13 13.60 -15.60 -19.19
CA VAL C 13 13.02 -16.14 -17.95
C VAL C 13 13.67 -17.48 -17.60
N VAL C 14 13.71 -18.39 -18.57
CA VAL C 14 14.28 -19.72 -18.31
C VAL C 14 15.76 -19.62 -17.96
N LEU C 15 16.47 -18.67 -18.59
CA LEU C 15 17.90 -18.54 -18.37
C LEU C 15 18.19 -18.02 -16.98
N LEU C 16 17.42 -17.02 -16.52
CA LEU C 16 17.63 -16.56 -15.16
C LEU C 16 17.25 -17.63 -14.15
N SER C 17 16.23 -18.45 -14.44
CA SER C 17 15.94 -19.58 -13.56
C SER C 17 17.14 -20.51 -13.45
N VAL C 18 17.72 -20.87 -14.60
CA VAL C 18 18.89 -21.75 -14.62
C VAL C 18 20.04 -21.13 -13.83
N LEU C 19 20.26 -19.84 -14.00
CA LEU C 19 21.33 -19.16 -13.27
C LEU C 19 21.07 -19.16 -11.77
N GLN C 20 19.82 -18.93 -11.37
CA GLN C 20 19.50 -18.92 -9.95
C GLN C 20 19.70 -20.29 -9.33
N GLN C 21 19.44 -21.37 -10.09
CA GLN C 21 19.66 -22.70 -9.55
C GLN C 21 21.15 -23.02 -9.37
N LEU C 22 22.03 -22.35 -10.10
CA LEU C 22 23.47 -22.55 -9.97
C LEU C 22 24.07 -21.69 -8.87
N ARG C 23 23.24 -21.17 -7.95
CA ARG C 23 23.69 -20.39 -6.81
C ARG C 23 24.50 -19.17 -7.24
N VAL C 24 23.91 -18.36 -8.11
CA VAL C 24 24.47 -17.05 -8.42
C VAL C 24 23.98 -16.00 -7.43
N GLU C 25 22.82 -16.24 -6.79
CA GLU C 25 22.34 -15.34 -5.75
C GLU C 25 23.36 -15.12 -4.64
N SER C 26 24.33 -16.01 -4.49
CA SER C 26 25.38 -15.89 -3.50
C SER C 26 26.52 -14.99 -3.97
N SER C 27 26.33 -14.25 -5.05
CA SER C 27 27.26 -13.22 -5.50
C SER C 27 26.46 -11.96 -5.73
N SER C 28 26.64 -10.96 -4.87
CA SER C 28 25.83 -9.75 -4.95
C SER C 28 25.94 -9.07 -6.30
N LYS C 29 27.17 -8.82 -6.75
CA LYS C 29 27.37 -8.07 -7.99
C LYS C 29 26.83 -8.83 -9.19
N LEU C 30 27.17 -10.11 -9.30
CA LEU C 30 26.73 -10.91 -10.44
C LEU C 30 25.21 -11.05 -10.46
N TRP C 31 24.60 -11.26 -9.30
CA TRP C 31 23.14 -11.40 -9.27
C TRP C 31 22.46 -10.08 -9.60
N ALA C 32 23.04 -8.96 -9.16
CA ALA C 32 22.46 -7.67 -9.51
C ALA C 32 22.52 -7.44 -11.02
N GLN C 33 23.65 -7.77 -11.65
CA GLN C 33 23.76 -7.60 -13.09
C GLN C 33 22.79 -8.51 -13.83
N CYS C 34 22.67 -9.76 -13.38
CA CYS C 34 21.75 -10.70 -14.04
C CYS C 34 20.30 -10.24 -13.90
N VAL C 35 19.92 -9.77 -12.72
CA VAL C 35 18.56 -9.27 -12.53
C VAL C 35 18.30 -8.06 -13.41
N GLN C 36 19.29 -7.17 -13.53
CA GLN C 36 19.12 -6.01 -14.40
C GLN C 36 18.90 -6.44 -15.84
N LEU C 37 19.74 -7.35 -16.34
CA LEU C 37 19.60 -7.78 -17.73
C LEU C 37 18.26 -8.48 -17.97
N HIS C 38 17.83 -9.31 -17.02
CA HIS C 38 16.56 -10.01 -17.16
C HIS C 38 15.40 -9.03 -17.20
N ASN C 39 15.31 -8.14 -16.20
CA ASN C 39 14.23 -7.16 -16.17
C ASN C 39 14.28 -6.21 -17.36
N ASP C 40 15.45 -6.02 -17.96
CA ASP C 40 15.53 -5.15 -19.13
C ASP C 40 15.12 -5.87 -20.41
N ILE C 41 15.36 -7.18 -20.48
CA ILE C 41 14.87 -7.96 -21.62
C ILE C 41 13.36 -8.06 -21.57
N LEU C 42 12.80 -8.21 -20.37
CA LEU C 42 11.35 -8.36 -20.26
C LEU C 42 10.60 -7.07 -20.59
N LEU C 43 11.24 -5.91 -20.46
CA LEU C 43 10.62 -4.63 -20.77
C LEU C 43 11.03 -4.09 -22.13
N ALA C 44 11.82 -4.83 -22.89
CA ALA C 44 12.35 -4.32 -24.14
C ALA C 44 11.27 -4.23 -25.21
N LYS C 45 11.49 -3.34 -26.16
CA LYS C 45 10.62 -3.18 -27.32
C LYS C 45 11.30 -3.53 -28.62
N ASP C 46 12.59 -3.24 -28.77
CA ASP C 46 13.34 -3.55 -29.97
C ASP C 46 13.95 -4.93 -29.85
N THR C 47 13.79 -5.74 -30.90
CA THR C 47 14.36 -7.09 -30.87
C THR C 47 15.87 -7.08 -30.98
N THR C 48 16.46 -6.00 -31.49
CA THR C 48 17.90 -5.96 -31.70
C THR C 48 18.68 -5.61 -30.44
N GLU C 49 18.02 -5.14 -29.37
CA GLU C 49 18.70 -4.93 -28.11
C GLU C 49 18.44 -6.03 -27.10
N ALA C 50 17.23 -6.60 -27.10
CA ALA C 50 16.97 -7.77 -26.28
C ALA C 50 17.93 -8.91 -26.60
N PHE C 51 18.35 -9.01 -27.86
CA PHE C 51 19.31 -10.05 -28.21
C PHE C 51 20.70 -9.73 -27.67
N GLU C 52 21.08 -8.46 -27.60
CA GLU C 52 22.35 -8.11 -26.99
C GLU C 52 22.35 -8.41 -25.50
N LYS C 53 21.26 -8.08 -24.81
CA LYS C 53 21.20 -8.42 -23.39
C LYS C 53 21.11 -9.92 -23.17
N MET C 54 20.48 -10.66 -24.09
CA MET C 54 20.52 -12.12 -24.01
C MET C 54 21.94 -12.64 -24.19
N VAL C 55 22.71 -12.03 -25.08
CA VAL C 55 24.12 -12.38 -25.24
C VAL C 55 24.85 -12.18 -23.92
N SER C 56 24.63 -11.04 -23.26
CA SER C 56 25.30 -10.78 -22.00
C SER C 56 24.92 -11.79 -20.92
N LEU C 57 23.63 -12.09 -20.80
CA LEU C 57 23.17 -13.03 -19.77
C LEU C 57 23.70 -14.44 -20.04
N LEU C 58 23.62 -14.89 -21.28
CA LEU C 58 24.18 -16.20 -21.62
C LEU C 58 25.68 -16.24 -21.36
N SER C 59 26.37 -15.12 -21.56
CA SER C 59 27.79 -15.08 -21.25
C SER C 59 28.04 -15.17 -19.76
N VAL C 60 27.13 -14.64 -18.95
CA VAL C 60 27.21 -14.89 -17.51
C VAL C 60 27.11 -16.37 -17.22
N LEU C 61 26.20 -17.06 -17.91
CA LEU C 61 26.03 -18.49 -17.65
C LEU C 61 27.24 -19.30 -18.10
N LEU C 62 27.81 -18.97 -19.26
CA LEU C 62 28.86 -19.79 -19.84
C LEU C 62 30.23 -19.55 -19.22
N SER C 63 30.39 -18.49 -18.42
CA SER C 63 31.68 -18.23 -17.80
C SER C 63 31.92 -19.09 -16.57
N MET C 64 30.90 -19.76 -16.06
CA MET C 64 31.05 -20.68 -14.94
C MET C 64 31.56 -22.02 -15.45
N GLN C 65 31.52 -23.05 -14.60
CA GLN C 65 31.90 -24.39 -15.00
C GLN C 65 30.88 -25.44 -14.52
N GLY C 66 29.69 -25.00 -14.14
CA GLY C 66 28.67 -25.91 -13.66
C GLY C 66 28.00 -26.72 -14.76
N ALA C 67 27.31 -26.05 -15.67
CA ALA C 67 26.57 -26.74 -16.73
C ALA C 67 27.53 -27.37 -17.72
N VAL C 68 27.56 -28.70 -17.78
CA VAL C 68 28.36 -29.37 -18.80
C VAL C 68 27.78 -29.05 -20.16
N ASP C 69 28.56 -28.35 -20.98
CA ASP C 69 27.99 -27.72 -22.17
C ASP C 69 27.98 -28.64 -23.39
N ILE C 70 28.89 -29.61 -23.45
CA ILE C 70 28.92 -30.48 -24.62
C ILE C 70 27.82 -31.52 -24.54
N ASN C 71 27.36 -31.85 -23.33
CA ASN C 71 26.27 -32.80 -23.18
C ASN C 71 24.92 -32.15 -23.43
N LYS C 72 24.74 -30.90 -22.97
CA LYS C 72 23.50 -30.19 -23.21
C LYS C 72 23.31 -29.89 -24.69
N LEU C 73 24.34 -29.37 -25.34
CA LEU C 73 24.26 -28.96 -26.73
C LEU C 73 24.55 -30.09 -27.70
N CYS C 74 24.41 -31.34 -27.28
CA CYS C 74 24.69 -32.48 -28.15
C CYS C 74 23.74 -32.53 -29.34
N PHE D 8 -22.70 -53.05 -12.44
CA PHE D 8 -24.01 -53.08 -11.81
C PHE D 8 -24.73 -54.41 -12.09
N SER D 9 -24.21 -55.16 -13.07
CA SER D 9 -24.82 -56.42 -13.46
C SER D 9 -24.16 -57.62 -12.80
N SER D 10 -23.01 -57.45 -12.17
CA SER D 10 -22.27 -58.58 -11.60
C SER D 10 -22.65 -58.90 -10.16
N LEU D 11 -23.41 -58.03 -9.49
CA LEU D 11 -23.76 -58.28 -8.11
C LEU D 11 -24.81 -59.38 -8.00
N PRO D 12 -24.88 -60.06 -6.85
CA PRO D 12 -25.92 -61.09 -6.67
C PRO D 12 -27.33 -60.56 -6.83
N SER D 13 -27.59 -59.31 -6.44
CA SER D 13 -28.91 -58.73 -6.57
C SER D 13 -29.34 -58.54 -8.02
N TYR D 14 -28.43 -58.71 -8.98
CA TYR D 14 -28.78 -58.54 -10.38
C TYR D 14 -29.86 -59.53 -10.80
N ALA D 15 -29.65 -60.81 -10.50
CA ALA D 15 -30.62 -61.84 -10.90
C ALA D 15 -31.96 -61.62 -10.21
N ALA D 16 -31.94 -61.28 -8.92
CA ALA D 16 -33.19 -61.04 -8.20
C ALA D 16 -33.96 -59.88 -8.80
N PHE D 17 -33.30 -58.75 -9.00
CA PHE D 17 -33.97 -57.57 -9.54
C PHE D 17 -34.47 -57.84 -10.96
N ALA D 18 -33.69 -58.55 -11.76
CA ALA D 18 -34.10 -58.84 -13.13
C ALA D 18 -35.32 -59.73 -13.17
N THR D 19 -35.31 -60.82 -12.40
CA THR D 19 -36.46 -61.72 -12.35
C THR D 19 -37.69 -61.00 -11.81
N ALA D 20 -37.51 -60.15 -10.80
CA ALA D 20 -38.65 -59.41 -10.25
C ALA D 20 -39.25 -58.48 -11.30
N GLN D 21 -38.41 -57.72 -12.00
CA GLN D 21 -38.92 -56.80 -13.01
C GLN D 21 -39.60 -57.54 -14.15
N GLU D 22 -39.01 -58.66 -14.59
CA GLU D 22 -39.62 -59.42 -15.67
C GLU D 22 -40.97 -60.00 -15.26
N ALA D 23 -41.05 -60.56 -14.04
CA ALA D 23 -42.33 -61.11 -13.58
C ALA D 23 -43.36 -60.00 -13.40
N TYR D 24 -42.93 -58.82 -12.94
CA TYR D 24 -43.87 -57.72 -12.77
C TYR D 24 -44.42 -57.25 -14.11
N GLU D 25 -43.56 -57.15 -15.13
CA GLU D 25 -44.04 -56.77 -16.46
C GLU D 25 -44.96 -57.83 -17.03
N GLN D 26 -44.60 -59.11 -16.87
CA GLN D 26 -45.44 -60.19 -17.38
C GLN D 26 -46.80 -60.25 -16.67
N ALA D 27 -46.84 -59.85 -15.39
CA ALA D 27 -48.09 -59.88 -14.66
C ALA D 27 -48.96 -58.66 -14.99
N VAL D 28 -48.35 -57.48 -15.13
CA VAL D 28 -49.15 -56.31 -15.49
C VAL D 28 -49.63 -56.43 -16.93
N ALA D 29 -48.91 -57.17 -17.77
CA ALA D 29 -49.38 -57.45 -19.12
C ALA D 29 -50.51 -58.46 -19.16
N ASN D 30 -50.83 -59.10 -18.03
CA ASN D 30 -51.87 -60.12 -17.98
C ASN D 30 -53.24 -59.58 -17.56
N GLY D 31 -53.28 -58.51 -16.77
CA GLY D 31 -54.53 -57.97 -16.31
C GLY D 31 -55.20 -58.81 -15.25
N ASP D 32 -54.48 -59.06 -14.15
CA ASP D 32 -54.99 -59.88 -13.07
C ASP D 32 -55.75 -59.01 -12.06
N SER D 33 -56.05 -59.57 -10.89
CA SER D 33 -56.79 -58.86 -9.86
C SER D 33 -55.88 -57.84 -9.19
N GLU D 34 -56.40 -57.16 -8.16
CA GLU D 34 -55.64 -56.13 -7.47
C GLU D 34 -54.59 -56.70 -6.52
N VAL D 35 -54.84 -57.87 -5.94
CA VAL D 35 -53.88 -58.47 -5.02
C VAL D 35 -52.63 -58.91 -5.79
N VAL D 36 -52.80 -59.34 -7.04
CA VAL D 36 -51.64 -59.80 -7.82
C VAL D 36 -50.74 -58.62 -8.16
N LEU D 37 -51.33 -57.48 -8.52
CA LEU D 37 -50.54 -56.28 -8.77
C LEU D 37 -49.71 -55.92 -7.56
N LYS D 38 -50.34 -55.87 -6.38
CA LYS D 38 -49.63 -55.44 -5.18
C LYS D 38 -48.57 -56.45 -4.77
N LYS D 39 -48.80 -57.75 -5.03
CA LYS D 39 -47.81 -58.74 -4.62
C LYS D 39 -46.61 -58.76 -5.56
N LEU D 40 -46.83 -58.61 -6.87
CA LEU D 40 -45.70 -58.47 -7.77
C LEU D 40 -44.96 -57.17 -7.52
N LYS D 41 -45.70 -56.10 -7.19
CA LYS D 41 -45.06 -54.86 -6.80
C LYS D 41 -44.22 -55.06 -5.54
N LYS D 42 -44.70 -55.88 -4.60
CA LYS D 42 -43.95 -56.18 -3.39
C LYS D 42 -42.64 -56.91 -3.70
N SER D 43 -42.71 -57.91 -4.57
CA SER D 43 -41.49 -58.61 -5.00
C SER D 43 -40.50 -57.63 -5.61
N LEU D 44 -40.94 -56.87 -6.62
CA LEU D 44 -40.08 -55.85 -7.22
C LEU D 44 -39.57 -54.87 -6.18
N ASN D 45 -40.42 -54.53 -5.20
CA ASN D 45 -40.05 -53.61 -4.14
C ASN D 45 -38.82 -54.11 -3.40
N VAL D 46 -38.91 -55.30 -2.82
CA VAL D 46 -37.82 -55.80 -1.99
C VAL D 46 -36.57 -56.04 -2.84
N ALA D 47 -36.75 -56.57 -4.06
CA ALA D 47 -35.60 -56.85 -4.91
C ALA D 47 -34.87 -55.56 -5.28
N LYS D 48 -35.61 -54.59 -5.79
CA LYS D 48 -35.06 -53.32 -6.20
C LYS D 48 -34.42 -52.57 -5.03
N SER D 49 -34.99 -52.73 -3.84
CA SER D 49 -34.45 -52.04 -2.66
C SER D 49 -33.10 -52.63 -2.27
N GLU D 50 -33.00 -53.96 -2.20
CA GLU D 50 -31.73 -54.57 -1.86
C GLU D 50 -30.70 -54.33 -2.95
N PHE D 51 -31.15 -54.26 -4.21
CA PHE D 51 -30.23 -53.96 -5.31
C PHE D 51 -29.70 -52.53 -5.21
N ASP D 52 -30.58 -51.57 -4.93
CA ASP D 52 -30.12 -50.21 -4.70
C ASP D 52 -29.12 -50.16 -3.54
N ARG D 53 -29.37 -50.95 -2.50
CA ARG D 53 -28.46 -50.98 -1.36
C ARG D 53 -27.05 -51.39 -1.78
N ASP D 54 -26.91 -52.60 -2.34
CA ASP D 54 -25.54 -53.05 -2.63
C ASP D 54 -24.93 -52.29 -3.80
N ALA D 55 -25.76 -51.73 -4.69
CA ALA D 55 -25.21 -50.91 -5.76
C ALA D 55 -24.65 -49.60 -5.22
N ALA D 56 -25.33 -49.00 -4.23
CA ALA D 56 -24.78 -47.81 -3.58
C ALA D 56 -23.50 -48.14 -2.84
N MET D 57 -23.46 -49.31 -2.18
CA MET D 57 -22.22 -49.75 -1.55
C MET D 57 -21.07 -49.81 -2.56
N GLN D 58 -21.33 -50.42 -3.72
CA GLN D 58 -20.30 -50.54 -4.75
C GLN D 58 -19.89 -49.18 -5.29
N ARG D 59 -20.85 -48.28 -5.48
CA ARG D 59 -20.52 -46.94 -5.97
C ARG D 59 -19.61 -46.21 -4.99
N LYS D 60 -19.94 -46.27 -3.69
CA LYS D 60 -19.08 -45.63 -2.69
C LYS D 60 -17.68 -46.23 -2.71
N LEU D 61 -17.60 -47.56 -2.78
CA LEU D 61 -16.29 -48.21 -2.77
C LEU D 61 -15.45 -47.79 -3.97
N GLU D 62 -16.06 -47.76 -5.16
CA GLU D 62 -15.33 -47.41 -6.36
C GLU D 62 -14.92 -45.94 -6.36
N LYS D 63 -15.77 -45.06 -5.82
CA LYS D 63 -15.39 -43.66 -5.74
C LYS D 63 -14.23 -43.45 -4.78
N MET D 64 -14.23 -44.14 -3.65
CA MET D 64 -13.09 -44.06 -2.74
C MET D 64 -11.82 -44.60 -3.39
N ALA D 65 -11.95 -45.68 -4.16
CA ALA D 65 -10.79 -46.24 -4.85
C ALA D 65 -10.21 -45.24 -5.85
N ASP D 66 -11.07 -44.61 -6.66
CA ASP D 66 -10.59 -43.65 -7.64
C ASP D 66 -9.95 -42.45 -6.97
N GLN D 67 -10.53 -41.99 -5.85
CA GLN D 67 -9.93 -40.87 -5.13
C GLN D 67 -8.53 -41.22 -4.63
N ALA D 68 -8.39 -42.39 -3.98
CA ALA D 68 -7.09 -42.79 -3.47
C ALA D 68 -6.09 -43.08 -4.57
N MET D 69 -6.55 -43.41 -5.77
CA MET D 69 -5.63 -43.60 -6.89
C MET D 69 -5.15 -42.27 -7.46
N THR D 70 -6.06 -41.31 -7.62
CA THR D 70 -5.65 -40.02 -8.18
C THR D 70 -4.78 -39.24 -7.20
N GLN D 71 -4.99 -39.39 -5.89
CA GLN D 71 -4.11 -38.73 -4.94
C GLN D 71 -2.68 -39.26 -5.04
N MET D 72 -2.54 -40.58 -5.18
CA MET D 72 -1.20 -41.17 -5.31
C MET D 72 -0.56 -40.76 -6.62
N TYR D 73 -1.34 -40.68 -7.70
CA TYR D 73 -0.80 -40.20 -8.97
C TYR D 73 -0.27 -38.78 -8.82
N LYS D 74 -1.04 -37.90 -8.19
CA LYS D 74 -0.59 -36.52 -8.03
C LYS D 74 0.66 -36.44 -7.16
N GLN D 75 0.74 -37.26 -6.12
CA GLN D 75 1.94 -37.28 -5.28
C GLN D 75 3.16 -37.70 -6.09
N ALA D 76 3.03 -38.77 -6.88
CA ALA D 76 4.16 -39.24 -7.69
C ALA D 76 4.61 -38.19 -8.68
N ARG D 77 3.66 -37.54 -9.37
CA ARG D 77 4.04 -36.55 -10.37
C ARG D 77 4.66 -35.31 -9.73
N SER D 78 4.14 -34.89 -8.58
CA SER D 78 4.75 -33.76 -7.89
C SER D 78 6.18 -34.06 -7.46
N GLU D 79 6.41 -35.26 -6.93
CA GLU D 79 7.77 -35.64 -6.54
C GLU D 79 8.68 -35.70 -7.76
N ASP D 80 8.19 -36.21 -8.88
CA ASP D 80 9.01 -36.25 -10.09
C ASP D 80 9.36 -34.84 -10.57
N LYS D 81 8.39 -33.92 -10.55
CA LYS D 81 8.66 -32.55 -10.96
C LYS D 81 9.71 -31.91 -10.06
N ARG D 82 9.54 -32.04 -8.74
CA ARG D 82 10.49 -31.41 -7.83
C ARG D 82 11.86 -32.07 -7.86
N ALA D 83 11.94 -33.34 -8.25
CA ALA D 83 13.24 -34.02 -8.29
C ALA D 83 14.00 -33.71 -9.56
N LYS D 84 13.32 -33.78 -10.71
CA LYS D 84 14.01 -33.63 -11.99
C LYS D 84 14.28 -32.17 -12.36
N VAL D 85 14.00 -31.21 -11.47
CA VAL D 85 14.35 -29.82 -11.73
C VAL D 85 15.87 -29.70 -11.65
N THR D 86 16.41 -28.58 -12.13
CA THR D 86 17.84 -28.31 -12.26
C THR D 86 18.51 -29.21 -13.29
N SER D 87 17.77 -30.09 -13.94
CA SER D 87 18.32 -30.92 -15.00
C SER D 87 17.38 -30.89 -16.19
N ALA D 88 16.12 -30.56 -15.94
CA ALA D 88 15.15 -30.33 -16.99
C ALA D 88 15.09 -28.87 -17.41
N MET D 89 15.36 -27.96 -16.47
CA MET D 89 15.41 -26.55 -16.82
C MET D 89 16.56 -26.25 -17.75
N GLN D 90 17.70 -26.91 -17.57
CA GLN D 90 18.85 -26.65 -18.43
C GLN D 90 18.62 -27.18 -19.83
N THR D 91 18.07 -28.39 -19.95
CA THR D 91 17.78 -28.91 -21.28
C THR D 91 16.68 -28.13 -21.96
N MET D 92 15.69 -27.63 -21.20
CA MET D 92 14.68 -26.75 -21.79
C MET D 92 15.32 -25.46 -22.30
N LEU D 93 16.22 -24.88 -21.50
CA LEU D 93 16.89 -23.65 -21.89
C LEU D 93 17.65 -23.83 -23.20
N PHE D 94 18.41 -24.92 -23.30
CA PHE D 94 19.20 -25.09 -24.53
C PHE D 94 18.32 -25.49 -25.71
N THR D 95 17.25 -26.23 -25.46
CA THR D 95 16.29 -26.54 -26.52
C THR D 95 15.69 -25.27 -27.12
N MET D 96 15.32 -24.32 -26.27
CA MET D 96 14.74 -23.09 -26.79
C MET D 96 15.76 -22.03 -27.15
N LEU D 97 17.04 -22.24 -26.81
CA LEU D 97 18.09 -21.39 -27.33
C LEU D 97 18.52 -21.80 -28.73
N ARG D 98 18.47 -23.11 -29.03
CA ARG D 98 18.73 -23.54 -30.39
C ARG D 98 17.63 -23.08 -31.34
N LYS D 99 16.41 -22.93 -30.85
CA LYS D 99 15.28 -22.55 -31.69
C LYS D 99 15.30 -21.08 -32.07
N LEU D 100 15.95 -20.23 -31.27
CA LEU D 100 16.03 -18.82 -31.63
C LEU D 100 16.82 -18.62 -32.92
N ASP D 101 17.86 -19.43 -33.13
CA ASP D 101 18.73 -19.34 -34.29
C ASP D 101 19.17 -17.90 -34.51
N ASN D 102 19.90 -17.39 -33.52
CA ASN D 102 20.56 -16.09 -33.64
C ASN D 102 22.01 -16.30 -34.05
N ASP D 103 22.60 -15.27 -34.64
CA ASP D 103 23.96 -15.39 -35.11
C ASP D 103 24.99 -15.08 -34.03
N ALA D 104 24.59 -14.42 -32.95
CA ALA D 104 25.48 -14.15 -31.84
C ALA D 104 25.41 -15.25 -30.79
N LEU D 105 24.19 -15.66 -30.42
CA LEU D 105 24.04 -16.70 -29.40
C LEU D 105 24.62 -18.02 -29.88
N ASN D 106 24.41 -18.37 -31.16
CA ASN D 106 24.96 -19.61 -31.67
C ASN D 106 26.48 -19.56 -31.71
N ASN D 107 27.05 -18.42 -32.09
CA ASN D 107 28.49 -18.26 -32.08
C ASN D 107 29.05 -18.46 -30.67
N ILE D 108 28.42 -17.83 -29.69
CA ILE D 108 28.88 -17.94 -28.30
C ILE D 108 28.77 -19.38 -27.82
N ILE D 109 27.65 -20.03 -28.13
CA ILE D 109 27.45 -21.41 -27.69
C ILE D 109 28.51 -22.33 -28.29
N ASN D 110 28.78 -22.15 -29.59
CA ASN D 110 29.76 -23.00 -30.26
C ASN D 110 31.15 -22.79 -29.67
N ASN D 111 31.55 -21.53 -29.46
CA ASN D 111 32.86 -21.29 -28.85
C ASN D 111 32.92 -21.90 -27.46
N ALA D 112 31.89 -21.69 -26.64
CA ALA D 112 31.94 -22.21 -25.28
C ALA D 112 31.93 -23.73 -25.24
N ARG D 113 31.36 -24.37 -26.26
CA ARG D 113 31.43 -25.82 -26.32
C ARG D 113 32.76 -26.31 -26.88
N ASP D 114 33.49 -25.45 -27.60
CA ASP D 114 34.83 -25.79 -28.05
C ASP D 114 35.89 -25.48 -27.00
N GLY D 115 35.61 -24.57 -26.08
CA GLY D 115 36.56 -24.25 -25.02
C GLY D 115 36.80 -22.76 -24.82
N CYS D 116 36.37 -21.95 -25.78
CA CYS D 116 36.65 -20.52 -25.77
C CYS D 116 35.58 -19.79 -24.97
N VAL D 117 35.58 -20.04 -23.66
CA VAL D 117 34.59 -19.43 -22.77
C VAL D 117 35.07 -18.03 -22.37
N PRO D 118 34.17 -17.10 -22.09
CA PRO D 118 34.60 -15.80 -21.57
C PRO D 118 34.99 -15.91 -20.10
N LEU D 119 35.55 -14.82 -19.58
CA LEU D 119 35.89 -14.73 -18.17
C LEU D 119 35.06 -13.70 -17.42
N ASN D 120 34.33 -12.84 -18.13
CA ASN D 120 33.44 -11.88 -17.50
C ASN D 120 32.24 -11.66 -18.41
N ILE D 121 31.30 -10.85 -17.92
CA ILE D 121 30.13 -10.52 -18.71
C ILE D 121 30.55 -9.83 -19.99
N ILE D 122 30.01 -10.31 -21.11
CA ILE D 122 30.31 -9.71 -22.41
C ILE D 122 29.74 -8.29 -22.43
N PRO D 123 30.58 -7.27 -22.59
CA PRO D 123 30.09 -5.89 -22.49
C PRO D 123 29.41 -5.43 -23.77
N LEU D 124 28.64 -4.36 -23.64
CA LEU D 124 27.91 -3.77 -24.74
C LEU D 124 28.39 -2.37 -25.13
N THR D 125 29.28 -1.77 -24.34
CA THR D 125 29.71 -0.41 -24.63
C THR D 125 30.88 -0.41 -25.61
N THR D 126 31.26 0.78 -26.06
CA THR D 126 32.22 0.93 -27.14
C THR D 126 33.67 0.82 -26.68
N ALA D 127 33.94 0.98 -25.39
CA ALA D 127 35.31 0.93 -24.89
C ALA D 127 35.38 0.16 -23.57
N ALA D 128 34.69 -0.98 -23.50
CA ALA D 128 34.74 -1.84 -22.33
C ALA D 128 35.57 -3.08 -22.61
N LYS D 129 36.10 -3.65 -21.55
CA LYS D 129 37.10 -4.70 -21.63
C LYS D 129 36.44 -6.08 -21.62
N LEU D 130 36.97 -6.98 -22.44
CA LEU D 130 36.51 -8.36 -22.51
C LEU D 130 37.71 -9.29 -22.46
N MET D 131 37.60 -10.35 -21.65
CA MET D 131 38.66 -11.33 -21.51
C MET D 131 38.08 -12.72 -21.75
N VAL D 132 38.55 -13.40 -22.79
CA VAL D 132 38.08 -14.74 -23.10
C VAL D 132 39.27 -15.69 -23.09
N VAL D 133 39.01 -16.93 -22.72
CA VAL D 133 40.03 -17.97 -22.70
C VAL D 133 40.13 -18.57 -24.09
N ILE D 134 41.33 -19.00 -24.46
CA ILE D 134 41.55 -19.66 -25.74
C ILE D 134 42.38 -20.92 -25.49
N PRO D 135 41.83 -22.11 -25.73
CA PRO D 135 42.51 -23.34 -25.29
C PRO D 135 43.46 -23.96 -26.30
N ASP D 136 43.44 -23.56 -27.56
CA ASP D 136 44.33 -24.17 -28.55
C ASP D 136 44.60 -23.17 -29.66
N TYR D 137 45.47 -23.56 -30.59
CA TYR D 137 45.83 -22.69 -31.69
C TYR D 137 44.78 -22.69 -32.79
N ASN D 138 44.24 -23.87 -33.14
CA ASN D 138 43.22 -23.92 -34.18
C ASN D 138 41.96 -23.19 -33.75
N THR D 139 41.62 -23.25 -32.46
CA THR D 139 40.54 -22.41 -31.94
C THR D 139 40.91 -20.94 -32.08
N TYR D 140 42.17 -20.61 -31.82
CA TYR D 140 42.65 -19.24 -32.05
C TYR D 140 42.77 -18.92 -33.52
N LYS D 141 42.99 -19.94 -34.36
CA LYS D 141 43.30 -19.70 -35.77
C LYS D 141 42.10 -19.12 -36.52
N ASN D 142 40.90 -19.63 -36.23
CA ASN D 142 39.72 -19.24 -36.99
C ASN D 142 38.97 -18.07 -36.37
N THR D 143 39.13 -17.85 -35.06
CA THR D 143 38.42 -16.74 -34.43
C THR D 143 39.15 -15.42 -34.57
N CYS D 144 40.45 -15.45 -34.85
CA CYS D 144 41.27 -14.24 -34.80
C CYS D 144 42.26 -14.23 -35.96
N ASP D 145 42.33 -13.09 -36.64
CA ASP D 145 43.37 -12.84 -37.63
C ASP D 145 43.98 -11.46 -37.37
N GLY D 146 45.30 -11.40 -37.43
CA GLY D 146 46.00 -10.16 -37.13
C GLY D 146 45.69 -9.62 -35.75
N THR D 147 44.96 -8.52 -35.70
CA THR D 147 44.59 -7.88 -34.44
C THR D 147 43.12 -8.01 -34.10
N THR D 148 42.24 -8.03 -35.10
CA THR D 148 40.81 -8.09 -34.86
C THR D 148 40.40 -9.46 -34.35
N PHE D 149 39.55 -9.47 -33.34
CA PHE D 149 39.10 -10.70 -32.68
C PHE D 149 37.58 -10.77 -32.80
N THR D 150 37.08 -11.77 -33.53
CA THR D 150 35.66 -11.89 -33.82
C THR D 150 35.01 -12.80 -32.80
N TYR D 151 34.10 -12.25 -31.99
CA TYR D 151 33.42 -13.00 -30.95
C TYR D 151 32.05 -12.38 -30.73
N ALA D 152 31.04 -13.24 -30.55
CA ALA D 152 29.66 -12.80 -30.37
C ALA D 152 29.18 -11.97 -31.56
N SER D 153 29.66 -12.32 -32.75
CA SER D 153 29.31 -11.64 -33.99
C SER D 153 29.55 -10.13 -33.87
N ALA D 154 30.81 -9.79 -33.62
CA ALA D 154 31.25 -8.41 -33.46
C ALA D 154 32.77 -8.41 -33.44
N LEU D 155 33.36 -7.30 -33.88
CA LEU D 155 34.80 -7.19 -33.96
C LEU D 155 35.36 -6.63 -32.67
N TRP D 156 36.43 -7.26 -32.17
CA TRP D 156 37.13 -6.80 -30.98
C TRP D 156 38.61 -6.66 -31.33
N GLU D 157 39.26 -5.68 -30.70
CA GLU D 157 40.66 -5.37 -30.98
C GLU D 157 41.52 -5.81 -29.80
N ILE D 158 42.45 -6.74 -30.06
CA ILE D 158 43.26 -7.31 -29.00
C ILE D 158 44.15 -6.25 -28.38
N GLN D 159 44.23 -6.26 -27.04
CA GLN D 159 45.18 -5.45 -26.31
C GLN D 159 46.42 -6.24 -25.92
N GLN D 160 46.25 -7.34 -25.19
CA GLN D 160 47.37 -8.15 -24.78
C GLN D 160 46.91 -9.60 -24.63
N VAL D 161 47.86 -10.51 -24.81
CA VAL D 161 47.62 -11.94 -24.64
C VAL D 161 48.63 -12.47 -23.64
N VAL D 162 48.15 -13.25 -22.67
CA VAL D 162 49.00 -13.84 -21.64
C VAL D 162 48.98 -15.35 -21.79
N ASP D 163 49.94 -16.00 -21.15
CA ASP D 163 50.03 -17.45 -21.12
C ASP D 163 49.32 -17.96 -19.87
N ALA D 164 49.52 -19.25 -19.55
CA ALA D 164 48.97 -19.79 -18.31
C ALA D 164 49.60 -19.16 -17.09
N ASP D 165 50.88 -18.83 -17.14
CA ASP D 165 51.59 -18.22 -16.03
C ASP D 165 51.67 -16.70 -16.14
N SER D 166 50.69 -16.09 -16.78
CA SER D 166 50.56 -14.63 -16.88
C SER D 166 51.80 -13.99 -17.50
N LYS D 167 52.52 -14.73 -18.34
CA LYS D 167 53.68 -14.21 -19.05
C LYS D 167 53.17 -13.60 -20.35
N ILE D 168 53.11 -12.26 -20.38
CA ILE D 168 52.54 -11.57 -21.53
C ILE D 168 53.29 -11.93 -22.80
N VAL D 169 52.54 -12.27 -23.85
CA VAL D 169 53.09 -12.63 -25.14
C VAL D 169 52.57 -11.66 -26.17
N GLN D 170 53.31 -11.53 -27.27
CA GLN D 170 52.94 -10.61 -28.34
C GLN D 170 52.03 -11.32 -29.33
N LEU D 171 51.76 -10.69 -30.48
CA LEU D 171 50.88 -11.26 -31.48
C LEU D 171 51.65 -11.99 -32.58
N SER D 172 52.81 -11.46 -32.98
CA SER D 172 53.61 -12.09 -34.01
C SER D 172 54.24 -13.40 -33.55
N GLU D 173 54.07 -13.79 -32.29
CA GLU D 173 54.66 -15.01 -31.77
C GLU D 173 53.72 -16.20 -31.82
N ILE D 174 52.42 -15.96 -31.96
CA ILE D 174 51.43 -17.05 -32.04
C ILE D 174 51.41 -17.56 -33.46
N SER D 175 51.87 -18.80 -33.67
CA SER D 175 51.93 -19.38 -35.00
C SER D 175 51.83 -20.90 -34.89
N MET D 176 51.83 -21.56 -36.04
CA MET D 176 51.70 -23.01 -36.06
C MET D 176 52.94 -23.68 -35.46
N ASP D 177 54.12 -23.21 -35.84
CA ASP D 177 55.35 -23.79 -35.31
C ASP D 177 55.61 -23.38 -33.87
N ASN D 178 55.24 -22.15 -33.51
CA ASN D 178 55.49 -21.64 -32.18
C ASN D 178 54.43 -22.03 -31.16
N SER D 179 53.43 -22.83 -31.56
CA SER D 179 52.36 -23.19 -30.64
C SER D 179 52.82 -24.09 -29.49
N PRO D 180 53.59 -25.17 -29.72
CA PRO D 180 53.87 -26.10 -28.61
C PRO D 180 54.84 -25.57 -27.57
N ASN D 181 55.24 -24.30 -27.64
CA ASN D 181 56.12 -23.71 -26.64
C ASN D 181 55.37 -23.00 -25.53
N LEU D 182 54.06 -23.22 -25.42
CA LEU D 182 53.24 -22.56 -24.42
C LEU D 182 52.33 -23.59 -23.76
N ALA D 183 51.62 -23.16 -22.72
CA ALA D 183 50.63 -24.01 -22.09
C ALA D 183 49.25 -23.86 -22.72
N TRP D 184 49.02 -22.76 -23.41
CA TRP D 184 47.85 -22.46 -24.23
C TRP D 184 46.48 -22.45 -23.56
N PRO D 185 46.30 -21.95 -22.34
CA PRO D 185 45.02 -21.32 -22.02
C PRO D 185 45.10 -19.81 -22.15
N LEU D 186 45.53 -19.30 -23.31
CA LEU D 186 45.84 -17.88 -23.45
C LEU D 186 44.59 -17.03 -23.21
N ILE D 187 44.63 -16.21 -22.17
CA ILE D 187 43.56 -15.27 -21.88
C ILE D 187 43.82 -14.00 -22.69
N VAL D 188 43.08 -13.83 -23.78
CA VAL D 188 43.21 -12.63 -24.59
C VAL D 188 42.31 -11.54 -24.00
N THR D 189 42.64 -10.30 -24.32
CA THR D 189 41.89 -9.14 -23.87
C THR D 189 41.60 -8.25 -25.07
N ALA D 190 40.41 -7.65 -25.09
CA ALA D 190 40.02 -6.82 -26.22
C ALA D 190 38.90 -5.89 -25.81
N LEU D 191 38.69 -4.85 -26.62
CA LEU D 191 37.57 -3.94 -26.46
C LEU D 191 36.69 -3.98 -27.70
N ARG D 192 35.40 -3.74 -27.50
CA ARG D 192 34.45 -3.79 -28.59
C ARG D 192 34.72 -2.68 -29.59
N ALA D 193 34.94 -3.05 -30.85
CA ALA D 193 35.20 -2.07 -31.89
C ALA D 193 33.94 -1.28 -32.23
ZN ZN G . -8.98 18.40 22.29
ZN ZN H . -16.76 -0.58 21.36
#